data_6WGE
#
_entry.id   6WGE
#
_cell.length_a   1.00
_cell.length_b   1.00
_cell.length_c   1.00
_cell.angle_alpha   90.00
_cell.angle_beta   90.00
_cell.angle_gamma   90.00
#
_symmetry.space_group_name_H-M   'P 1'
#
loop_
_entity.id
_entity.type
_entity.pdbx_description
1 polymer 'Structural maintenance of chromosomes protein 1A'
2 polymer 'Structural maintenance of chromosomes protein 3'
3 polymer 'Double-strand-break repair protein rad21 homolog'
4 polymer 'Nipped-B-like protein'
5 polymer 'DNA (43-MER)'
6 polymer 'DNA (43-MER)'
7 non-polymer 'PHOSPHOAMINOPHOSPHONIC ACID-ADENYLATE ESTER'
8 non-polymer 'MAGNESIUM ION'
#
loop_
_entity_poly.entity_id
_entity_poly.type
_entity_poly.pdbx_seq_one_letter_code
_entity_poly.pdbx_strand_id
1 'polypeptide(L)'
;MGFLKLIEIENFKSYKGRQIIGPFQRFTAIIGPNGSGKSNLMDAISFVLGEKTSNLRVKTLRDLIHGAPVGKPAANRAFV
SMVYSEEGAEDRTFARVIVGGSSEYKINNKVVQLHEYSEELEKLGILIKARNFLVFQGAVESIAMKNPKERTALFEEISR
SGELAQEYDKRKKEMVKAEEDTQFNYHRKKNIAAERKEAKQEKEEADRYQRLKDEVVRAQVQLQLFKLYHNEVEIEKLNK
ELASKNKEIEKDKKRMDKVEDELKEKKKELGKMMREQQQIEKEIKEKDSELNQKRPQYIKAKENTSHKIKKLEAAKKSLQ
NAQKHYKKRKGDMDELEKEMLSVEKARQEFEERMEEESQSQGRDLTLEENQVKKYHRLKEEASKRAATLAQELEKFNRDQ
KADQDRLDLEERKKVETEAKIKQKLREIEENQKRIEKLEEYITTSKQSLEEQKKLEGELTEEVEMAKRRIDEINKELNQV
MEQLGDARIDRQESSRQQRKAEIMESIKRLYPGSVYGRLIDLCQPTQKKYQIAVTKVLGKNMDAIIVDSEKTGRDCIQYI
KEQRGEPETFLPLDYLEVKPTDEKLRELKGAKLVIDVIRYEPPHIKKALQYACGNALVCDNVEDARRIAFGGHQRHKTVA
LDGTLFQKSGVISGGASDLKAKARRWDEKAVDKLKEKKERLTEELKEQMKAKRKEAELRQVQSQAHGLQMRLKYSQSDLE
QTKTRHLALNLQEKSKLESELANFGPRINDIKRIIQSREREMKDLKEKMNQVEDEVFEEFCREIGVRNIREFEEEKVKRQ
NEIAKKRLEFENQKTRLGIQLDFEKNQLKEDQDKVHMWEQTVKKDENEIEKLKKEEQRHMKIIDETMAQLQDLKNQHLAK
KSEVNDKNHEMEEIRKKLGGANKEMTHLQKEVTAIETKLEQKRSDRHNLLQACKMQDIKLPLSKGTMDDISQEEGSSQGE
DSVSGSQRISSIYAREALIEIDYGDLCEDLKDAQAEEEIKQEMNTLQQKLNEQQSVLQRIAAPNMKAMEKLESVRDKFQE
TSDEFEAARKRAKKAKQAFEQIKKERFDRFNACFESVATNIDEIYKALSRNSSAQAFLGPENPEEPYLDGINYNCVAPGK
RFRPMDNLSGGEKTVAALALLFAIHSYKPAPFFVLDQIDAALDNTNIGKVANYIKEQSTCNFQAIVISLKEEFYTKAESL
IGVYPEQGDCVISKVLTFDLTKYPDANPNPNEQ
;
A
2 'polypeptide(L)'
;MYIKQVIIQGFRSYRDQTIVDPFSSKHNVIVGRNGSGKSNFFYAIQFVLSDEFSHLRPEQRLALLHEGTGPRVISAFVEI
IFDNSDNRLPIDKEEVSLRRVIGAKKDQYFLDKKMVTKNDVMNLLESAGFSRSNPYYIVKQGKINQMATAPDSQRLKLLR
EVAGTRVYDERKEESISLMKETEGKREKINELLKYIEERLHTLEEEKEELAQYQKWDKMRRALEYTIYNQELNETRAKLD
ELSAKRETSGEKSRQLRDAQQDARDKMEDIERQVRELKTKISAMKEEKEQLSAERQEQIKQRTKLELKAKDLQDELAGNS
EQRKRLLKERQKLLEKIEEKQKELAETEPKFNSVKEKEERGIARLAQATQERTDLYAKQGRGSQFTSKEERDKWIKKELK
SLDQAINDKKRQIAAIHKDLEDTEANKEKNLEQYNKLDQDLNEVKARVEELDRKYYEVKNKKDELQSERNYLWREENAEQ
QALAAKREDLEKKQQLLRAATGKAILNGIDSINKVLDHFRRKGINQHVQNGYHGIVMNNFECEPAFYTCVEVTAGNRLFY
HIVDSDEVSTKILMEFNKMNLPGEVTFLPLNKLDVRDTAYPETNDAIPMISKLRYNPRFDKAFKHVFGKTLICRSMEVST
QLARAFTMDCITLEGDQVSHRGALTGGYYDTRKSRLELQKDVRKAEEELGELEAKLNENLRRNIERINNEIDQLMNQMQQ
IETQQRKFKASRDSILSEMKMLKEKRQQSEKTFMPKQRSLQSLEASLHAMESTRESLKAELGTDLLSQLSLEDQKRVDAL
NDEIRQLQQENRQLLNERIKLEGIITRVETYLNENLRKRLDQVEQELNELRETEGGTVLTATTSELEAINKRVKDTMARS
EDLDNSIDKTEAGIKELQKSMERWKNMEKEHMDAINHDTKELEKMTNRQGMLLKKKEECMKKIRELGSLPQEAFEKYQTL
SLKQLFRKLEQCNTELKKYSHVNKKALDQFVNFSEQKEKLIKRQEELDRGYKSIMELMNVLELRKYEAIQLTFKQVSKNF
SEVFQKLVPGGKATLVMKKGDVEGSQSQDEGEGSGESERGSGSQSSVPSVDQFTGVGIRVSFTGKQGEMREMQQLSGGQK
SLVALALIFAIQKCDPAPFYLFDQIDQALDAQHRKAVSDMIMELAVHAQFITTTFRPELLESADKFYGVKFRNKVSHIDV
ITAEMAKDFVEDDTTHG
;
B
3 'polypeptide(L)'
;MFYAHFVLSKRGPLAKIWLAAHWDKKLTKAHVFECNLESSVESIISPKVKMALRTSGHLLLGVVRIYHRKAKYLLADCNE
AFIKIKMAFRPGVVDLPEENREAAYNAITLPEEFHDFDQPLPDLDDIDVAQQFSLNQSRVEEITMREEVGNISILQENDF
GDFGMDDREIMAEGSAFEDDDMLVSTTTSNLLLESEQSTSNLNEKINHLEYEDQYKDDNFGEGNDGGILDDKLISNNDGG
IFDDPPALSEAGVMLPEQPAHDDMDEDDNVSMGGPDSPASVDPVEPMPTMTDQTTLVPNEEEAFALEPIDITVKETKAKR
KRKLIVDSVKELDSKTIRAQLSDYSDIVTTLDLAPPTKKLMMWKETGGVEKLFSLPAQPLWNNRLLKLFTRCLTPLVPED
LRKRRKGGEADNLDEFLKEFENPEVPREDQQQQHQQRDVIDEPIIEEPSALQESVMEASRTNIDESAMPPPPPQGVKRKA
GQIDPEPVMPPQQVEQMEIPPVELPPEEPPNICQLIPELELLPEKEKEKEKEKEDDEEEEDEDASGGDQDQEERRWNKRT
QQMLHGLQRALAKTGAESISLLELCRNTNRKQAAAKFYSFLVLKKQQAIELTQEEPYSDIIATPGPRFHII
;
C
4 'polypeptide(L)'
;PSLSEVARKMKKKEKQKKRKAYEPKLTPEEMMDSSTFKRFTASIENILDNLEDMDFTAFGDDDEIPQELLLGKHQLNELG
SESAKIKAMGIMDKLSTDKTVKVLNILEKNIQDGSKLSTLLNHNNDTEEEERLWRDLIMERVTKSADACLTTINIMTSPN
MPKAVYIEDVIERVIQYTKFHLQNTLYPQYDPVYRLDPHGGGLLSSKAKRAKCSTHKQRVIVMLYNKVCDIVSSLSELLE
IQLLTDTTILQVSSMGITPFFVENVSELQLCAIKLVTAVFSRYEKHRQLILEEIFTSLARLPTSKRSLRNFRLNSSDMDG
EPMYIQMVTALVLQLIQCVVHLPSSEKDSNAEEDSNKKIDQDVVITNSYETAMRTAQNFLSIFLKKCGSKQGEEDYRPLF
ENFVQDLLSTVNKPEWPAAELLLSLLGRLLVHQFSNKSTEMALRVASLDYLGTVAARLRKDAVTSKMDQGSIERILKQVS
GGEDEIQQLQKALLDYLDENTETDPSLVFSRKFYIAQWFRDTTLETEKAMKSQKDEESSEGTHHAKEIETTGQIMHRAEN
RKKFLRSIIKTTPSQFSTLKMNSDTVDYDDACLIVRYLASMRPFAQSFDIYLTQILRVLGENAIAVRTKAMKCLSEVVAV
DPSILARLDMQRGVHGRLMDNSTSVREAAVELLGRFVLCRPQLAEQYYDMLIERILDTGISVRKRVIKILRDICIEQPTF
PKITEMCVKMIRRVNDEEGIKKLVNETFQKLWFTPTPHNDKEAMTRKILNITDVVAACRDTGYDWFEQLLQNLLKSEEDS
SYKPVKKACTQLVDNLVEHILKYEESLADSDNKGVNSGRLVACITTLFLFSKIRPQLMVKHAMTMQPYLTTKCSTQNDFM
VICNVAKILELVVPLMEHPSETFLATIEEDLMKLIIKYGMTVVQHCVSCLGAVVNKVTQNFKFVWACFNRYYGAISKLKS
QHQEDPNNTSLLTNKPALLRSLFTVGALCRHFDFDLEDFKGNSKVNIKDKVLELLMYFTKHSDEEVQTKAIIGLGFAFIQ
HPSLMFEQEVKNLYNNILSDKNSSVNLKIQVLKNLQTYLQEEDTRMQQADRDWKKVAKQEDLKEMGDVSSGMSSSIMQLY
LKQVLEAFFHTQSSVRHFALNVIALTLNQGLIHPVQCVPYLIAMGTDPEPAMRNKADQQLVEIDKKYAGFIHMKAVAGMK
MSYQVQQAINTCLKDPVRGFRQDESSSALCSHLYSMIRGNRQHRRAFLISLLNLFDDTAKTDVTMLLYIADNLACFPYQT
QEEPLFIMHHIDITLSVSGSNLLQSFKESMVKDKRKERKSSPSKENESSDSEEEVSRPRKSRKRVDSDSDSDSEDDINSV
MKCLPENSAPLIEFANVSQGILLLLMLKQHLKNLCGFSDSKIQKYSPSESAKVYDKAINRKTGVHFHPKQTLDFLRSDMA
NSKITEEVKRSIVKQYLDFKLLMEHLDPDEEEEEGEVSASTNARNKAITSLLGGGSPKNNTAAETEDDESDGEDRGGGTS
GSLRRSKRNSDSTELAAQMNESVDVMDVIAICCPKYKDRPQIARVVQKTSSGFSVQWMAGSYSGSWTEAKRRDGRKLVPW
VDTIKESDIIYKKIALTSANKLTNKVVQTLRSLYAAKDGTSS
;
E
5 'polydeoxyribonucleotide'
;(DA)(DA)(DA)(DA)(DA)(DA)(DA)(DA)(DA)(DA)(DA)(DA)(DA)(DA)(DA)(DA)(DA)(DA)(DA)(DA)
(DA)(DA)(DA)(DA)(DA)(DA)(DA)(DA)(DA)(DA)(DA)(DA)(DA)(DA)(DA)(DA)(DA)(DA)(DA)(DA)
(DA)(DA)(DA)
;
F
6 'polydeoxyribonucleotide'
;(DT)(DT)(DT)(DT)(DT)(DT)(DT)(DT)(DT)(DT)(DT)(DT)(DT)(DT)(DT)(DT)(DT)(DT)(DT)(DT)
(DT)(DT)(DT)(DT)(DT)(DT)(DT)(DT)(DT)(DT)(DT)(DT)(DT)(DT)(DT)(DT)(DT)(DT)(DT)(DT)
(DT)(DT)(DT)
;
G
#
# COMPACT_ATOMS: atom_id res chain seq x y z
N GLY A 2 8.11 -43.86 41.43
CA GLY A 2 7.08 -44.87 41.30
C GLY A 2 6.35 -44.79 39.98
N PHE A 3 5.11 -45.27 39.97
CA PHE A 3 4.31 -45.29 38.75
C PHE A 3 2.85 -45.45 39.13
N LEU A 4 1.99 -45.63 38.13
CA LEU A 4 0.54 -45.68 38.27
C LEU A 4 0.08 -47.12 38.15
N LYS A 5 -0.24 -47.74 39.29
CA LYS A 5 -0.51 -49.17 39.30
C LYS A 5 -1.82 -49.50 38.60
N LEU A 6 -2.94 -49.02 39.12
CA LEU A 6 -4.25 -49.26 38.53
C LEU A 6 -5.21 -48.22 39.05
N ILE A 7 -6.34 -48.08 38.36
CA ILE A 7 -7.36 -47.12 38.81
C ILE A 7 -8.68 -47.84 39.00
N GLU A 8 -9.71 -47.08 39.37
CA GLU A 8 -11.01 -47.66 39.68
C GLU A 8 -12.10 -46.64 39.37
N ILE A 9 -13.09 -47.05 38.59
CA ILE A 9 -14.15 -46.15 38.16
C ILE A 9 -15.46 -46.63 38.76
N GLU A 10 -16.41 -45.70 38.89
CA GLU A 10 -17.76 -46.04 39.32
C GLU A 10 -18.69 -44.91 38.90
N ASN A 11 -19.63 -45.23 38.01
CA ASN A 11 -20.67 -44.33 37.52
C ASN A 11 -20.16 -43.08 36.81
N PHE A 12 -18.85 -42.95 36.66
CA PHE A 12 -18.26 -41.71 36.15
C PHE A 12 -18.12 -41.80 34.64
N LYS A 13 -18.95 -41.02 33.93
CA LYS A 13 -18.77 -40.68 32.52
C LYS A 13 -18.66 -41.93 31.64
N SER A 14 -19.80 -42.64 31.57
CA SER A 14 -19.98 -43.80 30.69
C SER A 14 -19.09 -44.97 31.11
N TYR A 15 -18.98 -45.19 32.42
CA TYR A 15 -18.40 -46.42 32.96
C TYR A 15 -19.32 -46.89 34.08
N LYS A 16 -20.34 -47.67 33.73
CA LYS A 16 -21.27 -48.09 34.76
C LYS A 16 -20.65 -49.20 35.60
N GLY A 17 -21.18 -49.37 36.81
CA GLY A 17 -20.71 -50.42 37.70
C GLY A 17 -19.28 -50.27 38.19
N ARG A 18 -18.82 -51.25 38.99
CA ARG A 18 -17.46 -51.28 39.49
C ARG A 18 -16.64 -52.19 38.60
N GLN A 19 -15.53 -51.66 38.07
CA GLN A 19 -14.59 -52.51 37.35
C GLN A 19 -13.19 -51.98 37.60
N ILE A 20 -12.22 -52.88 37.53
CA ILE A 20 -10.83 -52.53 37.76
C ILE A 20 -10.15 -52.47 36.42
N ILE A 21 -9.70 -51.27 36.04
CA ILE A 21 -8.75 -51.16 34.95
C ILE A 21 -7.49 -51.91 35.35
N GLY A 22 -7.01 -52.76 34.44
CA GLY A 22 -5.87 -53.62 34.70
C GLY A 22 -4.62 -52.89 35.14
N PRO A 23 -3.67 -53.62 35.70
CA PRO A 23 -2.40 -52.99 36.10
C PRO A 23 -1.65 -52.50 34.88
N PHE A 24 -1.02 -51.34 35.03
CA PHE A 24 -0.29 -50.71 33.95
C PHE A 24 1.18 -51.12 33.99
N GLN A 25 1.72 -51.48 32.84
CA GLN A 25 3.13 -51.79 32.72
C GLN A 25 3.89 -50.50 32.43
N ARG A 26 5.14 -50.63 31.97
CA ARG A 26 5.96 -49.45 31.75
C ARG A 26 5.46 -48.60 30.58
N PHE A 27 4.88 -49.22 29.57
CA PHE A 27 4.48 -48.47 28.37
C PHE A 27 3.37 -49.27 27.69
N THR A 28 2.13 -48.83 27.88
CA THR A 28 0.96 -49.57 27.41
C THR A 28 0.31 -48.80 26.26
N ALA A 29 -0.84 -49.29 25.82
CA ALA A 29 -1.60 -48.63 24.77
C ALA A 29 -3.06 -49.02 24.91
N ILE A 30 -3.95 -48.14 24.47
CA ILE A 30 -5.38 -48.26 24.73
C ILE A 30 -6.10 -48.20 23.39
N ILE A 31 -6.28 -49.35 22.75
CA ILE A 31 -6.85 -49.38 21.42
C ILE A 31 -8.35 -49.62 21.51
N GLY A 32 -9.05 -49.36 20.43
CA GLY A 32 -10.47 -49.60 20.36
C GLY A 32 -11.16 -48.81 19.28
N PRO A 33 -12.27 -49.34 18.76
CA PRO A 33 -12.98 -48.69 17.67
C PRO A 33 -13.71 -47.44 18.15
N ASN A 34 -14.16 -46.62 17.20
CA ASN A 34 -14.74 -45.32 17.51
C ASN A 34 -15.94 -45.44 18.43
N GLY A 35 -16.16 -44.39 19.22
CA GLY A 35 -17.26 -44.33 20.15
C GLY A 35 -17.26 -45.35 21.28
N SER A 36 -16.23 -46.19 21.35
CA SER A 36 -16.13 -47.14 22.45
C SER A 36 -15.91 -46.46 23.78
N GLY A 37 -15.45 -45.23 23.79
CA GLY A 37 -15.20 -44.57 25.06
C GLY A 37 -13.91 -44.98 25.72
N LYS A 38 -12.78 -44.64 25.10
CA LYS A 38 -11.50 -44.81 25.76
C LYS A 38 -10.83 -43.51 26.16
N SER A 39 -11.04 -42.44 25.39
CA SER A 39 -10.38 -41.17 25.68
C SER A 39 -10.87 -40.56 26.98
N ASN A 40 -12.10 -40.87 27.39
CA ASN A 40 -12.55 -40.36 28.67
C ASN A 40 -11.92 -41.09 29.83
N LEU A 41 -11.40 -42.30 29.60
CA LEU A 41 -10.56 -42.93 30.60
C LEU A 41 -9.38 -42.03 30.92
N MET A 42 -8.79 -41.43 29.88
CA MET A 42 -7.79 -40.39 30.09
C MET A 42 -8.35 -39.27 30.94
N ASP A 43 -9.57 -38.83 30.63
CA ASP A 43 -10.28 -37.88 31.48
C ASP A 43 -10.35 -38.34 32.93
N ALA A 44 -10.58 -39.64 33.13
CA ALA A 44 -10.55 -40.20 34.47
C ALA A 44 -9.21 -39.93 35.14
N ILE A 45 -8.12 -40.20 34.43
CA ILE A 45 -6.79 -39.87 34.93
C ILE A 45 -6.67 -38.37 35.13
N SER A 46 -7.28 -37.60 34.23
CA SER A 46 -7.29 -36.16 34.35
C SER A 46 -8.22 -35.67 35.43
N PHE A 47 -9.02 -36.53 36.05
CA PHE A 47 -9.97 -36.11 37.07
C PHE A 47 -9.48 -36.39 38.48
N VAL A 48 -8.77 -37.51 38.67
CA VAL A 48 -8.13 -37.79 39.96
C VAL A 48 -7.15 -36.68 40.33
N LEU A 49 -6.30 -36.29 39.38
CA LEU A 49 -5.26 -35.31 39.63
C LEU A 49 -5.78 -33.89 39.70
N GLY A 50 -7.07 -33.67 39.51
CA GLY A 50 -7.63 -32.33 39.58
C GLY A 50 -7.46 -31.61 38.26
N GLU A 51 -8.57 -31.12 37.71
CA GLU A 51 -8.59 -30.38 36.47
C GLU A 51 -9.90 -29.62 36.41
N LYS A 52 -9.83 -28.37 35.96
CA LYS A 52 -11.01 -27.54 35.81
C LYS A 52 -12.01 -28.23 34.89
N THR A 53 -13.30 -28.01 35.16
CA THR A 53 -14.34 -28.74 34.45
C THR A 53 -14.39 -28.39 32.97
N SER A 54 -13.99 -27.17 32.60
CA SER A 54 -14.08 -26.74 31.21
C SER A 54 -13.17 -27.58 30.31
N ASN A 55 -12.06 -28.08 30.85
CA ASN A 55 -11.19 -28.94 30.08
C ASN A 55 -11.68 -30.37 30.01
N LEU A 56 -12.64 -30.75 30.85
CA LEU A 56 -13.23 -32.08 30.78
C LEU A 56 -14.32 -32.19 29.75
N ARG A 57 -14.34 -31.27 28.79
CA ARG A 57 -15.32 -31.11 27.70
C ARG A 57 -16.76 -31.35 28.12
N VAL A 58 -17.12 -30.92 29.33
CA VAL A 58 -18.51 -30.90 29.74
C VAL A 58 -18.70 -29.78 30.76
N LYS A 59 -19.72 -28.97 30.54
CA LYS A 59 -20.04 -27.87 31.44
C LYS A 59 -20.59 -28.44 32.75
N THR A 60 -20.69 -27.56 33.76
CA THR A 60 -21.50 -27.62 34.99
C THR A 60 -21.13 -28.71 36.00
N LEU A 61 -20.21 -29.63 35.66
CA LEU A 61 -19.68 -30.65 36.57
C LEU A 61 -20.74 -31.63 37.10
N ARG A 62 -21.99 -31.49 36.71
CA ARG A 62 -22.99 -32.45 37.10
C ARG A 62 -23.26 -33.47 36.00
N ASP A 63 -22.94 -33.15 34.76
CA ASP A 63 -23.08 -34.09 33.67
C ASP A 63 -21.96 -35.13 33.63
N LEU A 64 -21.15 -35.23 34.68
CA LEU A 64 -20.18 -36.30 34.75
C LEU A 64 -20.85 -37.63 35.04
N ILE A 65 -21.82 -37.63 35.96
CA ILE A 65 -22.49 -38.86 36.36
C ILE A 65 -23.16 -39.51 35.15
N HIS A 66 -23.10 -40.84 35.09
CA HIS A 66 -23.53 -41.63 33.95
C HIS A 66 -24.97 -41.30 33.55
N GLY A 67 -25.17 -41.01 32.27
CA GLY A 67 -26.49 -40.94 31.70
C GLY A 67 -27.12 -39.57 31.72
N ALA A 68 -26.46 -38.56 32.28
CA ALA A 68 -26.98 -37.21 32.20
C ALA A 68 -27.14 -36.66 30.78
N PRO A 69 -26.19 -36.81 29.84
CA PRO A 69 -26.40 -36.22 28.51
C PRO A 69 -27.56 -36.81 27.73
N VAL A 70 -27.98 -38.04 28.05
CA VAL A 70 -29.14 -38.60 27.40
C VAL A 70 -30.41 -38.02 28.00
N GLY A 71 -30.50 -37.97 29.32
CA GLY A 71 -31.65 -37.37 29.97
C GLY A 71 -32.05 -38.00 31.28
N LYS A 72 -31.52 -39.17 31.60
CA LYS A 72 -31.85 -39.88 32.83
C LYS A 72 -30.59 -40.31 33.55
N PRO A 73 -30.30 -39.75 34.73
CA PRO A 73 -29.08 -40.15 35.46
C PRO A 73 -29.16 -41.57 36.00
N ALA A 74 -28.11 -41.99 36.70
CA ALA A 74 -28.08 -43.32 37.29
C ALA A 74 -28.04 -43.30 38.80
N ALA A 75 -27.32 -42.37 39.39
CA ALA A 75 -27.28 -42.19 40.84
C ALA A 75 -26.98 -40.72 41.12
N ASN A 76 -26.53 -40.43 42.32
CA ASN A 76 -26.04 -39.10 42.68
C ASN A 76 -24.66 -39.20 43.31
N ARG A 77 -23.79 -39.99 42.70
CA ARG A 77 -22.41 -40.16 43.15
C ARG A 77 -21.51 -40.43 41.97
N ALA A 78 -20.20 -40.49 42.28
CA ALA A 78 -19.17 -40.98 41.39
C ALA A 78 -17.94 -41.26 42.24
N PHE A 79 -17.06 -42.09 41.73
CA PHE A 79 -15.97 -42.60 42.55
C PHE A 79 -14.81 -43.01 41.65
N VAL A 80 -13.75 -42.20 41.63
CA VAL A 80 -12.57 -42.46 40.82
C VAL A 80 -11.37 -42.46 41.76
N SER A 81 -10.47 -43.42 41.57
CA SER A 81 -9.40 -43.61 42.54
C SER A 81 -8.28 -44.44 41.94
N MET A 82 -7.05 -43.97 42.09
CA MET A 82 -5.86 -44.69 41.66
C MET A 82 -5.12 -45.24 42.87
N VAL A 83 -4.05 -45.98 42.59
CA VAL A 83 -3.16 -46.48 43.64
C VAL A 83 -1.71 -46.27 43.22
N TYR A 84 -1.11 -45.18 43.69
CA TYR A 84 0.27 -44.90 43.35
C TYR A 84 1.19 -45.83 44.12
N SER A 85 2.06 -46.54 43.41
CA SER A 85 2.95 -47.51 44.03
C SER A 85 4.40 -47.17 43.69
N GLU A 86 5.20 -46.89 44.71
CA GLU A 86 6.62 -46.65 44.58
C GLU A 86 7.36 -47.67 45.44
N GLU A 87 8.69 -47.68 45.28
CA GLU A 87 9.53 -48.63 46.00
C GLU A 87 9.43 -48.43 47.50
N GLY A 88 9.50 -49.54 48.24
CA GLY A 88 9.35 -49.52 49.69
C GLY A 88 8.19 -50.34 50.20
N ALA A 89 7.42 -50.98 49.32
CA ALA A 89 6.35 -51.93 49.67
C ALA A 89 5.22 -51.27 50.46
N GLU A 90 4.92 -50.02 50.12
CA GLU A 90 3.71 -49.36 50.59
C GLU A 90 2.91 -48.91 49.37
N ASP A 91 1.64 -48.60 49.59
CA ASP A 91 0.77 -48.20 48.49
C ASP A 91 -0.19 -47.13 48.96
N ARG A 92 -0.22 -46.02 48.23
CA ARG A 92 -1.08 -44.90 48.57
C ARG A 92 -2.27 -44.89 47.61
N THR A 93 -3.45 -44.53 48.12
CA THR A 93 -4.68 -44.56 47.33
C THR A 93 -5.33 -43.18 47.37
N PHE A 94 -5.24 -42.44 46.29
CA PHE A 94 -5.92 -41.16 46.14
C PHE A 94 -7.32 -41.42 45.59
N ALA A 95 -8.25 -40.51 45.88
CA ALA A 95 -9.57 -40.60 45.28
C ALA A 95 -10.11 -39.19 45.10
N ARG A 96 -11.29 -39.10 44.46
CA ARG A 96 -12.02 -37.84 44.39
C ARG A 96 -13.47 -38.16 44.08
N VAL A 97 -14.35 -37.99 45.06
CA VAL A 97 -15.76 -38.34 44.94
C VAL A 97 -16.56 -37.04 44.78
N ILE A 98 -17.61 -37.07 43.98
CA ILE A 98 -18.47 -35.91 43.79
C ILE A 98 -19.85 -36.22 44.35
N VAL A 99 -20.42 -35.26 45.08
CA VAL A 99 -21.74 -35.40 45.66
C VAL A 99 -22.51 -34.12 45.41
N GLY A 100 -23.71 -34.25 44.85
CA GLY A 100 -24.53 -33.10 44.51
C GLY A 100 -23.82 -32.21 43.52
N GLY A 101 -23.33 -31.08 44.00
CA GLY A 101 -22.47 -30.23 43.20
C GLY A 101 -21.05 -30.28 43.69
N SER A 102 -20.86 -30.44 45.00
CA SER A 102 -19.55 -30.35 45.60
C SER A 102 -18.72 -31.60 45.31
N SER A 103 -17.44 -31.53 45.69
CA SER A 103 -16.49 -32.61 45.48
C SER A 103 -15.59 -32.73 46.69
N GLU A 104 -15.39 -33.95 47.18
CA GLU A 104 -14.57 -34.21 48.35
C GLU A 104 -13.46 -35.19 48.01
N TYR A 105 -12.30 -34.97 48.61
CA TYR A 105 -11.09 -35.72 48.30
C TYR A 105 -10.76 -36.67 49.44
N LYS A 106 -10.17 -37.81 49.09
CA LYS A 106 -9.83 -38.83 50.08
C LYS A 106 -8.44 -39.36 49.81
N ILE A 107 -7.70 -39.60 50.89
CA ILE A 107 -6.42 -40.30 50.84
C ILE A 107 -6.51 -41.46 51.81
N ASN A 108 -6.29 -42.66 51.30
CA ASN A 108 -6.28 -43.90 52.10
C ASN A 108 -7.57 -44.07 52.91
N ASN A 109 -8.69 -43.63 52.33
CA ASN A 109 -10.00 -43.63 52.97
C ASN A 109 -9.98 -42.81 54.25
N LYS A 110 -9.52 -41.56 54.12
CA LYS A 110 -9.56 -40.57 55.17
C LYS A 110 -9.93 -39.26 54.51
N VAL A 111 -11.02 -38.63 54.94
CA VAL A 111 -11.44 -37.37 54.33
C VAL A 111 -10.40 -36.30 54.65
N VAL A 112 -10.00 -35.55 53.62
CA VAL A 112 -9.01 -34.49 53.74
C VAL A 112 -9.62 -33.27 53.05
N GLN A 113 -8.96 -32.12 53.19
CA GLN A 113 -9.35 -30.89 52.53
C GLN A 113 -8.40 -30.64 51.36
N LEU A 114 -8.86 -29.84 50.39
CA LEU A 114 -8.20 -29.68 49.09
C LEU A 114 -6.72 -29.34 49.20
N HIS A 115 -6.37 -28.42 50.10
CA HIS A 115 -5.00 -27.90 50.14
C HIS A 115 -3.99 -29.00 50.48
N GLU A 116 -4.32 -29.85 51.45
CA GLU A 116 -3.40 -30.93 51.82
C GLU A 116 -3.28 -31.96 50.72
N TYR A 117 -4.38 -32.27 50.04
CA TYR A 117 -4.36 -33.14 48.87
C TYR A 117 -3.42 -32.61 47.79
N SER A 118 -3.59 -31.32 47.45
CA SER A 118 -2.70 -30.64 46.52
C SER A 118 -1.24 -30.77 46.93
N GLU A 119 -0.94 -30.38 48.17
CA GLU A 119 0.44 -30.39 48.67
C GLU A 119 1.03 -31.79 48.64
N GLU A 120 0.21 -32.81 48.93
CA GLU A 120 0.67 -34.19 48.84
C GLU A 120 1.07 -34.55 47.41
N LEU A 121 0.22 -34.16 46.45
CA LEU A 121 0.56 -34.39 45.04
C LEU A 121 1.84 -33.65 44.66
N GLU A 122 1.96 -32.39 45.06
CA GLU A 122 3.17 -31.61 44.78
C GLU A 122 4.40 -32.25 45.39
N LYS A 123 4.25 -32.89 46.55
CA LYS A 123 5.34 -33.66 47.11
C LYS A 123 5.70 -34.81 46.17
N LEU A 124 4.69 -35.48 45.62
CA LEU A 124 4.96 -36.54 44.65
C LEU A 124 5.62 -35.99 43.39
N GLY A 125 5.17 -34.82 42.91
CA GLY A 125 5.77 -34.24 41.71
C GLY A 125 4.82 -33.96 40.56
N ILE A 126 3.60 -33.55 40.86
CA ILE A 126 2.58 -33.27 39.85
C ILE A 126 2.10 -31.83 40.04
N LEU A 127 2.68 -30.90 39.29
CA LEU A 127 2.28 -29.49 39.39
C LEU A 127 0.96 -29.34 38.66
N ILE A 128 -0.14 -29.44 39.44
CA ILE A 128 -1.48 -29.68 38.87
C ILE A 128 -1.93 -28.53 37.98
N LYS A 129 -1.65 -27.29 38.39
CA LYS A 129 -2.06 -26.14 37.59
C LYS A 129 -1.14 -25.94 36.40
N ALA A 130 0.08 -26.47 36.46
CA ALA A 130 1.04 -26.29 35.38
C ALA A 130 0.57 -27.01 34.11
N ARG A 131 0.19 -28.28 34.25
CA ARG A 131 -0.32 -29.10 33.14
C ARG A 131 0.72 -29.21 32.02
N ASN A 132 1.78 -29.93 32.34
CA ASN A 132 2.85 -30.18 31.37
C ASN A 132 2.94 -31.62 30.90
N PHE A 133 1.94 -32.45 31.16
CA PHE A 133 2.03 -33.86 30.80
C PHE A 133 0.73 -34.48 30.33
N LEU A 134 -0.37 -33.72 30.29
CA LEU A 134 -1.64 -34.20 29.77
C LEU A 134 -1.90 -33.58 28.41
N VAL A 135 -2.06 -34.42 27.40
CA VAL A 135 -2.30 -33.96 26.05
C VAL A 135 -3.67 -34.45 25.61
N PHE A 136 -4.51 -33.53 25.19
CA PHE A 136 -5.83 -33.87 24.67
C PHE A 136 -5.70 -34.11 23.17
N GLN A 137 -6.82 -34.44 22.52
CA GLN A 137 -6.80 -34.81 21.10
C GLN A 137 -6.15 -33.74 20.22
N GLY A 138 -6.56 -32.49 20.36
CA GLY A 138 -6.03 -31.44 19.52
C GLY A 138 -4.97 -30.57 20.15
N ALA A 139 -4.64 -30.82 21.41
CA ALA A 139 -3.69 -29.98 22.16
C ALA A 139 -2.27 -30.01 21.61
N VAL A 140 -1.82 -31.17 21.12
CA VAL A 140 -0.41 -31.35 20.74
C VAL A 140 0.00 -30.35 19.67
N GLU A 141 -0.84 -30.15 18.65
CA GLU A 141 -0.53 -29.15 17.63
C GLU A 141 -0.51 -27.76 18.26
N SER A 142 -1.44 -27.50 19.17
CA SER A 142 -1.61 -26.20 19.80
C SER A 142 -0.38 -25.78 20.61
N ILE A 143 0.28 -26.74 21.26
CA ILE A 143 1.41 -26.41 22.16
C ILE A 143 2.52 -25.66 21.40
N ALA A 144 2.81 -26.09 20.18
CA ALA A 144 3.83 -25.44 19.37
C ALA A 144 3.48 -23.99 19.03
N MET A 145 2.22 -23.71 18.75
CA MET A 145 1.82 -22.39 18.29
C MET A 145 1.31 -21.48 19.40
N LYS A 146 1.49 -21.86 20.66
CA LYS A 146 0.98 -21.09 21.79
C LYS A 146 1.59 -19.69 21.80
N ASN A 147 0.78 -18.69 22.14
CA ASN A 147 1.28 -17.33 22.15
C ASN A 147 2.35 -17.19 23.23
N PRO A 148 3.42 -16.41 22.98
CA PRO A 148 4.52 -16.26 23.96
C PRO A 148 4.10 -15.96 25.40
N LYS A 149 3.01 -15.24 25.59
CA LYS A 149 2.56 -14.88 26.93
C LYS A 149 2.21 -16.12 27.74
N GLU A 150 1.39 -17.00 27.16
CA GLU A 150 1.03 -18.24 27.84
C GLU A 150 2.25 -19.08 28.15
N ARG A 151 3.24 -19.08 27.26
CA ARG A 151 4.45 -19.86 27.52
C ARG A 151 5.21 -19.29 28.70
N THR A 152 5.29 -17.96 28.80
CA THR A 152 5.89 -17.35 29.99
C THR A 152 5.12 -17.73 31.24
N ALA A 153 3.79 -17.75 31.14
CA ALA A 153 2.94 -18.15 32.26
C ALA A 153 3.26 -19.57 32.72
N LEU A 154 3.33 -20.51 31.78
CA LEU A 154 3.68 -21.89 32.10
C LEU A 154 5.06 -21.98 32.76
N PHE A 155 6.06 -21.32 32.17
CA PHE A 155 7.41 -21.40 32.70
C PHE A 155 7.53 -20.76 34.07
N GLU A 156 6.68 -19.78 34.37
CA GLU A 156 6.66 -19.19 35.69
C GLU A 156 5.92 -20.07 36.67
N GLU A 157 4.91 -20.79 36.20
CA GLU A 157 4.12 -21.65 37.08
C GLU A 157 4.95 -22.85 37.54
N ILE A 158 5.57 -23.56 36.60
CA ILE A 158 6.26 -24.81 36.91
C ILE A 158 7.43 -24.57 37.89
N SER A 159 8.01 -23.38 37.86
CA SER A 159 9.29 -23.15 38.52
C SER A 159 9.17 -22.48 39.88
N ARG A 160 7.94 -22.37 40.41
CA ARG A 160 7.65 -21.79 41.73
C ARG A 160 7.96 -20.29 41.78
N SER A 161 8.09 -19.62 40.63
CA SER A 161 8.35 -18.20 40.62
C SER A 161 7.13 -17.38 40.24
N GLY A 162 5.94 -17.93 40.43
CA GLY A 162 4.74 -17.17 40.15
C GLY A 162 4.10 -16.66 41.42
N GLU A 163 4.42 -17.34 42.53
CA GLU A 163 3.85 -16.97 43.83
C GLU A 163 4.36 -15.61 44.30
N LEU A 164 5.54 -15.22 43.85
CA LEU A 164 6.20 -14.01 44.32
C LEU A 164 5.81 -12.78 43.50
N ALA A 165 4.60 -12.76 42.93
CA ALA A 165 4.21 -11.69 42.03
C ALA A 165 3.77 -10.43 42.79
N GLN A 166 2.73 -10.57 43.63
CA GLN A 166 2.11 -9.43 44.30
C GLN A 166 3.12 -8.66 45.15
N GLU A 167 3.93 -9.39 45.92
CA GLU A 167 5.04 -8.80 46.66
C GLU A 167 5.89 -7.93 45.77
N TYR A 168 6.32 -8.48 44.62
CA TYR A 168 7.19 -7.78 43.68
C TYR A 168 6.56 -6.46 43.23
N ASP A 169 5.40 -6.52 42.57
CA ASP A 169 4.92 -5.28 41.97
C ASP A 169 4.39 -4.30 43.00
N LYS A 170 3.96 -4.77 44.18
CA LYS A 170 3.66 -3.84 45.27
C LYS A 170 4.91 -3.05 45.66
N ARG A 171 6.03 -3.75 45.84
CA ARG A 171 7.30 -3.09 46.10
C ARG A 171 7.66 -2.11 44.99
N LYS A 172 7.39 -2.50 43.74
CA LYS A 172 7.66 -1.64 42.59
C LYS A 172 6.90 -0.32 42.67
N LYS A 173 5.59 -0.40 42.93
CA LYS A 173 4.78 0.80 43.07
C LYS A 173 5.28 1.69 44.21
N GLU A 174 5.62 1.06 45.34
CA GLU A 174 6.15 1.81 46.48
C GLU A 174 7.39 2.61 46.11
N MET A 175 8.35 1.96 45.47
CA MET A 175 9.60 2.66 45.15
C MET A 175 9.39 3.73 44.08
N VAL A 176 8.50 3.51 43.10
CA VAL A 176 8.30 4.54 42.08
C VAL A 176 7.64 5.77 42.69
N LYS A 177 6.70 5.57 43.63
CA LYS A 177 6.09 6.70 44.33
C LYS A 177 7.13 7.49 45.11
N ALA A 178 7.98 6.77 45.85
CA ALA A 178 9.02 7.43 46.65
C ALA A 178 9.97 8.24 45.77
N GLU A 179 10.38 7.68 44.62
CA GLU A 179 11.29 8.40 43.74
C GLU A 179 10.67 9.66 43.18
N GLU A 180 9.44 9.56 42.68
CA GLU A 180 8.70 10.74 42.21
C GLU A 180 8.65 11.83 43.27
N ASP A 181 8.35 11.44 44.51
CA ASP A 181 8.21 12.46 45.56
C ASP A 181 9.55 13.10 45.92
N THR A 182 10.63 12.31 45.91
CA THR A 182 11.96 12.89 46.15
C THR A 182 12.29 13.93 45.08
N GLN A 183 12.03 13.61 43.81
CA GLN A 183 12.30 14.58 42.75
C GLN A 183 11.47 15.85 42.94
N PHE A 184 10.19 15.67 43.28
CA PHE A 184 9.29 16.81 43.53
C PHE A 184 9.85 17.74 44.59
N ASN A 185 10.24 17.16 45.74
CA ASN A 185 10.75 17.96 46.84
C ASN A 185 12.07 18.63 46.47
N TYR A 186 12.96 17.92 45.77
CA TYR A 186 14.23 18.51 45.34
C TYR A 186 14.00 19.75 44.49
N HIS A 187 13.11 19.64 43.50
CA HIS A 187 12.92 20.77 42.61
C HIS A 187 12.22 21.93 43.31
N ARG A 188 11.29 21.63 44.21
CA ARG A 188 10.63 22.70 44.98
C ARG A 188 11.62 23.43 45.86
N LYS A 189 12.48 22.69 46.58
CA LYS A 189 13.52 23.31 47.39
C LYS A 189 14.45 24.16 46.53
N LYS A 190 14.79 23.68 45.33
CA LYS A 190 15.64 24.46 44.44
C LYS A 190 14.99 25.77 44.04
N ASN A 191 13.71 25.73 43.68
CA ASN A 191 13.04 26.95 43.25
C ASN A 191 12.84 27.91 44.40
N ILE A 192 12.61 27.40 45.62
CA ILE A 192 12.52 28.27 46.78
C ILE A 192 13.86 28.93 47.08
N ALA A 193 14.95 28.17 46.95
CA ALA A 193 16.29 28.75 47.08
C ALA A 193 16.51 29.87 46.05
N ALA A 194 16.07 29.65 44.81
CA ALA A 194 16.23 30.67 43.78
C ALA A 194 15.40 31.92 44.09
N GLU A 195 14.16 31.72 44.54
CA GLU A 195 13.34 32.87 44.92
C GLU A 195 13.88 33.58 46.16
N ARG A 196 14.59 32.86 47.02
CA ARG A 196 15.26 33.49 48.15
C ARG A 196 16.40 34.38 47.67
N LYS A 197 17.26 33.82 46.80
CA LYS A 197 18.39 34.57 46.27
C LYS A 197 17.94 35.77 45.44
N GLU A 198 16.76 35.68 44.83
CA GLU A 198 16.17 36.83 44.13
C GLU A 198 15.95 38.01 45.08
N ALA A 199 15.67 37.75 46.35
CA ALA A 199 15.48 38.81 47.32
C ALA A 199 16.82 39.38 47.77
N VAL A 1034 9.43 32.77 53.65
CA VAL A 1034 10.49 32.31 52.77
C VAL A 1034 11.41 31.36 53.53
N ARG A 1035 11.76 31.76 54.75
CA ARG A 1035 12.63 30.95 55.59
C ARG A 1035 11.93 29.68 56.08
N ASP A 1036 10.72 29.83 56.63
CA ASP A 1036 9.96 28.69 57.14
C ASP A 1036 9.63 27.69 56.04
N LYS A 1037 9.23 28.20 54.87
CA LYS A 1037 8.92 27.32 53.74
C LYS A 1037 10.16 26.56 53.27
N PHE A 1038 11.31 27.25 53.24
CA PHE A 1038 12.57 26.60 52.92
C PHE A 1038 12.85 25.44 53.87
N GLN A 1039 12.71 25.67 55.17
CA GLN A 1039 12.99 24.61 56.14
C GLN A 1039 11.96 23.49 56.05
N GLU A 1040 10.70 23.84 55.80
CA GLU A 1040 9.64 22.87 55.54
C GLU A 1040 10.01 21.91 54.42
N THR A 1041 10.22 22.46 53.21
CA THR A 1041 10.54 21.64 52.06
C THR A 1041 11.84 20.88 52.24
N SER A 1042 12.80 21.45 52.98
CA SER A 1042 14.06 20.75 53.25
C SER A 1042 13.82 19.49 54.06
N ASP A 1043 13.11 19.62 55.19
CA ASP A 1043 12.83 18.47 56.03
C ASP A 1043 11.99 17.42 55.28
N GLU A 1044 11.03 17.88 54.48
CA GLU A 1044 10.22 16.97 53.68
C GLU A 1044 11.07 16.20 52.69
N PHE A 1045 11.98 16.90 52.02
CA PHE A 1045 12.88 16.26 51.07
C PHE A 1045 13.76 15.22 51.75
N GLU A 1046 14.21 15.52 52.98
CA GLU A 1046 15.02 14.56 53.73
C GLU A 1046 14.23 13.29 54.03
N ALA A 1047 13.01 13.45 54.56
CA ALA A 1047 12.19 12.29 54.89
C ALA A 1047 11.89 11.44 53.66
N ALA A 1048 11.56 12.11 52.55
CA ALA A 1048 11.26 11.39 51.31
C ALA A 1048 12.48 10.59 50.83
N ARG A 1049 13.67 11.19 50.91
CA ARG A 1049 14.89 10.47 50.55
C ARG A 1049 15.09 9.21 51.39
N LYS A 1050 14.90 9.33 52.70
CA LYS A 1050 15.05 8.16 53.57
C LYS A 1050 14.09 7.04 53.18
N ARG A 1051 12.83 7.40 52.92
CA ARG A 1051 11.85 6.39 52.50
C ARG A 1051 12.23 5.75 51.15
N ALA A 1052 12.75 6.56 50.22
CA ALA A 1052 13.18 6.04 48.93
C ALA A 1052 14.28 5.00 49.09
N LYS A 1053 15.31 5.34 49.87
CA LYS A 1053 16.39 4.41 50.12
C LYS A 1053 15.88 3.14 50.81
N LYS A 1054 14.87 3.28 51.68
CA LYS A 1054 14.28 2.10 52.31
C LYS A 1054 13.58 1.21 51.28
N ALA A 1055 12.97 1.79 50.25
CA ALA A 1055 12.30 0.97 49.24
C ALA A 1055 13.28 0.28 48.29
N LYS A 1056 14.39 0.94 47.99
CA LYS A 1056 15.28 0.53 46.89
C LYS A 1056 15.85 -0.88 47.09
N GLN A 1057 16.57 -1.10 48.20
CA GLN A 1057 17.31 -2.35 48.36
C GLN A 1057 16.34 -3.53 48.49
N ALA A 1058 15.15 -3.30 49.07
CA ALA A 1058 14.18 -4.37 49.21
C ALA A 1058 13.64 -4.81 47.86
N PHE A 1059 13.30 -3.83 47.00
CA PHE A 1059 12.90 -4.18 45.63
C PHE A 1059 14.00 -4.95 44.91
N GLU A 1060 15.24 -4.49 45.06
CA GLU A 1060 16.36 -5.19 44.42
C GLU A 1060 16.48 -6.63 44.91
N GLN A 1061 16.26 -6.85 46.20
CA GLN A 1061 16.31 -8.20 46.77
C GLN A 1061 15.28 -9.12 46.13
N ILE A 1062 14.01 -8.68 46.10
CA ILE A 1062 12.96 -9.57 45.64
C ILE A 1062 13.10 -9.84 44.14
N LYS A 1063 13.51 -8.82 43.36
CA LYS A 1063 13.71 -9.03 41.93
C LYS A 1063 14.86 -10.00 41.68
N LYS A 1064 15.95 -9.89 42.44
CA LYS A 1064 17.04 -10.84 42.33
C LYS A 1064 16.59 -12.27 42.59
N GLU A 1065 15.73 -12.45 43.60
CA GLU A 1065 15.19 -13.78 43.90
C GLU A 1065 14.46 -14.37 42.70
N ARG A 1066 13.43 -13.65 42.22
CA ARG A 1066 12.64 -14.14 41.08
C ARG A 1066 13.52 -14.45 39.89
N PHE A 1067 14.46 -13.54 39.57
CA PHE A 1067 15.35 -13.72 38.43
C PHE A 1067 16.15 -15.01 38.56
N ASP A 1068 16.79 -15.22 39.71
CA ASP A 1068 17.66 -16.38 39.88
C ASP A 1068 16.89 -17.68 39.66
N ARG A 1069 15.72 -17.79 40.28
CA ARG A 1069 14.93 -19.02 40.13
C ARG A 1069 14.54 -19.27 38.68
N PHE A 1070 13.88 -18.27 38.06
CA PHE A 1070 13.44 -18.39 36.67
C PHE A 1070 14.61 -18.76 35.76
N ASN A 1071 15.76 -18.12 35.97
CA ASN A 1071 16.88 -18.31 35.05
C ASN A 1071 17.45 -19.71 35.15
N ALA A 1072 17.54 -20.25 36.37
CA ALA A 1072 17.96 -21.65 36.54
C ALA A 1072 17.08 -22.59 35.72
N CYS A 1073 15.76 -22.50 35.94
CA CYS A 1073 14.82 -23.37 35.22
C CYS A 1073 14.97 -23.24 33.71
N PHE A 1074 14.99 -22.00 33.23
CA PHE A 1074 14.98 -21.74 31.80
C PHE A 1074 16.25 -22.24 31.12
N GLU A 1075 17.43 -22.04 31.74
CA GLU A 1075 18.66 -22.49 31.08
C GLU A 1075 18.69 -24.01 30.97
N SER A 1076 18.24 -24.71 32.02
CA SER A 1076 18.17 -26.17 31.93
C SER A 1076 17.31 -26.61 30.75
N VAL A 1077 16.13 -26.00 30.62
CA VAL A 1077 15.22 -26.35 29.54
C VAL A 1077 15.87 -26.10 28.18
N ALA A 1078 16.56 -24.97 28.02
CA ALA A 1078 17.10 -24.61 26.70
C ALA A 1078 18.16 -25.60 26.22
N THR A 1079 19.16 -25.89 27.06
CA THR A 1079 20.19 -26.84 26.64
C THR A 1079 19.60 -28.21 26.32
N ASN A 1080 18.68 -28.68 27.19
CA ASN A 1080 18.14 -30.00 26.94
C ASN A 1080 17.23 -30.05 25.71
N ILE A 1081 16.52 -28.97 25.37
CA ILE A 1081 15.68 -29.04 24.17
C ILE A 1081 16.54 -29.15 22.93
N ASP A 1082 17.68 -28.45 22.88
CA ASP A 1082 18.53 -28.58 21.70
C ASP A 1082 19.00 -30.02 21.51
N GLU A 1083 19.55 -30.62 22.57
CA GLU A 1083 20.01 -32.02 22.46
C GLU A 1083 18.87 -32.98 22.13
N ILE A 1084 17.71 -32.81 22.80
CA ILE A 1084 16.58 -33.72 22.63
C ILE A 1084 16.05 -33.68 21.21
N TYR A 1085 15.93 -32.48 20.63
CA TYR A 1085 15.40 -32.38 19.28
C TYR A 1085 16.33 -33.04 18.28
N LYS A 1086 17.65 -32.83 18.43
CA LYS A 1086 18.59 -33.53 17.56
C LYS A 1086 18.44 -35.04 17.69
N ALA A 1087 18.25 -35.53 18.91
CA ALA A 1087 18.14 -36.98 19.09
C ALA A 1087 16.84 -37.52 18.52
N LEU A 1088 15.74 -36.78 18.67
CA LEU A 1088 14.42 -37.28 18.32
C LEU A 1088 14.21 -37.29 16.82
N SER A 1089 14.70 -36.28 16.11
CA SER A 1089 14.49 -36.32 14.66
C SER A 1089 15.40 -37.32 13.95
N ARG A 1090 16.27 -38.03 14.69
CA ARG A 1090 17.27 -38.96 14.13
C ARG A 1090 18.02 -38.39 12.94
N ASN A 1091 18.25 -37.08 12.98
CA ASN A 1091 19.07 -36.40 11.99
C ASN A 1091 20.16 -35.64 12.74
N SER A 1092 20.85 -34.73 12.07
CA SER A 1092 21.81 -33.90 12.77
C SER A 1092 21.86 -32.48 12.21
N SER A 1093 20.83 -32.06 11.50
CA SER A 1093 20.81 -30.72 10.92
C SER A 1093 19.65 -29.89 11.44
N ALA A 1094 19.06 -30.27 12.56
CA ALA A 1094 17.95 -29.55 13.12
C ALA A 1094 18.43 -28.74 14.31
N GLN A 1095 17.88 -27.55 14.47
CA GLN A 1095 18.13 -26.76 15.65
C GLN A 1095 16.80 -26.31 16.24
N ALA A 1096 16.84 -25.95 17.50
CA ALA A 1096 15.68 -25.37 18.16
C ALA A 1096 16.19 -24.38 19.18
N PHE A 1097 15.77 -23.13 19.06
CA PHE A 1097 16.19 -22.08 19.95
C PHE A 1097 15.00 -21.63 20.76
N LEU A 1098 15.16 -21.67 22.07
CA LEU A 1098 14.11 -21.30 23.02
C LEU A 1098 14.60 -20.02 23.68
N GLY A 1099 14.20 -18.88 23.14
CA GLY A 1099 14.80 -17.62 23.53
C GLY A 1099 13.83 -16.63 24.13
N PRO A 1100 14.28 -15.90 25.14
CA PRO A 1100 13.43 -14.90 25.78
C PRO A 1100 13.57 -13.54 25.08
N GLU A 1101 12.59 -12.69 25.34
CA GLU A 1101 12.72 -11.27 25.08
C GLU A 1101 12.98 -10.57 26.39
N ASN A 1102 13.58 -9.38 26.29
CA ASN A 1102 13.94 -8.53 27.42
C ASN A 1102 14.88 -9.31 28.35
N PRO A 1103 16.10 -9.62 27.93
CA PRO A 1103 16.89 -10.63 28.64
C PRO A 1103 17.46 -10.17 29.97
N GLU A 1104 17.00 -9.05 30.50
CA GLU A 1104 17.34 -8.64 31.86
C GLU A 1104 16.31 -9.09 32.88
N GLU A 1105 15.05 -9.14 32.48
CA GLU A 1105 13.97 -9.67 33.33
C GLU A 1105 13.12 -10.57 32.47
N PRO A 1106 13.56 -11.81 32.25
CA PRO A 1106 12.84 -12.70 31.33
C PRO A 1106 11.42 -13.03 31.79
N TYR A 1107 11.16 -13.03 33.09
CA TYR A 1107 9.85 -13.39 33.59
C TYR A 1107 8.75 -12.38 33.25
N LEU A 1108 9.11 -11.18 32.85
CA LEU A 1108 8.12 -10.15 32.61
C LEU A 1108 7.64 -10.06 31.17
N ASP A 1109 8.30 -10.75 30.25
CA ASP A 1109 7.96 -10.68 28.84
C ASP A 1109 7.89 -12.07 28.25
N GLY A 1110 7.16 -12.17 27.13
CA GLY A 1110 6.98 -13.44 26.48
C GLY A 1110 8.26 -14.05 25.97
N ILE A 1111 8.28 -15.39 25.97
CA ILE A 1111 9.40 -16.18 25.48
C ILE A 1111 8.94 -16.82 24.20
N ASN A 1112 9.85 -17.04 23.26
CA ASN A 1112 9.43 -17.62 22.00
C ASN A 1112 10.34 -18.77 21.62
N TYR A 1113 9.92 -19.48 20.59
CA TYR A 1113 10.41 -20.81 20.29
C TYR A 1113 10.50 -20.90 18.78
N ASN A 1114 11.70 -21.07 18.26
CA ASN A 1114 11.88 -21.16 16.82
C ASN A 1114 12.68 -22.40 16.51
N CYS A 1115 12.15 -23.23 15.62
CA CYS A 1115 12.82 -24.47 15.28
C CYS A 1115 13.08 -24.51 13.78
N VAL A 1116 14.12 -25.20 13.41
CA VAL A 1116 14.45 -25.42 12.01
C VAL A 1116 14.03 -26.84 11.68
N ALA A 1117 13.58 -27.04 10.45
CA ALA A 1117 13.14 -28.34 9.96
C ALA A 1117 14.29 -29.33 9.95
N PRO A 1118 14.05 -30.63 9.73
CA PRO A 1118 15.19 -31.55 9.59
C PRO A 1118 16.08 -31.29 8.40
N GLY A 1119 15.55 -30.79 7.30
CA GLY A 1119 16.41 -30.61 6.14
C GLY A 1119 16.15 -29.37 5.31
N LYS A 1120 15.72 -28.28 5.93
CA LYS A 1120 15.22 -27.13 5.18
C LYS A 1120 15.81 -25.86 5.77
N ARG A 1121 15.27 -24.72 5.34
CA ARG A 1121 15.74 -23.41 5.75
C ARG A 1121 15.03 -22.94 7.01
N PHE A 1122 15.53 -21.85 7.59
CA PHE A 1122 14.90 -21.25 8.75
C PHE A 1122 13.66 -20.47 8.33
N ARG A 1123 12.50 -20.88 8.82
CA ARG A 1123 11.24 -20.20 8.58
C ARG A 1123 10.53 -19.97 9.89
N PRO A 1124 9.64 -19.00 9.97
CA PRO A 1124 8.89 -18.79 11.20
C PRO A 1124 7.98 -19.97 11.50
N MET A 1125 7.70 -20.14 12.79
CA MET A 1125 7.00 -21.31 13.30
C MET A 1125 5.66 -21.53 12.62
N ASP A 1126 4.97 -20.45 12.26
CA ASP A 1126 3.66 -20.56 11.62
C ASP A 1126 3.74 -21.25 10.27
N ASN A 1127 4.79 -20.98 9.49
CA ASN A 1127 4.88 -21.52 8.13
C ASN A 1127 5.00 -23.04 8.09
N LEU A 1128 5.66 -23.65 9.06
CA LEU A 1128 5.98 -25.08 9.02
C LEU A 1128 4.71 -25.93 8.91
N SER A 1129 4.84 -27.06 8.23
CA SER A 1129 3.74 -27.98 8.04
C SER A 1129 3.41 -28.71 9.34
N GLY A 1130 2.24 -29.36 9.34
CA GLY A 1130 1.77 -30.05 10.54
C GLY A 1130 2.70 -31.15 11.02
N GLY A 1131 3.31 -31.87 10.08
CA GLY A 1131 4.19 -32.97 10.45
C GLY A 1131 5.38 -32.52 11.27
N GLU A 1132 5.97 -31.38 10.93
CA GLU A 1132 7.05 -30.85 11.76
C GLU A 1132 6.51 -30.25 13.05
N LYS A 1133 5.33 -29.62 12.99
CA LYS A 1133 4.74 -29.00 14.18
C LYS A 1133 4.57 -30.00 15.31
N THR A 1134 4.07 -31.20 15.00
CA THR A 1134 3.87 -32.16 16.09
C THR A 1134 5.18 -32.67 16.67
N VAL A 1135 6.22 -32.82 15.84
CA VAL A 1135 7.51 -33.25 16.38
C VAL A 1135 8.12 -32.15 17.23
N ALA A 1136 7.92 -30.88 16.85
CA ALA A 1136 8.41 -29.77 17.65
C ALA A 1136 7.76 -29.74 19.01
N ALA A 1137 6.43 -29.89 19.05
CA ALA A 1137 5.73 -29.90 20.32
C ALA A 1137 6.17 -31.06 21.20
N LEU A 1138 6.38 -32.23 20.61
CA LEU A 1138 6.89 -33.36 21.38
C LEU A 1138 8.25 -33.06 21.97
N ALA A 1139 9.11 -32.40 21.19
CA ALA A 1139 10.44 -32.00 21.69
C ALA A 1139 10.31 -31.08 22.90
N LEU A 1140 9.45 -30.07 22.80
CA LEU A 1140 9.30 -29.14 23.92
C LEU A 1140 8.78 -29.85 25.17
N LEU A 1141 7.79 -30.72 25.02
CA LEU A 1141 7.26 -31.49 26.14
C LEU A 1141 8.36 -32.30 26.82
N PHE A 1142 9.11 -33.06 26.03
CA PHE A 1142 10.13 -33.94 26.59
C PHE A 1142 11.23 -33.15 27.27
N ALA A 1143 11.57 -31.97 26.76
CA ALA A 1143 12.57 -31.14 27.42
C ALA A 1143 12.08 -30.66 28.78
N ILE A 1144 10.90 -30.02 28.80
CA ILE A 1144 10.32 -29.52 30.04
C ILE A 1144 10.24 -30.62 31.09
N HIS A 1145 9.81 -31.81 30.68
CA HIS A 1145 9.82 -32.94 31.62
C HIS A 1145 11.24 -33.29 32.04
N SER A 1146 12.20 -33.22 31.12
CA SER A 1146 13.57 -33.59 31.44
C SER A 1146 14.25 -32.63 32.40
N TYR A 1147 13.70 -31.45 32.63
CA TYR A 1147 14.23 -30.64 33.74
C TYR A 1147 13.77 -31.20 35.08
N LYS A 1148 12.46 -31.23 35.32
CA LYS A 1148 11.90 -31.71 36.58
C LYS A 1148 11.03 -32.92 36.29
N PRO A 1149 11.33 -34.08 36.84
CA PRO A 1149 10.65 -35.31 36.44
C PRO A 1149 9.18 -35.31 36.80
N ALA A 1150 8.43 -36.15 36.07
CA ALA A 1150 7.03 -36.39 36.30
C ALA A 1150 6.85 -37.88 36.03
N PRO A 1151 6.17 -38.60 36.92
CA PRO A 1151 6.19 -40.07 36.87
C PRO A 1151 5.58 -40.69 35.62
N PHE A 1152 4.76 -39.96 34.87
CA PHE A 1152 4.11 -40.56 33.71
C PHE A 1152 3.57 -39.47 32.81
N PHE A 1153 3.33 -39.85 31.56
CA PHE A 1153 2.61 -39.04 30.59
C PHE A 1153 1.22 -39.63 30.38
N VAL A 1154 0.41 -38.93 29.59
CA VAL A 1154 -0.79 -39.49 28.97
C VAL A 1154 -0.91 -38.93 27.55
N LEU A 1155 -0.43 -39.68 26.58
CA LEU A 1155 -0.44 -39.18 25.21
C LEU A 1155 -1.70 -39.67 24.52
N ASP A 1156 -2.45 -38.75 23.94
CA ASP A 1156 -3.75 -39.08 23.37
C ASP A 1156 -3.78 -38.69 21.90
N GLN A 1157 -3.49 -39.67 21.04
CA GLN A 1157 -3.46 -39.50 19.59
C GLN A 1157 -2.54 -38.36 19.19
N ILE A 1158 -1.25 -38.57 19.48
CA ILE A 1158 -0.25 -37.67 18.94
C ILE A 1158 0.03 -37.97 17.48
N ASP A 1159 -0.21 -39.20 17.04
CA ASP A 1159 0.00 -39.54 15.64
C ASP A 1159 -1.21 -39.18 14.77
N ALA A 1160 -1.66 -37.94 14.87
CA ALA A 1160 -2.79 -37.50 14.08
C ALA A 1160 -2.43 -37.40 12.61
N ALA A 1161 -1.26 -36.85 12.30
CA ALA A 1161 -0.89 -36.54 10.94
C ALA A 1161 0.43 -37.15 10.51
N LEU A 1162 1.11 -37.89 11.39
CA LEU A 1162 2.45 -38.36 11.08
C LEU A 1162 2.37 -39.55 10.12
N ASP A 1163 3.31 -39.60 9.18
CA ASP A 1163 3.44 -40.74 8.28
C ASP A 1163 4.08 -41.94 8.97
N ASN A 1164 4.07 -43.08 8.27
CA ASN A 1164 4.59 -44.32 8.85
C ASN A 1164 6.05 -44.23 9.27
N THR A 1165 6.87 -43.50 8.50
CA THR A 1165 8.27 -43.36 8.88
C THR A 1165 8.44 -42.54 10.15
N ASN A 1166 7.83 -41.36 10.18
CA ASN A 1166 7.95 -40.50 11.36
C ASN A 1166 7.32 -41.15 12.58
N ILE A 1167 6.19 -41.83 12.41
CA ILE A 1167 5.58 -42.52 13.55
C ILE A 1167 6.54 -43.59 14.05
N GLY A 1168 7.23 -44.27 13.14
CA GLY A 1168 8.21 -45.26 13.56
C GLY A 1168 9.33 -44.65 14.38
N LYS A 1169 9.82 -43.48 13.94
CA LYS A 1169 10.88 -42.80 14.67
C LYS A 1169 10.43 -42.38 16.06
N VAL A 1170 9.23 -41.80 16.16
CA VAL A 1170 8.72 -41.36 17.45
C VAL A 1170 8.50 -42.56 18.38
N ALA A 1171 7.95 -43.64 17.84
CA ALA A 1171 7.71 -44.85 18.64
C ALA A 1171 9.02 -45.43 19.14
N ASN A 1172 10.05 -45.45 18.29
CA ASN A 1172 11.35 -45.95 18.70
C ASN A 1172 11.89 -45.12 19.85
N TYR A 1173 11.75 -43.79 19.77
CA TYR A 1173 12.24 -42.95 20.86
C TYR A 1173 11.46 -43.24 22.15
N ILE A 1174 10.14 -43.40 22.06
CA ILE A 1174 9.36 -43.67 23.28
C ILE A 1174 9.80 -44.98 23.90
N LYS A 1175 10.02 -46.00 23.08
CA LYS A 1175 10.47 -47.29 23.61
C LYS A 1175 11.86 -47.18 24.23
N GLU A 1176 12.76 -46.45 23.59
CA GLU A 1176 14.13 -46.31 24.09
C GLU A 1176 14.21 -45.41 25.31
N GLN A 1177 13.15 -44.68 25.63
CA GLN A 1177 13.14 -43.78 26.79
C GLN A 1177 12.25 -44.27 27.91
N SER A 1178 11.32 -45.19 27.63
CA SER A 1178 10.23 -45.48 28.54
C SER A 1178 10.66 -46.31 29.73
N THR A 1179 11.74 -47.09 29.57
CA THR A 1179 12.14 -48.05 30.60
C THR A 1179 12.45 -47.38 31.93
N CYS A 1180 13.41 -46.45 31.95
CA CYS A 1180 13.96 -45.95 33.20
C CYS A 1180 13.77 -44.45 33.38
N ASN A 1181 12.85 -43.84 32.65
CA ASN A 1181 12.68 -42.40 32.77
C ASN A 1181 11.26 -41.96 33.13
N PHE A 1182 10.24 -42.59 32.56
CA PHE A 1182 8.85 -42.27 32.87
C PHE A 1182 7.95 -43.32 32.26
N GLN A 1183 6.81 -43.56 32.92
CA GLN A 1183 5.78 -44.40 32.37
C GLN A 1183 4.98 -43.61 31.34
N ALA A 1184 4.64 -44.25 30.23
CA ALA A 1184 3.95 -43.56 29.15
C ALA A 1184 2.80 -44.41 28.66
N ILE A 1185 1.59 -43.87 28.67
CA ILE A 1185 0.41 -44.57 28.20
C ILE A 1185 -0.19 -43.78 27.05
N VAL A 1186 -0.39 -44.45 25.93
CA VAL A 1186 -0.77 -43.78 24.69
C VAL A 1186 -2.10 -44.32 24.22
N ILE A 1187 -2.83 -43.48 23.49
CA ILE A 1187 -4.03 -43.88 22.78
C ILE A 1187 -3.76 -43.67 21.30
N SER A 1188 -3.90 -44.72 20.50
CA SER A 1188 -3.65 -44.56 19.09
C SER A 1188 -4.44 -45.58 18.29
N LEU A 1189 -4.46 -45.36 16.98
CA LEU A 1189 -5.15 -46.20 16.02
C LEU A 1189 -4.22 -46.86 15.02
N LYS A 1190 -3.21 -46.13 14.54
CA LYS A 1190 -2.25 -46.70 13.60
C LYS A 1190 -1.48 -47.83 14.26
N GLU A 1191 -1.53 -49.02 13.64
CA GLU A 1191 -0.94 -50.21 14.25
C GLU A 1191 0.57 -50.11 14.41
N GLU A 1192 1.23 -49.21 13.67
CA GLU A 1192 2.66 -49.02 13.83
C GLU A 1192 3.01 -48.34 15.14
N PHE A 1193 2.03 -47.84 15.88
CA PHE A 1193 2.32 -47.18 17.15
C PHE A 1193 2.00 -48.04 18.35
N TYR A 1194 0.96 -48.87 18.28
CA TYR A 1194 0.66 -49.81 19.36
C TYR A 1194 1.20 -51.20 19.07
N THR A 1195 1.97 -51.37 18.00
CA THR A 1195 2.65 -52.64 17.80
C THR A 1195 3.92 -52.72 18.64
N LYS A 1196 4.68 -51.63 18.70
CA LYS A 1196 5.84 -51.55 19.58
C LYS A 1196 5.48 -51.65 21.05
N ALA A 1197 4.20 -51.42 21.40
CA ALA A 1197 3.77 -51.49 22.78
C ALA A 1197 3.97 -52.88 23.36
N GLU A 1198 3.85 -52.97 24.68
CA GLU A 1198 4.11 -54.22 25.37
C GLU A 1198 2.90 -54.77 26.12
N SER A 1199 1.86 -53.99 26.33
CA SER A 1199 0.65 -54.49 26.95
C SER A 1199 -0.52 -53.65 26.47
N LEU A 1200 -1.55 -54.30 25.97
CA LEU A 1200 -2.67 -53.61 25.34
C LEU A 1200 -3.88 -53.67 26.25
N ILE A 1201 -4.75 -52.68 26.13
CA ILE A 1201 -5.95 -52.57 26.96
C ILE A 1201 -7.11 -52.24 26.02
N GLY A 1202 -7.83 -53.28 25.59
CA GLY A 1202 -8.95 -53.06 24.70
C GLY A 1202 -10.16 -52.53 25.45
N VAL A 1203 -10.90 -51.67 24.76
CA VAL A 1203 -12.05 -50.96 25.32
C VAL A 1203 -13.20 -51.07 24.32
N TYR A 1204 -14.30 -51.68 24.74
CA TYR A 1204 -15.38 -52.00 23.81
C TYR A 1204 -16.73 -51.58 24.35
N PRO A 1205 -17.67 -51.24 23.47
CA PRO A 1205 -18.97 -50.75 23.94
C PRO A 1205 -20.00 -51.86 24.05
N GLU A 1206 -21.13 -51.50 24.67
CA GLU A 1206 -22.30 -52.36 24.76
C GLU A 1206 -23.54 -51.47 24.69
N GLN A 1207 -24.50 -51.90 23.88
CA GLN A 1207 -25.77 -51.19 23.73
C GLN A 1207 -26.55 -51.16 25.04
N GLY A 1208 -27.26 -50.06 25.25
CA GLY A 1208 -28.03 -49.89 26.46
C GLY A 1208 -28.84 -48.62 26.35
N ASP A 1209 -29.36 -48.18 27.51
CA ASP A 1209 -30.00 -46.86 27.58
C ASP A 1209 -29.04 -45.78 27.11
N CYS A 1210 -27.77 -45.90 27.46
CA CYS A 1210 -26.68 -45.17 26.83
C CYS A 1210 -25.52 -46.14 26.65
N VAL A 1211 -24.55 -45.75 25.82
CA VAL A 1211 -23.46 -46.64 25.46
C VAL A 1211 -22.61 -46.95 26.68
N ILE A 1212 -22.65 -48.20 27.13
CA ILE A 1212 -21.94 -48.63 28.34
C ILE A 1212 -20.66 -49.32 27.93
N SER A 1213 -19.53 -48.83 28.41
CA SER A 1213 -18.25 -49.32 27.93
C SER A 1213 -17.66 -50.29 28.94
N LYS A 1214 -16.78 -51.15 28.45
CA LYS A 1214 -16.09 -52.13 29.29
C LYS A 1214 -14.67 -52.32 28.78
N VAL A 1215 -13.86 -52.98 29.59
CA VAL A 1215 -12.41 -53.03 29.41
C VAL A 1215 -11.92 -54.47 29.55
N LEU A 1216 -10.89 -54.82 28.78
CA LEU A 1216 -10.21 -56.10 28.98
C LEU A 1216 -8.80 -56.03 28.41
N THR A 1217 -7.86 -56.70 29.08
CA THR A 1217 -6.44 -56.48 28.84
C THR A 1217 -5.84 -57.58 27.98
N PHE A 1218 -4.55 -57.43 27.65
CA PHE A 1218 -3.86 -58.38 26.79
C PHE A 1218 -2.36 -58.19 26.97
N ASP A 1219 -1.63 -59.28 27.15
CA ASP A 1219 -0.19 -59.25 27.30
C ASP A 1219 0.48 -59.40 25.93
N LEU A 1220 1.68 -58.82 25.80
CA LEU A 1220 2.34 -58.85 24.50
C LEU A 1220 3.85 -59.05 24.62
N THR A 1221 4.35 -59.60 25.71
CA THR A 1221 5.76 -59.87 25.85
C THR A 1221 5.97 -61.38 25.96
N LYS A 1222 5.26 -62.13 25.13
CA LYS A 1222 5.54 -63.54 24.92
C LYS A 1222 5.42 -63.85 23.44
N TYR A 1223 6.00 -63.00 22.60
CA TYR A 1223 5.87 -63.14 21.16
C TYR A 1223 7.16 -62.65 20.51
N PRO A 1224 7.45 -63.11 19.30
CA PRO A 1224 8.62 -62.58 18.57
C PRO A 1224 8.29 -61.28 17.88
N ASP A 1225 9.35 -60.62 17.40
CA ASP A 1225 9.41 -59.28 16.76
C ASP A 1225 8.15 -58.40 16.72
N MET B 1 -16.31 -25.66 -11.75
CA MET B 1 -17.07 -26.57 -12.57
C MET B 1 -16.35 -27.90 -12.71
N TYR B 2 -15.18 -27.85 -13.35
CA TYR B 2 -14.38 -29.04 -13.59
C TYR B 2 -12.96 -28.54 -13.84
N ILE B 3 -12.12 -28.57 -12.81
CA ILE B 3 -10.83 -27.89 -12.86
C ILE B 3 -9.92 -28.63 -13.85
N LYS B 4 -9.64 -28.00 -14.99
CA LYS B 4 -8.84 -28.68 -16.00
C LYS B 4 -7.40 -28.83 -15.53
N GLN B 5 -6.74 -27.72 -15.17
CA GLN B 5 -5.40 -27.82 -14.57
C GLN B 5 -4.99 -26.48 -13.95
N VAL B 6 -3.83 -26.50 -13.31
CA VAL B 6 -3.31 -25.38 -12.54
C VAL B 6 -1.85 -25.15 -12.90
N ILE B 7 -1.41 -23.89 -12.79
CA ILE B 7 -0.08 -23.43 -13.14
C ILE B 7 0.42 -22.57 -11.99
N ILE B 8 1.63 -22.80 -11.53
CA ILE B 8 2.16 -22.12 -10.35
C ILE B 8 3.59 -21.71 -10.64
N GLN B 9 3.95 -20.48 -10.25
CA GLN B 9 5.35 -20.04 -10.31
C GLN B 9 5.68 -19.22 -9.09
N GLY B 10 6.63 -19.72 -8.31
CA GLY B 10 7.21 -19.00 -7.20
C GLY B 10 6.27 -18.73 -6.04
N PHE B 11 5.29 -19.60 -5.82
CA PHE B 11 4.27 -19.27 -4.83
C PHE B 11 4.72 -19.58 -3.42
N ARG B 12 4.77 -20.86 -3.06
CA ARG B 12 5.15 -21.18 -1.70
C ARG B 12 6.31 -22.16 -1.64
N SER B 13 6.25 -23.24 -2.38
CA SER B 13 7.46 -24.04 -2.54
C SER B 13 7.55 -24.58 -3.95
N TYR B 14 6.81 -24.02 -4.88
CA TYR B 14 6.82 -24.41 -6.28
C TYR B 14 7.56 -23.32 -7.03
N ARG B 15 8.81 -23.59 -7.42
CA ARG B 15 9.57 -22.62 -8.20
C ARG B 15 8.92 -22.37 -9.54
N ASP B 16 8.90 -23.39 -10.37
CA ASP B 16 8.37 -23.29 -11.73
C ASP B 16 7.60 -24.56 -11.99
N GLN B 17 6.28 -24.47 -11.96
CA GLN B 17 5.43 -25.64 -12.11
C GLN B 17 4.64 -25.49 -13.40
N THR B 18 5.11 -26.17 -14.45
CA THR B 18 4.44 -26.14 -15.74
C THR B 18 3.26 -27.10 -15.71
N ILE B 19 2.69 -27.38 -16.88
CA ILE B 19 1.40 -28.05 -16.95
C ILE B 19 1.52 -29.50 -16.51
N VAL B 20 0.41 -30.02 -16.00
CA VAL B 20 0.27 -31.40 -15.55
C VAL B 20 -0.90 -31.99 -16.33
N ASP B 21 -0.86 -33.30 -16.56
CA ASP B 21 -1.95 -33.99 -17.23
C ASP B 21 -3.27 -33.71 -16.50
N PRO B 22 -4.34 -33.38 -17.22
CA PRO B 22 -5.50 -32.76 -16.59
C PRO B 22 -6.17 -33.63 -15.56
N PHE B 23 -6.85 -32.99 -14.61
CA PHE B 23 -7.61 -33.70 -13.60
C PHE B 23 -8.78 -34.43 -14.22
N SER B 24 -9.41 -35.27 -13.43
CA SER B 24 -10.61 -35.96 -13.87
C SER B 24 -11.83 -35.32 -13.23
N SER B 25 -12.99 -35.86 -13.56
CA SER B 25 -14.23 -35.34 -13.00
C SER B 25 -14.58 -35.99 -11.67
N LYS B 26 -14.18 -37.23 -11.45
CA LYS B 26 -14.76 -37.99 -10.35
C LYS B 26 -14.01 -37.81 -9.04
N HIS B 27 -12.75 -38.24 -8.98
CA HIS B 27 -12.07 -38.30 -7.69
C HIS B 27 -10.57 -38.35 -7.92
N ASN B 28 -9.87 -37.28 -7.55
CA ASN B 28 -8.43 -37.17 -7.76
C ASN B 28 -7.73 -37.10 -6.41
N VAL B 29 -7.21 -38.21 -5.95
CA VAL B 29 -6.56 -38.29 -4.65
C VAL B 29 -5.08 -37.97 -4.81
N ILE B 30 -4.56 -37.13 -3.91
CA ILE B 30 -3.15 -36.75 -3.88
C ILE B 30 -2.51 -37.42 -2.68
N VAL B 31 -1.35 -38.04 -2.88
CA VAL B 31 -0.57 -38.57 -1.78
C VAL B 31 0.85 -38.01 -1.89
N GLY B 32 1.57 -38.07 -0.77
CA GLY B 32 2.91 -37.55 -0.72
C GLY B 32 3.52 -37.65 0.66
N ARG B 33 4.85 -37.81 0.71
CA ARG B 33 5.58 -38.01 1.96
C ARG B 33 5.36 -36.83 2.91
N ASN B 34 5.44 -37.12 4.21
CA ASN B 34 5.15 -36.15 5.26
C ASN B 34 6.10 -34.98 5.23
N GLY B 35 5.58 -33.80 4.91
CA GLY B 35 6.42 -32.63 4.71
C GLY B 35 6.78 -32.32 3.28
N SER B 36 6.22 -33.03 2.31
CA SER B 36 6.56 -32.78 0.91
C SER B 36 6.01 -31.47 0.41
N GLY B 37 4.88 -31.03 0.93
CA GLY B 37 4.23 -29.90 0.32
C GLY B 37 3.06 -30.26 -0.58
N LYS B 38 2.10 -31.01 -0.06
CA LYS B 38 0.86 -31.12 -0.81
C LYS B 38 -0.08 -29.98 -0.48
N SER B 39 -0.20 -29.59 0.79
CA SER B 39 -1.11 -28.53 1.22
C SER B 39 -0.92 -27.22 0.46
N ASN B 40 0.27 -26.96 -0.08
CA ASN B 40 0.47 -25.71 -0.81
C ASN B 40 -0.30 -25.70 -2.12
N PHE B 41 -0.56 -26.88 -2.68
CA PHE B 41 -1.48 -26.98 -3.81
C PHE B 41 -2.82 -26.36 -3.46
N PHE B 42 -3.45 -26.85 -2.40
CA PHE B 42 -4.75 -26.32 -1.99
C PHE B 42 -4.65 -24.87 -1.57
N TYR B 43 -3.52 -24.46 -0.99
CA TYR B 43 -3.36 -23.04 -0.69
C TYR B 43 -3.30 -22.20 -1.96
N ALA B 44 -2.76 -22.73 -3.05
CA ALA B 44 -2.83 -22.00 -4.32
C ALA B 44 -4.27 -21.89 -4.80
N ILE B 45 -4.94 -23.04 -4.92
CA ILE B 45 -6.33 -23.13 -5.36
C ILE B 45 -7.23 -22.21 -4.56
N GLN B 46 -6.90 -21.99 -3.29
CA GLN B 46 -7.70 -21.13 -2.44
C GLN B 46 -7.20 -19.70 -2.46
N PHE B 47 -5.92 -19.48 -2.76
CA PHE B 47 -5.38 -18.13 -2.85
C PHE B 47 -5.96 -17.39 -4.04
N VAL B 48 -6.28 -18.10 -5.11
CA VAL B 48 -6.89 -17.43 -6.25
C VAL B 48 -8.38 -17.24 -6.03
N LEU B 49 -9.13 -18.33 -5.87
CA LEU B 49 -10.59 -18.28 -5.93
C LEU B 49 -11.24 -17.73 -4.67
N SER B 50 -10.54 -17.69 -3.55
CA SER B 50 -11.15 -17.29 -2.28
C SER B 50 -10.50 -16.01 -1.80
N ASP B 51 -11.32 -14.99 -1.55
CA ASP B 51 -10.83 -13.69 -1.11
C ASP B 51 -10.22 -13.71 0.30
N GLU B 52 -10.66 -14.62 1.18
CA GLU B 52 -10.29 -14.56 2.59
C GLU B 52 -8.78 -14.60 2.82
N PHE B 53 -8.04 -15.32 1.98
CA PHE B 53 -6.60 -15.48 2.19
C PHE B 53 -5.88 -14.14 2.13
N SER B 54 -6.28 -13.26 1.21
CA SER B 54 -5.58 -11.99 1.00
C SER B 54 -6.08 -10.89 1.94
N HIS B 55 -6.02 -11.18 3.24
CA HIS B 55 -6.30 -10.20 4.29
C HIS B 55 -5.13 -10.05 5.25
N LEU B 56 -3.98 -10.63 4.91
CA LEU B 56 -2.79 -10.70 5.75
C LEU B 56 -2.00 -9.39 5.79
N ARG B 57 -1.06 -9.36 6.73
CA ARG B 57 -0.14 -8.25 6.94
C ARG B 57 0.86 -8.22 5.80
N PRO B 58 1.52 -7.07 5.55
CA PRO B 58 2.53 -7.03 4.48
C PRO B 58 3.68 -8.00 4.69
N GLU B 59 4.03 -8.30 5.94
CA GLU B 59 5.07 -9.28 6.22
C GLU B 59 4.71 -10.63 5.64
N GLN B 60 3.45 -11.06 5.81
CA GLN B 60 3.03 -12.35 5.28
C GLN B 60 3.13 -12.38 3.76
N ARG B 61 2.78 -11.28 3.09
CA ARG B 61 2.93 -11.22 1.63
C ARG B 61 4.39 -11.34 1.24
N LEU B 62 5.26 -10.69 2.00
CA LEU B 62 6.70 -10.80 1.74
C LEU B 62 7.15 -12.23 1.94
N ALA B 63 6.58 -12.93 2.91
CA ALA B 63 6.96 -14.30 3.23
C ALA B 63 6.21 -15.33 2.40
N LEU B 64 5.41 -14.91 1.43
CA LEU B 64 4.64 -15.86 0.63
C LEU B 64 5.27 -15.96 -0.76
N LEU B 65 6.59 -16.08 -0.81
CA LEU B 65 7.30 -16.21 -2.07
C LEU B 65 8.42 -17.21 -1.89
N HIS B 66 8.64 -18.04 -2.93
CA HIS B 66 9.69 -19.06 -2.91
C HIS B 66 11.03 -18.40 -2.64
N GLU B 67 11.61 -18.61 -1.47
CA GLU B 67 12.89 -18.04 -1.12
C GLU B 67 14.00 -19.07 -1.09
N GLY B 68 13.91 -20.08 -1.95
CA GLY B 68 14.77 -21.25 -1.87
C GLY B 68 16.25 -21.07 -2.11
N THR B 69 16.64 -20.77 -3.33
CA THR B 69 18.04 -20.70 -3.71
C THR B 69 18.21 -19.64 -4.80
N GLY B 70 19.46 -19.39 -5.18
CA GLY B 70 19.78 -18.44 -6.21
C GLY B 70 19.30 -17.04 -5.86
N PRO B 71 18.79 -16.31 -6.84
CA PRO B 71 18.17 -15.01 -6.56
C PRO B 71 16.89 -15.13 -5.74
N ARG B 72 16.30 -14.01 -5.35
CA ARG B 72 15.02 -14.02 -4.65
C ARG B 72 13.95 -13.38 -5.54
N VAL B 73 12.85 -14.09 -5.73
CA VAL B 73 11.84 -13.74 -6.73
C VAL B 73 11.07 -12.53 -6.23
N ILE B 74 10.30 -11.87 -7.10
CA ILE B 74 9.49 -10.74 -6.69
C ILE B 74 8.09 -10.82 -7.31
N SER B 75 7.91 -11.67 -8.32
CA SER B 75 6.65 -11.72 -9.07
C SER B 75 6.16 -13.15 -9.15
N ALA B 76 5.40 -13.59 -8.16
CA ALA B 76 4.82 -14.92 -8.24
C ALA B 76 3.50 -14.86 -8.98
N PHE B 77 3.08 -16.00 -9.52
CA PHE B 77 1.79 -16.01 -10.19
C PHE B 77 1.18 -17.40 -10.19
N VAL B 78 -0.14 -17.45 -9.97
CA VAL B 78 -0.92 -18.67 -9.94
C VAL B 78 -2.02 -18.54 -10.98
N GLU B 79 -2.11 -19.51 -11.87
CA GLU B 79 -3.11 -19.54 -12.93
C GLU B 79 -3.93 -20.82 -12.79
N ILE B 80 -5.22 -20.73 -13.07
CA ILE B 80 -6.12 -21.88 -13.07
C ILE B 80 -6.89 -21.84 -14.37
N ILE B 81 -6.96 -22.96 -15.07
CA ILE B 81 -7.77 -23.05 -16.28
C ILE B 81 -8.82 -24.13 -16.08
N PHE B 82 -10.09 -23.74 -16.17
CA PHE B 82 -11.19 -24.69 -16.08
C PHE B 82 -12.23 -24.39 -17.15
N ASP B 83 -13.03 -25.40 -17.47
CA ASP B 83 -13.88 -25.40 -18.65
C ASP B 83 -15.36 -25.37 -18.27
N ASN B 84 -16.05 -24.30 -18.64
CA ASN B 84 -17.48 -24.21 -18.41
C ASN B 84 -18.25 -24.69 -19.65
N SER B 85 -17.95 -25.94 -20.03
CA SER B 85 -18.67 -26.59 -21.13
C SER B 85 -20.17 -26.62 -20.88
N ASP B 86 -20.58 -26.77 -19.63
CA ASP B 86 -21.98 -26.73 -19.26
C ASP B 86 -22.52 -25.30 -19.14
N ASN B 87 -21.69 -24.30 -19.45
CA ASN B 87 -22.02 -22.88 -19.34
C ASN B 87 -22.54 -22.52 -17.95
N ARG B 88 -22.04 -23.20 -16.92
CA ARG B 88 -22.30 -22.76 -15.56
C ARG B 88 -21.70 -21.37 -15.32
N LEU B 89 -20.45 -21.20 -15.69
CA LEU B 89 -19.86 -19.87 -15.70
C LEU B 89 -20.35 -19.13 -16.95
N PRO B 90 -20.78 -17.86 -16.82
CA PRO B 90 -21.55 -17.25 -17.92
C PRO B 90 -20.74 -16.85 -19.13
N ILE B 91 -19.56 -16.26 -18.97
CA ILE B 91 -18.78 -15.76 -20.09
C ILE B 91 -18.43 -16.92 -21.01
N ASP B 92 -18.95 -16.89 -22.23
CA ASP B 92 -18.89 -18.05 -23.11
C ASP B 92 -17.49 -18.20 -23.68
N LYS B 93 -16.80 -19.23 -23.22
CA LYS B 93 -15.61 -19.76 -23.86
C LYS B 93 -15.59 -21.25 -23.58
N GLU B 94 -14.53 -21.92 -24.05
CA GLU B 94 -14.40 -23.34 -23.76
C GLU B 94 -13.43 -23.65 -22.64
N GLU B 95 -12.49 -22.75 -22.34
CA GLU B 95 -11.54 -22.95 -21.24
C GLU B 95 -11.24 -21.58 -20.66
N VAL B 96 -12.01 -21.19 -19.64
CA VAL B 96 -11.78 -19.93 -18.96
C VAL B 96 -10.50 -20.02 -18.13
N SER B 97 -9.68 -18.98 -18.23
CA SER B 97 -8.39 -18.89 -17.55
C SER B 97 -8.45 -17.73 -16.57
N LEU B 98 -7.98 -17.95 -15.34
CA LEU B 98 -7.91 -16.87 -14.37
C LEU B 98 -6.58 -16.98 -13.64
N ARG B 99 -5.81 -15.90 -13.62
CA ARG B 99 -4.55 -15.90 -12.88
C ARG B 99 -4.45 -14.65 -12.01
N ARG B 100 -3.66 -14.75 -10.95
CA ARG B 100 -3.48 -13.66 -9.99
C ARG B 100 -2.00 -13.35 -9.81
N VAL B 101 -1.47 -12.44 -10.62
CA VAL B 101 -0.09 -12.02 -10.43
C VAL B 101 0.04 -11.29 -9.09
N ILE B 102 1.02 -11.72 -8.30
CA ILE B 102 1.28 -11.16 -6.98
C ILE B 102 2.72 -10.65 -6.94
N GLY B 103 2.89 -9.45 -6.37
CA GLY B 103 4.18 -8.90 -6.07
C GLY B 103 4.09 -8.22 -4.72
N ALA B 104 5.19 -7.61 -4.30
CA ALA B 104 5.19 -6.93 -3.01
C ALA B 104 4.24 -5.74 -2.98
N LYS B 105 3.92 -5.14 -4.13
CA LYS B 105 3.04 -3.97 -4.15
C LYS B 105 1.88 -4.13 -5.14
N LYS B 106 2.05 -4.93 -6.18
CA LYS B 106 1.03 -5.11 -7.21
C LYS B 106 0.27 -6.42 -7.00
N ASP B 107 -1.07 -6.34 -7.00
CA ASP B 107 -1.92 -7.53 -6.94
C ASP B 107 -2.99 -7.46 -8.01
N GLN B 108 -2.88 -8.29 -9.05
CA GLN B 108 -3.72 -8.12 -10.22
C GLN B 108 -4.31 -9.44 -10.69
N TYR B 109 -5.51 -9.35 -11.25
CA TYR B 109 -6.29 -10.46 -11.79
C TYR B 109 -6.35 -10.37 -13.30
N PHE B 110 -5.76 -11.36 -13.97
CA PHE B 110 -5.85 -11.45 -15.42
C PHE B 110 -6.88 -12.52 -15.74
N LEU B 111 -8.01 -12.10 -16.31
CA LEU B 111 -9.06 -13.00 -16.79
C LEU B 111 -9.00 -13.03 -18.32
N ASP B 112 -8.46 -14.13 -18.84
CA ASP B 112 -8.22 -14.32 -20.28
C ASP B 112 -7.45 -13.14 -20.87
N LYS B 113 -6.33 -12.83 -20.23
CA LYS B 113 -5.29 -11.91 -20.69
C LYS B 113 -5.71 -10.45 -20.70
N LYS B 114 -6.89 -10.12 -20.21
CA LYS B 114 -7.30 -8.74 -20.04
C LYS B 114 -7.47 -8.45 -18.55
N MET B 115 -6.92 -7.33 -18.09
CA MET B 115 -6.98 -6.95 -16.68
C MET B 115 -8.43 -6.77 -16.23
N VAL B 116 -8.65 -6.91 -14.92
CA VAL B 116 -9.95 -6.77 -14.28
C VAL B 116 -9.72 -5.84 -13.08
N THR B 117 -10.76 -5.57 -12.29
CA THR B 117 -10.73 -4.52 -11.28
C THR B 117 -11.03 -5.03 -9.87
N LYS B 118 -10.86 -6.33 -9.62
CA LYS B 118 -10.99 -7.01 -8.33
C LYS B 118 -12.42 -7.00 -7.78
N ASN B 119 -13.38 -6.44 -8.50
CA ASN B 119 -14.78 -6.52 -8.08
C ASN B 119 -15.64 -7.24 -9.10
N ASP B 120 -15.49 -6.90 -10.38
CA ASP B 120 -16.14 -7.63 -11.47
C ASP B 120 -15.88 -9.12 -11.36
N VAL B 121 -14.65 -9.50 -11.02
CA VAL B 121 -14.32 -10.91 -10.86
C VAL B 121 -15.06 -11.51 -9.68
N MET B 122 -15.24 -10.75 -8.59
CA MET B 122 -15.95 -11.26 -7.43
C MET B 122 -17.41 -11.52 -7.77
N ASN B 123 -18.07 -10.54 -8.42
CA ASN B 123 -19.45 -10.74 -8.82
C ASN B 123 -19.59 -11.87 -9.83
N LEU B 124 -18.60 -12.03 -10.70
CA LEU B 124 -18.59 -13.14 -11.64
C LEU B 124 -18.57 -14.47 -10.90
N LEU B 125 -17.63 -14.63 -9.98
CA LEU B 125 -17.53 -15.87 -9.21
C LEU B 125 -18.79 -16.12 -8.40
N GLU B 126 -19.40 -15.06 -7.86
CA GLU B 126 -20.70 -15.19 -7.21
C GLU B 126 -21.73 -15.81 -8.15
N SER B 127 -21.87 -15.23 -9.35
CA SER B 127 -22.79 -15.77 -10.34
C SER B 127 -22.48 -17.23 -10.66
N ALA B 128 -21.20 -17.59 -10.69
CA ALA B 128 -20.82 -18.98 -10.95
C ALA B 128 -21.31 -19.92 -9.86
N GLY B 129 -21.30 -19.46 -8.61
CA GLY B 129 -21.71 -20.29 -7.49
C GLY B 129 -20.68 -20.32 -6.39
N PHE B 130 -19.49 -19.79 -6.67
CA PHE B 130 -18.45 -19.69 -5.66
C PHE B 130 -18.85 -18.65 -4.63
N SER B 131 -18.62 -18.95 -3.37
CA SER B 131 -18.81 -17.96 -2.33
C SER B 131 -17.41 -17.53 -1.93
N ARG B 132 -17.01 -16.35 -2.37
CA ARG B 132 -15.64 -15.85 -2.19
C ARG B 132 -15.18 -15.81 -0.73
N SER B 133 -16.09 -15.66 0.22
CA SER B 133 -15.69 -15.53 1.61
C SER B 133 -15.94 -16.76 2.47
N ASN B 134 -16.65 -17.77 1.97
CA ASN B 134 -17.08 -18.89 2.82
C ASN B 134 -15.99 -19.92 3.01
N PRO B 135 -15.60 -20.22 4.25
CA PRO B 135 -14.76 -21.40 4.49
C PRO B 135 -15.41 -22.71 4.04
N TYR B 136 -16.74 -22.79 3.90
CA TYR B 136 -17.43 -24.02 3.52
C TYR B 136 -16.87 -24.56 2.21
N TYR B 137 -16.92 -25.90 2.07
CA TYR B 137 -16.39 -26.72 0.98
C TYR B 137 -14.90 -26.58 0.76
N ILE B 138 -14.16 -26.00 1.71
CA ILE B 138 -12.71 -26.00 1.69
C ILE B 138 -12.28 -26.17 3.14
N VAL B 139 -11.71 -27.32 3.46
CA VAL B 139 -11.52 -27.73 4.85
C VAL B 139 -10.03 -27.93 5.11
N LYS B 140 -9.46 -27.02 5.88
CA LYS B 140 -8.04 -27.07 6.20
C LYS B 140 -7.72 -28.27 7.06
N GLN B 141 -6.48 -28.72 6.94
CA GLN B 141 -5.94 -29.88 7.64
C GLN B 141 -6.19 -29.78 9.14
N GLY B 142 -6.88 -30.77 9.68
CA GLY B 142 -7.20 -30.82 11.09
C GLY B 142 -8.14 -29.75 11.60
N LYS B 143 -9.02 -29.22 10.75
CA LYS B 143 -9.96 -28.19 11.17
C LYS B 143 -11.39 -28.54 10.79
N ILE B 144 -11.71 -29.83 10.68
CA ILE B 144 -13.06 -30.22 10.31
C ILE B 144 -13.97 -30.32 11.52
N ASN B 145 -13.43 -30.80 12.65
CA ASN B 145 -14.19 -30.98 13.89
C ASN B 145 -14.98 -29.74 14.29
N GLN B 146 -14.38 -28.56 14.09
CA GLN B 146 -15.01 -27.31 14.52
C GLN B 146 -16.33 -27.03 13.82
N MET B 147 -16.55 -27.60 12.63
CA MET B 147 -17.83 -27.38 11.97
C MET B 147 -18.98 -28.05 12.70
N ALA B 148 -18.69 -29.04 13.55
CA ALA B 148 -19.75 -29.68 14.31
C ALA B 148 -19.95 -29.04 15.67
N THR B 149 -18.88 -28.71 16.38
CA THR B 149 -18.97 -28.04 17.67
C THR B 149 -19.08 -26.53 17.53
N ALA B 150 -19.46 -26.03 16.37
CA ALA B 150 -19.63 -24.60 16.19
C ALA B 150 -20.91 -24.12 16.86
N PRO B 151 -20.92 -22.90 17.40
CA PRO B 151 -22.15 -22.38 18.00
C PRO B 151 -23.20 -22.13 16.94
N ASP B 152 -24.46 -22.16 17.37
CA ASP B 152 -25.61 -22.27 16.47
C ASP B 152 -25.68 -21.14 15.47
N SER B 153 -25.44 -19.91 15.93
CA SER B 153 -25.60 -18.72 15.09
C SER B 153 -24.75 -18.79 13.83
N GLN B 154 -23.51 -19.28 13.96
CA GLN B 154 -22.66 -19.42 12.79
C GLN B 154 -23.25 -20.41 11.80
N ARG B 155 -23.83 -21.50 12.30
CA ARG B 155 -24.45 -22.46 11.40
C ARG B 155 -25.67 -21.87 10.73
N LEU B 156 -26.40 -20.99 11.42
CA LEU B 156 -27.51 -20.31 10.79
C LEU B 156 -27.04 -19.40 9.66
N LYS B 157 -25.96 -18.66 9.90
CA LYS B 157 -25.39 -17.82 8.85
C LYS B 157 -24.96 -18.65 7.65
N LEU B 158 -24.35 -19.81 7.91
CA LEU B 158 -23.96 -20.72 6.84
C LEU B 158 -25.18 -21.16 6.02
N LEU B 159 -26.25 -21.55 6.72
CA LEU B 159 -27.45 -22.01 6.03
C LEU B 159 -28.12 -20.89 5.24
N ARG B 160 -28.16 -19.68 5.81
CA ARG B 160 -28.70 -18.53 5.11
C ARG B 160 -27.95 -18.25 3.83
N GLU B 161 -26.62 -18.33 3.87
CA GLU B 161 -25.83 -18.20 2.64
C GLU B 161 -26.17 -19.32 1.66
N VAL B 162 -26.28 -20.55 2.16
CA VAL B 162 -26.63 -21.70 1.32
C VAL B 162 -27.93 -21.42 0.56
N ALA B 163 -28.88 -20.75 1.22
CA ALA B 163 -30.11 -20.34 0.54
C ALA B 163 -29.86 -19.35 -0.59
N GLY B 164 -28.74 -18.64 -0.57
CA GLY B 164 -28.45 -17.66 -1.59
C GLY B 164 -29.07 -16.31 -1.31
N THR B 165 -29.10 -15.89 -0.04
CA THR B 165 -29.75 -14.67 0.37
C THR B 165 -28.84 -13.85 1.27
N ARG B 166 -27.54 -13.83 0.96
CA ARG B 166 -26.58 -13.07 1.74
C ARG B 166 -26.28 -11.72 1.10
N VAL B 167 -26.03 -11.73 -0.21
CA VAL B 167 -25.75 -10.51 -0.96
C VAL B 167 -26.94 -9.58 -0.89
N TYR B 168 -28.15 -10.11 -1.03
CA TYR B 168 -29.37 -9.30 -0.93
C TYR B 168 -29.45 -8.63 0.43
N ASP B 169 -29.12 -9.36 1.50
CA ASP B 169 -29.16 -8.80 2.83
C ASP B 169 -28.19 -7.64 2.97
N GLU B 170 -26.96 -7.83 2.49
CA GLU B 170 -25.97 -6.75 2.58
C GLU B 170 -26.42 -5.51 1.81
N ARG B 171 -26.95 -5.70 0.60
CA ARG B 171 -27.37 -4.55 -0.20
C ARG B 171 -28.55 -3.82 0.44
N LYS B 172 -29.52 -4.56 0.99
CA LYS B 172 -30.65 -3.93 1.67
C LYS B 172 -30.19 -3.14 2.89
N GLU B 173 -29.29 -3.72 3.68
CA GLU B 173 -28.75 -3.04 4.85
C GLU B 173 -28.01 -1.76 4.45
N GLU B 174 -27.32 -1.79 3.30
CA GLU B 174 -26.68 -0.58 2.82
C GLU B 174 -27.71 0.47 2.37
N SER B 175 -28.77 0.02 1.69
CA SER B 175 -29.73 0.94 1.10
C SER B 175 -30.53 1.71 2.14
N ILE B 176 -30.74 1.12 3.33
CA ILE B 176 -31.59 1.76 4.34
C ILE B 176 -31.04 3.13 4.75
N SER B 177 -29.72 3.24 4.89
CA SER B 177 -29.10 4.51 5.28
C SER B 177 -29.37 5.60 4.25
N LEU B 178 -29.14 5.29 2.97
CA LEU B 178 -29.46 6.21 1.89
C LEU B 178 -30.92 6.65 1.94
N MET B 179 -31.83 5.69 2.18
CA MET B 179 -33.24 6.01 2.27
C MET B 179 -33.52 7.06 3.35
N LYS B 180 -32.93 6.85 4.54
CA LYS B 180 -33.09 7.82 5.63
C LYS B 180 -32.56 9.20 5.26
N GLU B 181 -31.44 9.24 4.54
CA GLU B 181 -30.88 10.54 4.19
C GLU B 181 -31.74 11.27 3.16
N THR B 182 -32.32 10.53 2.20
CA THR B 182 -33.28 11.18 1.32
C THR B 182 -34.50 11.69 2.08
N GLU B 183 -34.88 11.02 3.17
CA GLU B 183 -35.99 11.55 3.99
C GLU B 183 -35.64 12.92 4.55
N GLY B 184 -34.44 13.04 5.14
CA GLY B 184 -33.97 14.35 5.57
C GLY B 184 -33.99 15.40 4.46
N LYS B 185 -33.54 15.00 3.27
CA LYS B 185 -33.52 15.91 2.11
C LYS B 185 -34.94 16.38 1.76
N ARG B 186 -35.91 15.46 1.80
CA ARG B 186 -37.28 15.83 1.42
C ARG B 186 -37.88 16.81 2.42
N GLU B 187 -37.59 16.62 3.71
CA GLU B 187 -37.99 17.60 4.71
C GLU B 187 -37.47 19.00 4.37
N LYS B 188 -36.17 19.09 4.07
CA LYS B 188 -35.58 20.38 3.72
C LYS B 188 -36.25 21.00 2.49
N ILE B 189 -36.56 20.18 1.48
CA ILE B 189 -37.20 20.67 0.26
C ILE B 189 -38.55 21.30 0.57
N ASN B 190 -39.36 20.64 1.40
CA ASN B 190 -40.67 21.19 1.75
C ASN B 190 -40.56 22.53 2.46
N GLU B 191 -39.61 22.63 3.41
CA GLU B 191 -39.30 23.90 4.06
C GLU B 191 -39.06 25.01 3.04
N LEU B 192 -38.18 24.75 2.08
CA LEU B 192 -37.79 25.78 1.14
C LEU B 192 -38.96 26.20 0.23
N LEU B 193 -39.81 25.23 -0.14
CA LEU B 193 -41.00 25.55 -0.93
C LEU B 193 -41.90 26.54 -0.19
N LYS B 194 -42.12 26.30 1.10
CA LYS B 194 -42.93 27.23 1.90
C LYS B 194 -42.34 28.65 1.87
N TYR B 195 -41.01 28.75 2.04
CA TYR B 195 -40.34 30.05 1.93
C TYR B 195 -40.65 30.75 0.61
N ILE B 196 -40.50 30.01 -0.50
CA ILE B 196 -40.73 30.56 -1.83
C ILE B 196 -42.17 31.09 -1.95
N GLU B 197 -43.12 30.38 -1.33
CA GLU B 197 -44.52 30.82 -1.36
C GLU B 197 -44.71 32.17 -0.68
N GLU B 198 -44.16 32.32 0.53
CA GLU B 198 -44.27 33.60 1.23
C GLU B 198 -43.69 34.75 0.41
N ARG B 199 -42.49 34.54 -0.14
CA ARG B 199 -41.86 35.61 -0.92
C ARG B 199 -42.66 35.93 -2.17
N LEU B 200 -43.27 34.93 -2.79
CA LEU B 200 -44.09 35.17 -3.98
C LEU B 200 -45.29 36.05 -3.66
N HIS B 201 -45.91 35.83 -2.50
CA HIS B 201 -47.03 36.66 -2.08
C HIS B 201 -46.62 38.13 -1.92
N THR B 202 -45.55 38.37 -1.15
CA THR B 202 -45.08 39.76 -0.96
C THR B 202 -44.71 40.41 -2.29
N LEU B 203 -44.13 39.62 -3.20
CA LEU B 203 -43.81 40.10 -4.54
C LEU B 203 -45.05 40.59 -5.27
N GLU B 204 -46.15 39.84 -5.18
CA GLU B 204 -47.39 40.25 -5.85
C GLU B 204 -47.90 41.59 -5.33
N GLU B 205 -47.86 41.76 -4.01
CA GLU B 205 -48.23 43.05 -3.41
C GLU B 205 -47.39 44.21 -3.99
N GLU B 206 -46.06 44.02 -4.02
CA GLU B 206 -45.20 45.05 -4.59
C GLU B 206 -45.47 45.30 -6.07
N LYS B 207 -45.90 44.26 -6.80
CA LYS B 207 -46.27 44.44 -8.20
C LYS B 207 -47.41 45.45 -8.36
N GLU B 208 -48.46 45.29 -7.55
CA GLU B 208 -49.60 46.21 -7.64
C GLU B 208 -49.17 47.65 -7.31
N GLU B 209 -48.39 47.80 -6.23
CA GLU B 209 -47.87 49.12 -5.88
C GLU B 209 -47.09 49.75 -7.03
N LEU B 210 -46.29 48.94 -7.73
CA LEU B 210 -45.52 49.44 -8.87
C LEU B 210 -46.42 49.94 -9.99
N ALA B 211 -47.48 49.20 -10.30
CA ALA B 211 -48.43 49.64 -11.32
C ALA B 211 -48.96 51.03 -11.02
N GLN B 212 -49.32 51.28 -9.76
CA GLN B 212 -49.87 52.58 -9.40
C GLN B 212 -48.83 53.69 -9.55
N TYR B 213 -47.62 53.46 -9.03
CA TYR B 213 -46.54 54.44 -9.16
C TYR B 213 -46.24 54.77 -10.62
N GLN B 214 -46.21 53.74 -11.47
CA GLN B 214 -45.97 53.92 -12.90
C GLN B 214 -47.00 54.87 -13.51
N LYS B 215 -48.29 54.65 -13.20
CA LYS B 215 -49.34 55.55 -13.68
C LYS B 215 -49.07 57.00 -13.29
N TRP B 216 -48.81 57.24 -11.99
CA TRP B 216 -48.60 58.61 -11.53
C TRP B 216 -47.40 59.27 -12.21
N ASP B 217 -46.32 58.51 -12.40
CA ASP B 217 -45.13 59.06 -13.05
C ASP B 217 -45.42 59.47 -14.49
N LYS B 218 -46.19 58.66 -15.21
CA LYS B 218 -46.60 59.03 -16.56
C LYS B 218 -47.34 60.35 -16.57
N MET B 219 -48.26 60.52 -15.61
CA MET B 219 -49.01 61.78 -15.48
C MET B 219 -48.05 62.96 -15.29
N ARG B 220 -47.07 62.81 -14.40
CA ARG B 220 -46.14 63.91 -14.12
C ARG B 220 -45.34 64.29 -15.37
N ARG B 221 -44.85 63.30 -16.10
CA ARG B 221 -44.04 63.59 -17.28
C ARG B 221 -44.83 64.33 -18.35
N ALA B 222 -46.09 63.89 -18.58
CA ALA B 222 -46.93 64.59 -19.54
C ALA B 222 -47.16 66.05 -19.14
N LEU B 223 -47.46 66.28 -17.85
CA LEU B 223 -47.70 67.65 -17.37
C LEU B 223 -46.48 68.54 -17.54
N GLU B 224 -45.31 68.03 -17.15
CA GLU B 224 -44.06 68.79 -17.29
C GLU B 224 -43.82 69.18 -18.74
N TYR B 225 -43.97 68.22 -19.66
CA TYR B 225 -43.76 68.52 -21.07
C TYR B 225 -44.71 69.60 -21.56
N THR B 226 -45.99 69.52 -21.17
CA THR B 226 -46.97 70.50 -21.64
C THR B 226 -46.66 71.91 -21.14
N ILE B 227 -46.35 72.04 -19.85
CA ILE B 227 -46.09 73.37 -19.32
C ILE B 227 -44.81 73.96 -19.93
N TYR B 228 -43.81 73.13 -20.20
CA TYR B 228 -42.62 73.70 -20.84
C TYR B 228 -42.88 74.04 -22.31
N ASN B 229 -43.80 73.36 -22.98
CA ASN B 229 -44.21 73.81 -24.31
C ASN B 229 -44.86 75.18 -24.25
N GLN B 230 -45.72 75.40 -23.25
CA GLN B 230 -46.28 76.73 -23.06
C GLN B 230 -45.19 77.76 -22.79
N GLU B 231 -44.15 77.35 -22.07
CA GLU B 231 -43.04 78.28 -21.83
C GLU B 231 -42.24 78.55 -23.11
N LEU B 232 -42.22 77.59 -24.05
CA LEU B 232 -41.62 77.87 -25.35
C LEU B 232 -42.49 78.84 -26.15
N ASN B 233 -43.81 78.70 -26.06
CA ASN B 233 -44.69 79.70 -26.65
C ASN B 233 -44.44 81.08 -26.04
N GLU B 234 -44.13 81.11 -24.74
CA GLU B 234 -43.71 82.36 -24.09
C GLU B 234 -42.39 82.86 -24.68
N THR B 235 -41.42 81.96 -24.87
CA THR B 235 -40.19 82.27 -25.61
C THR B 235 -40.48 82.89 -26.98
N ARG B 236 -41.63 82.58 -27.57
CA ARG B 236 -42.07 83.24 -28.79
C ARG B 236 -42.85 84.54 -28.52
N ALA B 237 -42.61 85.20 -27.40
CA ALA B 237 -43.20 86.51 -27.16
C ALA B 237 -42.12 87.54 -26.83
N LYS B 934 -32.38 85.11 -23.12
CA LYS B 934 -31.53 84.59 -22.04
C LYS B 934 -32.28 83.54 -21.24
N LYS B 935 -33.22 84.00 -20.40
CA LYS B 935 -33.95 83.09 -19.53
C LYS B 935 -34.82 82.13 -20.33
N LYS B 936 -35.40 82.62 -21.43
CA LYS B 936 -36.33 81.79 -22.19
C LYS B 936 -35.59 80.77 -23.05
N GLU B 937 -34.45 81.14 -23.63
CA GLU B 937 -33.59 80.13 -24.24
C GLU B 937 -33.05 79.15 -23.20
N GLU B 938 -32.88 79.60 -21.95
CA GLU B 938 -32.50 78.68 -20.88
C GLU B 938 -33.60 77.66 -20.60
N CYS B 939 -34.86 78.08 -20.56
CA CYS B 939 -35.93 77.11 -20.37
C CYS B 939 -36.06 76.19 -21.59
N MET B 940 -35.72 76.70 -22.78
CA MET B 940 -35.58 75.82 -23.94
C MET B 940 -34.52 74.74 -23.68
N LYS B 941 -33.37 75.16 -23.15
CA LYS B 941 -32.33 74.20 -22.75
C LYS B 941 -32.89 73.18 -21.76
N LYS B 942 -33.68 73.65 -20.79
CA LYS B 942 -34.35 72.76 -19.84
C LYS B 942 -35.19 71.70 -20.53
N ILE B 943 -36.17 72.14 -21.34
CA ILE B 943 -37.12 71.20 -21.95
C ILE B 943 -36.41 70.21 -22.88
N ARG B 944 -35.36 70.65 -23.56
CA ARG B 944 -34.61 69.68 -24.37
C ARG B 944 -33.68 68.82 -23.53
N GLU B 945 -33.30 69.28 -22.33
CA GLU B 945 -32.47 68.48 -21.44
C GLU B 945 -33.25 67.32 -20.84
N LEU B 946 -34.44 67.61 -20.31
CA LEU B 946 -35.14 66.67 -19.43
C LEU B 946 -35.40 65.31 -20.07
N GLY B 947 -35.83 65.31 -21.33
CA GLY B 947 -36.21 64.06 -21.96
C GLY B 947 -37.38 63.42 -21.26
N SER B 948 -38.41 64.22 -21.00
CA SER B 948 -39.60 63.73 -20.32
C SER B 948 -40.42 62.96 -21.34
N LEU B 949 -40.17 61.63 -21.41
CA LEU B 949 -40.73 60.72 -22.41
C LEU B 949 -42.24 60.79 -22.48
N PRO B 950 -42.78 61.37 -23.54
CA PRO B 950 -44.23 61.57 -23.63
C PRO B 950 -44.94 60.27 -23.96
N GLN B 951 -46.21 60.26 -23.60
CA GLN B 951 -47.06 59.09 -23.75
C GLN B 951 -48.33 59.54 -24.46
N GLU B 952 -49.12 58.55 -24.87
CA GLU B 952 -50.34 58.85 -25.63
C GLU B 952 -51.32 59.72 -24.84
N ALA B 953 -51.28 59.64 -23.51
CA ALA B 953 -52.15 60.42 -22.64
C ALA B 953 -51.83 61.92 -22.62
N PHE B 954 -50.86 62.39 -23.38
CA PHE B 954 -50.37 63.76 -23.34
C PHE B 954 -51.45 64.77 -23.75
N GLU B 955 -51.85 64.74 -25.02
CA GLU B 955 -52.68 65.80 -25.61
C GLU B 955 -54.03 65.93 -24.93
N LYS B 956 -54.50 64.87 -24.26
CA LYS B 956 -55.78 64.93 -23.57
C LYS B 956 -55.72 65.85 -22.36
N TYR B 957 -54.60 65.88 -21.66
CA TYR B 957 -54.51 66.69 -20.44
C TYR B 957 -54.03 68.09 -20.82
N GLN B 958 -54.95 68.89 -21.33
CA GLN B 958 -54.67 70.25 -21.78
C GLN B 958 -55.47 71.22 -20.90
N THR B 959 -54.85 71.64 -19.80
CA THR B 959 -55.35 72.70 -18.94
C THR B 959 -54.45 73.91 -19.15
N LEU B 960 -55.01 75.12 -19.09
CA LEU B 960 -54.32 76.31 -19.55
C LEU B 960 -54.06 77.33 -18.44
N SER B 961 -54.25 76.97 -17.18
CA SER B 961 -54.17 77.93 -16.09
C SER B 961 -52.75 78.44 -15.87
N LEU B 962 -51.79 77.50 -15.77
CA LEU B 962 -50.38 77.61 -15.38
C LEU B 962 -50.24 77.74 -13.86
N LYS B 963 -51.34 77.78 -13.11
CA LYS B 963 -51.30 77.73 -11.65
C LYS B 963 -51.99 76.49 -11.10
N GLN B 964 -53.20 76.19 -11.59
CA GLN B 964 -53.76 74.84 -11.43
C GLN B 964 -52.81 73.78 -11.98
N LEU B 965 -52.09 74.12 -13.05
CA LEU B 965 -51.01 73.25 -13.55
C LEU B 965 -49.97 73.01 -12.46
N PHE B 966 -49.53 74.08 -11.80
CA PHE B 966 -48.50 73.95 -10.78
C PHE B 966 -49.00 73.14 -9.57
N ARG B 967 -50.26 73.32 -9.17
CA ARG B 967 -50.74 72.53 -8.04
C ARG B 967 -50.90 71.06 -8.41
N LYS B 968 -51.37 70.77 -9.63
CA LYS B 968 -51.39 69.39 -10.11
C LYS B 968 -50.00 68.78 -10.12
N LEU B 969 -49.00 69.56 -10.56
CA LEU B 969 -47.63 69.06 -10.57
C LEU B 969 -47.11 68.81 -9.16
N GLU B 970 -47.44 69.70 -8.22
CA GLU B 970 -47.01 69.50 -6.84
C GLU B 970 -47.63 68.25 -6.23
N GLN B 971 -48.93 68.03 -6.49
CA GLN B 971 -49.58 66.83 -5.97
C GLN B 971 -49.01 65.57 -6.60
N CYS B 972 -48.81 65.58 -7.92
CA CYS B 972 -48.17 64.46 -8.61
C CYS B 972 -46.81 64.16 -8.00
N ASN B 973 -46.01 65.20 -7.75
CA ASN B 973 -44.70 65.02 -7.13
C ASN B 973 -44.81 64.39 -5.75
N THR B 974 -45.80 64.81 -4.95
CA THR B 974 -45.96 64.22 -3.62
C THR B 974 -46.37 62.76 -3.70
N GLU B 975 -47.30 62.43 -4.60
CA GLU B 975 -47.69 61.03 -4.80
C GLU B 975 -46.51 60.17 -5.22
N LEU B 976 -45.64 60.72 -6.07
CA LEU B 976 -44.37 60.04 -6.37
C LEU B 976 -43.54 59.83 -5.11
N LYS B 977 -43.41 60.88 -4.29
CA LYS B 977 -42.61 60.79 -3.07
C LYS B 977 -43.14 59.73 -2.12
N LYS B 978 -44.44 59.44 -2.17
CA LYS B 978 -44.97 58.37 -1.33
C LYS B 978 -44.54 57.00 -1.84
N TYR B 979 -44.45 56.83 -3.15
CA TYR B 979 -44.10 55.55 -3.78
C TYR B 979 -42.66 55.54 -4.26
N SER B 980 -41.75 56.09 -3.45
CA SER B 980 -40.35 56.24 -3.85
C SER B 980 -39.66 54.89 -4.01
N HIS B 981 -39.73 54.04 -2.99
CA HIS B 981 -38.85 52.88 -2.87
C HIS B 981 -39.43 51.63 -3.55
N VAL B 982 -40.24 51.81 -4.60
CA VAL B 982 -40.91 50.71 -5.26
C VAL B 982 -39.92 49.72 -5.85
N ASN B 983 -40.24 48.44 -5.74
CA ASN B 983 -39.45 47.35 -6.30
C ASN B 983 -39.73 47.24 -7.79
N LYS B 984 -38.89 47.88 -8.60
CA LYS B 984 -38.90 47.65 -10.04
C LYS B 984 -38.58 46.19 -10.36
N LYS B 985 -38.83 45.81 -11.62
CA LYS B 985 -38.57 44.48 -12.19
C LYS B 985 -39.54 43.44 -11.62
N ALA B 986 -40.55 43.88 -10.86
CA ALA B 986 -41.45 42.97 -10.15
C ALA B 986 -42.18 42.01 -11.09
N LEU B 987 -42.57 42.49 -12.27
CA LEU B 987 -43.41 41.69 -13.15
C LEU B 987 -42.70 40.45 -13.66
N ASP B 988 -41.46 40.61 -14.13
CA ASP B 988 -40.67 39.48 -14.60
C ASP B 988 -40.43 38.48 -13.50
N GLN B 989 -40.07 38.97 -12.30
CA GLN B 989 -39.99 38.16 -11.10
C GLN B 989 -41.23 37.29 -10.94
N PHE B 990 -42.40 37.92 -10.96
CA PHE B 990 -43.66 37.21 -10.74
C PHE B 990 -43.86 36.10 -11.75
N VAL B 991 -43.82 36.44 -13.04
CA VAL B 991 -44.12 35.46 -14.10
C VAL B 991 -43.14 34.30 -14.06
N ASN B 992 -41.83 34.62 -14.10
CA ASN B 992 -40.81 33.58 -14.15
C ASN B 992 -40.86 32.68 -12.92
N PHE B 993 -40.95 33.27 -11.74
CA PHE B 993 -40.88 32.46 -10.54
C PHE B 993 -42.14 31.65 -10.32
N SER B 994 -43.30 32.13 -10.77
CA SER B 994 -44.49 31.29 -10.70
C SER B 994 -44.37 30.07 -11.62
N GLU B 995 -43.88 30.28 -12.84
CA GLU B 995 -43.65 29.15 -13.75
C GLU B 995 -42.69 28.13 -13.14
N GLN B 996 -41.58 28.62 -12.57
CA GLN B 996 -40.59 27.72 -12.00
C GLN B 996 -41.13 26.99 -10.77
N LYS B 997 -41.96 27.67 -9.98
CA LYS B 997 -42.61 27.02 -8.85
C LYS B 997 -43.50 25.87 -9.31
N GLU B 998 -44.24 26.08 -10.40
CA GLU B 998 -45.03 24.99 -10.99
C GLU B 998 -44.17 23.79 -11.31
N LYS B 999 -43.05 24.03 -12.01
CA LYS B 999 -42.12 22.95 -12.34
C LYS B 999 -41.64 22.20 -11.10
N LEU B 1000 -41.27 22.94 -10.06
CA LEU B 1000 -40.73 22.31 -8.86
C LEU B 1000 -41.76 21.48 -8.14
N ILE B 1001 -43.01 21.96 -8.06
CA ILE B 1001 -44.08 21.19 -7.44
C ILE B 1001 -44.27 19.86 -8.17
N LYS B 1002 -44.29 19.90 -9.50
CA LYS B 1002 -44.46 18.64 -10.25
C LYS B 1002 -43.32 17.67 -9.99
N ARG B 1003 -42.09 18.16 -9.98
CA ARG B 1003 -40.93 17.31 -9.68
C ARG B 1003 -41.06 16.66 -8.31
N GLN B 1004 -41.44 17.44 -7.30
CA GLN B 1004 -41.56 16.92 -5.94
C GLN B 1004 -42.61 15.82 -5.85
N GLU B 1005 -43.76 16.03 -6.51
CA GLU B 1005 -44.82 15.01 -6.48
C GLU B 1005 -44.35 13.70 -7.12
N GLU B 1006 -43.64 13.79 -8.24
CA GLU B 1006 -43.11 12.59 -8.87
C GLU B 1006 -42.17 11.84 -7.94
N LEU B 1007 -41.27 12.58 -7.28
CA LEU B 1007 -40.35 11.96 -6.32
C LEU B 1007 -41.10 11.24 -5.20
N ASP B 1008 -42.20 11.84 -4.73
CA ASP B 1008 -42.98 11.21 -3.65
C ASP B 1008 -43.57 9.87 -4.10
N ARG B 1009 -44.25 9.87 -5.25
CA ARG B 1009 -44.80 8.62 -5.80
C ARG B 1009 -43.72 7.56 -5.95
N GLY B 1010 -42.53 7.96 -6.41
CA GLY B 1010 -41.42 7.03 -6.52
C GLY B 1010 -41.03 6.41 -5.17
N TYR B 1011 -40.99 7.24 -4.12
CA TYR B 1011 -40.69 6.72 -2.78
C TYR B 1011 -41.66 5.63 -2.36
N LYS B 1012 -42.95 5.89 -2.54
CA LYS B 1012 -43.98 4.89 -2.22
C LYS B 1012 -43.71 3.58 -2.97
N SER B 1013 -43.43 3.70 -4.26
CA SER B 1013 -43.17 2.53 -5.10
C SER B 1013 -41.97 1.71 -4.58
N ILE B 1014 -40.91 2.40 -4.18
CA ILE B 1014 -39.72 1.73 -3.67
C ILE B 1014 -40.04 0.92 -2.43
N MET B 1015 -40.80 1.52 -1.50
CA MET B 1015 -41.17 0.80 -0.28
C MET B 1015 -41.97 -0.47 -0.59
N GLU B 1016 -42.89 -0.38 -1.55
CA GLU B 1016 -43.65 -1.56 -1.97
C GLU B 1016 -42.72 -2.68 -2.45
N LEU B 1017 -41.78 -2.35 -3.34
CA LEU B 1017 -40.85 -3.36 -3.85
C LEU B 1017 -40.03 -4.00 -2.73
N MET B 1018 -39.61 -3.18 -1.75
CA MET B 1018 -38.83 -3.71 -0.65
C MET B 1018 -39.62 -4.74 0.15
N ASN B 1019 -40.91 -4.48 0.37
CA ASN B 1019 -41.74 -5.47 1.07
C ASN B 1019 -41.84 -6.77 0.30
N VAL B 1020 -42.06 -6.68 -1.02
CA VAL B 1020 -42.16 -7.90 -1.86
C VAL B 1020 -40.89 -8.73 -1.76
N LEU B 1021 -39.73 -8.07 -1.87
CA LEU B 1021 -38.45 -8.79 -1.80
C LEU B 1021 -38.25 -9.46 -0.46
N GLU B 1022 -38.57 -8.78 0.63
CA GLU B 1022 -38.44 -9.38 1.96
C GLU B 1022 -39.24 -10.68 2.06
N LEU B 1023 -40.49 -10.65 1.58
CA LEU B 1023 -41.33 -11.85 1.67
C LEU B 1023 -40.76 -13.00 0.85
N ARG B 1024 -40.28 -12.71 -0.37
CA ARG B 1024 -39.71 -13.76 -1.20
C ARG B 1024 -38.47 -14.38 -0.54
N LYS B 1025 -37.67 -13.54 0.13
CA LYS B 1025 -36.48 -14.05 0.81
C LYS B 1025 -36.84 -15.04 1.91
N TYR B 1026 -37.82 -14.67 2.74
CA TYR B 1026 -38.25 -15.58 3.81
C TYR B 1026 -38.76 -16.91 3.26
N GLU B 1027 -39.55 -16.86 2.18
CA GLU B 1027 -40.07 -18.10 1.60
C GLU B 1027 -38.93 -19.00 1.11
N ALA B 1028 -37.93 -18.41 0.45
CA ALA B 1028 -36.81 -19.20 -0.05
C ALA B 1028 -36.05 -19.88 1.10
N ILE B 1029 -35.81 -19.14 2.18
CA ILE B 1029 -35.18 -19.69 3.38
C ILE B 1029 -35.91 -20.93 3.85
N GLN B 1030 -37.24 -20.82 4.00
CA GLN B 1030 -38.07 -21.94 4.46
C GLN B 1030 -37.88 -23.19 3.62
N LEU B 1031 -38.06 -23.05 2.29
CA LEU B 1031 -38.05 -24.24 1.44
C LEU B 1031 -36.67 -24.91 1.44
N THR B 1032 -35.59 -24.12 1.36
CA THR B 1032 -34.29 -24.77 1.29
C THR B 1032 -33.90 -25.40 2.62
N PHE B 1033 -34.32 -24.82 3.75
CA PHE B 1033 -34.05 -25.47 5.03
C PHE B 1033 -34.75 -26.82 5.12
N LYS B 1034 -36.00 -26.88 4.66
CA LYS B 1034 -36.73 -28.15 4.66
C LYS B 1034 -35.97 -29.22 3.88
N GLN B 1035 -35.60 -28.89 2.64
CA GLN B 1035 -34.90 -29.86 1.79
C GLN B 1035 -33.59 -30.32 2.42
N VAL B 1036 -32.83 -29.39 3.01
CA VAL B 1036 -31.54 -29.74 3.60
C VAL B 1036 -31.73 -30.63 4.83
N SER B 1037 -32.76 -30.36 5.63
CA SER B 1037 -33.07 -31.22 6.77
C SER B 1037 -33.31 -32.66 6.35
N LYS B 1038 -34.17 -32.85 5.34
CA LYS B 1038 -34.49 -34.21 4.89
C LYS B 1038 -33.22 -34.92 4.38
N ASN B 1039 -32.48 -34.23 3.51
CA ASN B 1039 -31.27 -34.84 2.94
C ASN B 1039 -30.25 -35.20 4.01
N PHE B 1040 -30.12 -34.37 5.05
CA PHE B 1040 -29.16 -34.66 6.11
C PHE B 1040 -29.56 -35.89 6.89
N SER B 1041 -30.85 -36.00 7.24
CA SER B 1041 -31.29 -37.20 7.94
C SER B 1041 -31.01 -38.45 7.12
N GLU B 1042 -31.22 -38.38 5.81
CA GLU B 1042 -30.94 -39.51 4.91
C GLU B 1042 -29.46 -39.90 4.93
N VAL B 1043 -28.59 -38.94 4.62
CA VAL B 1043 -27.16 -39.21 4.54
C VAL B 1043 -26.63 -39.76 5.85
N PHE B 1044 -26.94 -39.10 6.97
CA PHE B 1044 -26.39 -39.54 8.24
C PHE B 1044 -26.93 -40.89 8.65
N GLN B 1045 -28.19 -41.21 8.31
CA GLN B 1045 -28.65 -42.56 8.57
C GLN B 1045 -27.89 -43.57 7.72
N LYS B 1046 -27.39 -43.15 6.55
CA LYS B 1046 -26.64 -44.09 5.73
C LYS B 1046 -25.20 -44.27 6.22
N LEU B 1047 -24.52 -43.19 6.60
CA LEU B 1047 -23.11 -43.24 6.96
C LEU B 1047 -22.88 -44.11 8.19
N VAL B 1048 -23.41 -43.69 9.32
CA VAL B 1048 -23.44 -44.56 10.50
C VAL B 1048 -24.35 -45.74 10.22
N PRO B 1049 -23.94 -46.98 10.50
CA PRO B 1049 -24.83 -48.13 10.26
C PRO B 1049 -26.12 -48.07 11.06
N GLY B 1050 -26.11 -47.48 12.25
CA GLY B 1050 -27.31 -47.39 13.04
C GLY B 1050 -27.41 -46.12 13.86
N GLY B 1051 -28.48 -45.38 13.68
CA GLY B 1051 -28.63 -44.10 14.35
C GLY B 1051 -29.58 -43.23 13.57
N LYS B 1052 -29.69 -41.97 14.01
CA LYS B 1052 -30.58 -41.00 13.39
C LYS B 1052 -30.30 -39.62 13.98
N ALA B 1053 -30.52 -38.60 13.17
CA ALA B 1053 -30.24 -37.24 13.59
C ALA B 1053 -31.07 -36.28 12.75
N THR B 1054 -31.37 -35.12 13.32
CA THR B 1054 -32.21 -34.15 12.67
C THR B 1054 -31.78 -32.74 13.05
N LEU B 1055 -32.31 -31.77 12.30
CA LEU B 1055 -31.98 -30.36 12.46
C LEU B 1055 -33.22 -29.62 12.94
N VAL B 1056 -33.14 -29.02 14.12
CA VAL B 1056 -34.24 -28.25 14.65
C VAL B 1056 -33.90 -26.77 14.53
N MET B 1057 -34.90 -25.97 14.19
CA MET B 1057 -34.72 -24.53 14.20
C MET B 1057 -34.89 -24.01 15.62
N LYS B 1058 -34.44 -22.79 15.85
CA LYS B 1058 -34.57 -22.17 17.16
C LYS B 1058 -35.88 -21.38 17.18
N LYS B 1059 -36.04 -20.53 18.21
CA LYS B 1059 -37.33 -19.98 18.67
C LYS B 1059 -38.30 -19.56 17.56
N GLY B 1060 -37.83 -18.80 16.58
CA GLY B 1060 -38.68 -18.29 15.54
C GLY B 1060 -39.12 -19.31 14.52
N GLN B 1092 -37.94 -13.23 14.33
CA GLN B 1092 -37.37 -14.08 13.30
C GLN B 1092 -36.43 -15.13 13.89
N PHE B 1093 -35.86 -15.96 13.02
CA PHE B 1093 -35.03 -17.07 13.45
C PHE B 1093 -33.71 -16.58 14.04
N THR B 1094 -33.07 -17.43 14.83
CA THR B 1094 -31.82 -17.05 15.47
C THR B 1094 -30.73 -18.11 15.45
N GLY B 1095 -31.03 -19.36 15.12
CA GLY B 1095 -30.00 -20.38 15.09
C GLY B 1095 -30.60 -21.71 14.70
N VAL B 1096 -29.71 -22.65 14.39
CA VAL B 1096 -30.11 -24.01 14.07
C VAL B 1096 -29.36 -24.97 14.97
N GLY B 1097 -30.08 -25.78 15.71
CA GLY B 1097 -29.48 -26.79 16.55
C GLY B 1097 -29.62 -28.15 15.91
N ILE B 1098 -28.85 -29.11 16.41
CA ILE B 1098 -28.78 -30.43 15.82
C ILE B 1098 -28.96 -31.47 16.92
N ARG B 1099 -29.83 -32.45 16.68
CA ARG B 1099 -30.11 -33.50 17.65
C ARG B 1099 -29.76 -34.84 17.04
N VAL B 1100 -28.79 -35.53 17.64
CA VAL B 1100 -28.22 -36.74 17.08
C VAL B 1100 -28.37 -37.85 18.12
N SER B 1101 -28.49 -39.09 17.63
CA SER B 1101 -28.60 -40.23 18.52
C SER B 1101 -28.17 -41.48 17.79
N PHE B 1102 -27.46 -42.36 18.48
CA PHE B 1102 -27.17 -43.66 17.91
C PHE B 1102 -27.05 -44.69 19.02
N THR B 1103 -27.23 -45.96 18.61
CA THR B 1103 -26.97 -47.19 19.35
C THR B 1103 -27.97 -47.41 20.47
N GLY B 1104 -28.83 -46.43 20.75
CA GLY B 1104 -30.03 -46.70 21.50
C GLY B 1104 -31.26 -46.45 20.65
N LYS B 1105 -31.18 -45.40 19.84
CA LYS B 1105 -32.08 -45.03 18.74
C LYS B 1105 -33.44 -44.51 19.18
N GLN B 1106 -33.78 -44.65 20.46
CA GLN B 1106 -34.96 -43.91 20.92
C GLN B 1106 -34.74 -43.20 22.25
N GLY B 1107 -33.99 -43.79 23.18
CA GLY B 1107 -33.77 -43.14 24.44
C GLY B 1107 -32.78 -42.01 24.31
N GLU B 1108 -31.77 -42.20 23.48
CA GLU B 1108 -30.72 -41.21 23.31
C GLU B 1108 -31.24 -39.98 22.58
N MET B 1109 -30.91 -38.80 23.11
CA MET B 1109 -31.13 -37.54 22.41
C MET B 1109 -30.07 -36.58 22.95
N ARG B 1110 -29.03 -36.35 22.18
CA ARG B 1110 -27.79 -35.77 22.69
C ARG B 1110 -27.65 -34.31 22.33
N GLU B 1111 -26.65 -33.68 22.94
CA GLU B 1111 -26.11 -32.38 22.57
C GLU B 1111 -24.63 -32.54 22.20
N MET B 1112 -24.01 -31.45 21.78
CA MET B 1112 -22.87 -31.57 20.89
C MET B 1112 -21.51 -31.69 21.56
N GLN B 1113 -21.29 -31.01 22.68
CA GLN B 1113 -19.93 -30.83 23.18
C GLN B 1113 -19.30 -32.13 23.68
N GLN B 1114 -20.10 -33.12 24.04
CA GLN B 1114 -19.59 -34.36 24.63
C GLN B 1114 -19.69 -35.50 23.61
N LEU B 1115 -18.68 -35.61 22.76
CA LEU B 1115 -18.69 -36.65 21.75
C LEU B 1115 -17.25 -37.09 21.52
N SER B 1116 -17.01 -37.78 20.42
CA SER B 1116 -15.68 -38.27 20.11
C SER B 1116 -15.17 -37.61 18.85
N GLY B 1117 -13.89 -37.84 18.55
CA GLY B 1117 -13.34 -37.38 17.29
C GLY B 1117 -14.09 -37.95 16.10
N GLY B 1118 -14.23 -39.27 16.06
CA GLY B 1118 -14.97 -39.92 14.99
C GLY B 1118 -16.39 -39.42 14.87
N GLN B 1119 -17.10 -39.27 15.98
CA GLN B 1119 -18.49 -38.86 15.92
C GLN B 1119 -18.64 -37.44 15.40
N LYS B 1120 -17.83 -36.51 15.93
CA LYS B 1120 -17.87 -35.13 15.45
C LYS B 1120 -17.56 -35.06 13.96
N SER B 1121 -16.53 -35.80 13.53
CA SER B 1121 -16.16 -35.77 12.12
C SER B 1121 -17.27 -36.35 11.25
N LEU B 1122 -17.95 -37.39 11.73
CA LEU B 1122 -19.09 -37.95 11.00
C LEU B 1122 -20.23 -36.95 10.88
N VAL B 1123 -20.56 -36.25 11.97
CA VAL B 1123 -21.61 -35.23 11.92
C VAL B 1123 -21.28 -34.16 10.88
N ALA B 1124 -20.05 -33.64 10.94
CA ALA B 1124 -19.66 -32.58 9.99
C ALA B 1124 -19.71 -33.08 8.56
N LEU B 1125 -19.18 -34.28 8.30
CA LEU B 1125 -19.21 -34.83 6.96
C LEU B 1125 -20.62 -35.04 6.47
N ALA B 1126 -21.51 -35.49 7.36
CA ALA B 1126 -22.92 -35.66 6.99
C ALA B 1126 -23.52 -34.33 6.55
N LEU B 1127 -23.24 -33.27 7.29
CA LEU B 1127 -23.81 -31.96 6.95
C LEU B 1127 -23.31 -31.48 5.59
N ILE B 1128 -22.02 -31.65 5.33
CA ILE B 1128 -21.45 -31.20 4.06
C ILE B 1128 -22.02 -31.99 2.88
N PHE B 1129 -22.11 -33.31 3.04
CA PHE B 1129 -22.69 -34.14 1.99
C PHE B 1129 -24.15 -33.79 1.74
N ALA B 1130 -24.89 -33.45 2.80
CA ALA B 1130 -26.27 -33.05 2.64
C ALA B 1130 -26.39 -31.77 1.81
N ILE B 1131 -25.68 -30.72 2.23
CA ILE B 1131 -25.72 -29.45 1.52
C ILE B 1131 -25.25 -29.61 0.07
N GLN B 1132 -24.42 -30.62 -0.19
CA GLN B 1132 -24.10 -30.92 -1.58
C GLN B 1132 -25.29 -31.53 -2.31
N LYS B 1133 -25.91 -32.56 -1.73
CA LYS B 1133 -27.04 -33.23 -2.38
C LYS B 1133 -28.22 -32.30 -2.60
N CYS B 1134 -28.31 -31.19 -1.88
CA CYS B 1134 -29.37 -30.23 -2.15
C CYS B 1134 -29.07 -29.44 -3.43
N ASP B 1135 -28.00 -28.65 -3.42
CA ASP B 1135 -27.59 -27.88 -4.60
C ASP B 1135 -26.08 -28.01 -4.78
N PRO B 1136 -25.63 -28.70 -5.85
CA PRO B 1136 -24.20 -28.98 -6.01
C PRO B 1136 -23.35 -27.73 -6.06
N ALA B 1137 -22.12 -27.87 -5.59
CA ALA B 1137 -21.09 -26.85 -5.57
C ALA B 1137 -20.06 -27.16 -6.66
N PRO B 1138 -19.20 -26.18 -7.04
CA PRO B 1138 -18.23 -26.42 -8.11
C PRO B 1138 -17.29 -27.60 -7.89
N PHE B 1139 -16.54 -27.59 -6.80
CA PHE B 1139 -15.57 -28.65 -6.56
C PHE B 1139 -15.28 -28.72 -5.08
N TYR B 1140 -14.97 -29.92 -4.61
CA TYR B 1140 -14.66 -30.14 -3.21
C TYR B 1140 -13.22 -30.57 -3.06
N LEU B 1141 -12.54 -29.99 -2.09
CA LEU B 1141 -11.17 -30.36 -1.80
C LEU B 1141 -11.05 -30.66 -0.32
N PHE B 1142 -10.69 -31.90 -0.02
CA PHE B 1142 -10.59 -32.41 1.34
C PHE B 1142 -9.13 -32.62 1.68
N ASP B 1143 -8.70 -32.08 2.81
CA ASP B 1143 -7.33 -32.21 3.26
C ASP B 1143 -7.34 -32.93 4.60
N GLN B 1144 -6.85 -34.17 4.60
CA GLN B 1144 -6.63 -34.98 5.80
C GLN B 1144 -7.93 -35.16 6.58
N ILE B 1145 -9.02 -35.40 5.86
CA ILE B 1145 -10.33 -35.55 6.48
C ILE B 1145 -10.42 -36.81 7.35
N ASP B 1146 -9.79 -37.90 6.94
CA ASP B 1146 -10.03 -39.19 7.58
C ASP B 1146 -9.21 -39.44 8.85
N GLN B 1147 -8.38 -38.50 9.29
CA GLN B 1147 -7.40 -38.80 10.35
C GLN B 1147 -8.04 -39.25 11.66
N ALA B 1148 -9.13 -38.62 12.09
CA ALA B 1148 -9.70 -38.97 13.39
C ALA B 1148 -10.37 -40.35 13.37
N LEU B 1149 -11.16 -40.62 12.34
CA LEU B 1149 -12.04 -41.78 12.32
C LEU B 1149 -11.29 -43.09 12.02
N ASP B 1150 -11.95 -44.19 12.37
CA ASP B 1150 -11.53 -45.58 12.17
C ASP B 1150 -11.85 -46.13 10.78
N ALA B 1151 -11.31 -47.33 10.54
CA ALA B 1151 -11.42 -48.02 9.25
C ALA B 1151 -12.85 -48.30 8.84
N GLN B 1152 -13.71 -48.71 9.77
CA GLN B 1152 -15.10 -49.03 9.43
C GLN B 1152 -15.82 -47.80 8.90
N HIS B 1153 -15.71 -46.69 9.63
CA HIS B 1153 -16.29 -45.44 9.17
C HIS B 1153 -15.61 -44.97 7.90
N ARG B 1154 -14.31 -45.22 7.77
CA ARG B 1154 -13.58 -44.81 6.56
C ARG B 1154 -14.12 -45.53 5.33
N LYS B 1155 -14.40 -46.83 5.47
CA LYS B 1155 -15.08 -47.57 4.41
C LYS B 1155 -16.41 -46.94 4.04
N ALA B 1156 -17.21 -46.62 5.06
CA ALA B 1156 -18.52 -45.99 4.80
C ALA B 1156 -18.36 -44.68 4.04
N VAL B 1157 -17.43 -43.83 4.49
CA VAL B 1157 -17.21 -42.52 3.88
C VAL B 1157 -16.71 -42.69 2.45
N SER B 1158 -15.82 -43.65 2.20
CA SER B 1158 -15.30 -43.88 0.86
C SER B 1158 -16.39 -44.36 -0.08
N ASP B 1159 -17.28 -45.23 0.39
CA ASP B 1159 -18.37 -45.70 -0.46
C ASP B 1159 -19.33 -44.55 -0.78
N MET B 1160 -19.58 -43.67 0.19
CA MET B 1160 -20.43 -42.52 -0.06
C MET B 1160 -19.78 -41.57 -1.07
N ILE B 1161 -18.47 -41.37 -0.97
CA ILE B 1161 -17.73 -40.60 -1.96
C ILE B 1161 -17.87 -41.24 -3.34
N MET B 1162 -17.74 -42.57 -3.41
CA MET B 1162 -17.83 -43.28 -4.68
C MET B 1162 -19.18 -43.07 -5.34
N GLU B 1163 -20.25 -43.05 -4.54
CA GLU B 1163 -21.56 -42.80 -5.12
C GLU B 1163 -21.71 -41.34 -5.53
N LEU B 1164 -21.32 -40.41 -4.66
CA LEU B 1164 -21.53 -38.99 -4.91
C LEU B 1164 -20.59 -38.39 -5.94
N ALA B 1165 -19.57 -39.13 -6.39
CA ALA B 1165 -18.56 -38.57 -7.28
C ALA B 1165 -19.14 -37.98 -8.55
N VAL B 1166 -20.16 -38.64 -9.12
CA VAL B 1166 -20.65 -38.36 -10.48
C VAL B 1166 -21.27 -36.98 -10.64
N HIS B 1167 -21.33 -36.19 -9.56
CA HIS B 1167 -21.89 -34.86 -9.64
C HIS B 1167 -20.83 -33.77 -9.67
N ALA B 1168 -19.87 -33.79 -8.75
CA ALA B 1168 -18.90 -32.71 -8.63
C ALA B 1168 -17.50 -33.28 -8.70
N GLN B 1169 -16.52 -32.38 -8.83
CA GLN B 1169 -15.12 -32.78 -8.81
C GLN B 1169 -14.63 -32.89 -7.37
N PHE B 1170 -13.79 -33.89 -7.11
CA PHE B 1170 -13.25 -34.16 -5.78
C PHE B 1170 -11.74 -34.24 -5.86
N ILE B 1171 -11.04 -33.37 -5.12
CA ILE B 1171 -9.63 -33.53 -4.84
C ILE B 1171 -9.51 -33.78 -3.34
N THR B 1172 -8.58 -34.65 -2.95
CA THR B 1172 -8.41 -34.94 -1.53
C THR B 1172 -7.06 -35.57 -1.30
N THR B 1173 -6.61 -35.49 -0.06
CA THR B 1173 -5.41 -36.22 0.35
C THR B 1173 -5.75 -37.19 1.47
N THR B 1174 -4.76 -38.01 1.81
CA THR B 1174 -4.91 -39.07 2.81
C THR B 1174 -3.56 -39.73 3.05
N PHE B 1175 -3.53 -40.58 4.08
CA PHE B 1175 -2.41 -41.46 4.35
C PHE B 1175 -2.86 -42.88 4.60
N ARG B 1176 -4.14 -43.19 4.44
CA ARG B 1176 -4.65 -44.53 4.70
C ARG B 1176 -5.29 -45.10 3.44
N PRO B 1177 -5.20 -46.42 3.23
CA PRO B 1177 -5.55 -46.98 1.91
C PRO B 1177 -7.02 -46.85 1.54
N GLU B 1178 -7.94 -47.10 2.47
CA GLU B 1178 -9.36 -47.28 2.16
C GLU B 1178 -9.94 -46.13 1.36
N LEU B 1179 -9.49 -44.91 1.64
CA LEU B 1179 -10.08 -43.73 1.00
C LEU B 1179 -9.78 -43.68 -0.49
N LEU B 1180 -8.73 -44.34 -0.95
CA LEU B 1180 -8.46 -44.45 -2.38
C LEU B 1180 -8.94 -45.78 -2.94
N GLU B 1181 -9.96 -46.36 -2.32
CA GLU B 1181 -10.68 -47.47 -2.92
C GLU B 1181 -11.48 -47.04 -4.15
N SER B 1182 -11.68 -45.74 -4.32
CA SER B 1182 -12.55 -45.22 -5.40
C SER B 1182 -11.95 -43.91 -5.89
N ALA B 1183 -11.15 -44.01 -6.96
CA ALA B 1183 -10.46 -42.84 -7.47
C ALA B 1183 -10.20 -43.02 -8.95
N ASP B 1184 -10.17 -41.90 -9.67
CA ASP B 1184 -9.86 -41.95 -11.09
C ASP B 1184 -8.35 -42.01 -11.31
N LYS B 1185 -7.65 -40.94 -10.93
CA LYS B 1185 -6.22 -40.84 -11.19
C LYS B 1185 -5.54 -40.20 -9.99
N PHE B 1186 -4.40 -40.76 -9.63
CA PHE B 1186 -3.70 -40.38 -8.40
C PHE B 1186 -2.71 -39.27 -8.74
N TYR B 1187 -1.84 -38.92 -7.80
CA TYR B 1187 -0.73 -38.00 -8.02
C TYR B 1187 0.36 -38.32 -7.01
N GLY B 1188 1.39 -37.49 -7.00
CA GLY B 1188 2.45 -37.61 -6.02
C GLY B 1188 3.14 -36.28 -5.90
N VAL B 1189 3.90 -36.11 -4.83
CA VAL B 1189 4.61 -34.85 -4.58
C VAL B 1189 6.00 -35.20 -4.06
N LYS B 1190 7.03 -34.91 -4.84
CA LYS B 1190 8.41 -35.21 -4.50
C LYS B 1190 9.11 -33.91 -4.13
N PHE B 1191 10.00 -33.97 -3.13
CA PHE B 1191 10.63 -32.77 -2.58
C PHE B 1191 12.15 -32.96 -2.60
N ARG B 1192 12.78 -32.58 -3.70
CA ARG B 1192 14.22 -32.69 -3.84
C ARG B 1192 14.82 -31.34 -4.17
N ASN B 1193 16.06 -31.13 -3.70
CA ASN B 1193 16.83 -29.91 -3.96
C ASN B 1193 16.13 -28.67 -3.46
N LYS B 1194 15.40 -28.80 -2.36
CA LYS B 1194 14.67 -27.71 -1.70
C LYS B 1194 13.65 -27.07 -2.63
N VAL B 1195 12.95 -27.90 -3.40
CA VAL B 1195 11.77 -27.49 -4.14
C VAL B 1195 10.92 -28.74 -4.35
N SER B 1196 9.62 -28.55 -4.50
CA SER B 1196 8.69 -29.66 -4.54
C SER B 1196 7.99 -29.69 -5.90
N HIS B 1197 7.88 -30.86 -6.49
CA HIS B 1197 7.24 -31.03 -7.79
C HIS B 1197 6.06 -31.98 -7.68
N ILE B 1198 5.22 -31.98 -8.70
CA ILE B 1198 3.97 -32.73 -8.68
C ILE B 1198 3.71 -33.30 -10.07
N ASP B 1199 3.29 -34.56 -10.12
CA ASP B 1199 3.11 -35.26 -11.39
C ASP B 1199 2.18 -36.44 -11.16
N VAL B 1200 1.89 -37.16 -12.23
CA VAL B 1200 0.96 -38.27 -12.19
C VAL B 1200 1.72 -39.55 -11.90
N ILE B 1201 1.07 -40.50 -11.23
CA ILE B 1201 1.62 -41.82 -10.97
C ILE B 1201 0.52 -42.84 -11.19
N THR B 1202 0.87 -44.11 -11.02
CA THR B 1202 -0.03 -45.24 -11.25
C THR B 1202 -0.49 -45.81 -9.92
N ALA B 1203 -1.60 -46.55 -9.98
CA ALA B 1203 -2.26 -47.03 -8.78
C ALA B 1203 -1.38 -47.95 -7.94
N GLU B 1204 -0.49 -48.69 -8.58
CA GLU B 1204 0.33 -49.66 -7.86
C GLU B 1204 1.29 -48.98 -6.91
N MET B 1205 2.09 -48.02 -7.42
CA MET B 1205 3.05 -47.34 -6.56
C MET B 1205 2.36 -46.55 -5.46
N ALA B 1206 1.18 -46.00 -5.73
CA ALA B 1206 0.45 -45.26 -4.70
C ALA B 1206 -0.03 -46.18 -3.59
N LYS B 1207 -0.74 -47.26 -3.96
CA LYS B 1207 -1.19 -48.24 -2.97
C LYS B 1207 -0.02 -48.88 -2.23
N ASP B 1208 1.16 -48.91 -2.83
CA ASP B 1208 2.34 -49.40 -2.14
C ASP B 1208 2.84 -48.37 -1.12
N PHE B 1209 2.98 -47.12 -1.55
CA PHE B 1209 3.50 -46.07 -0.68
C PHE B 1209 2.60 -45.85 0.53
N VAL B 1210 1.29 -45.98 0.34
CA VAL B 1210 0.36 -45.63 1.42
C VAL B 1210 0.48 -46.61 2.59
N GLU B 1211 0.61 -47.91 2.32
CA GLU B 1211 0.64 -48.84 3.43
C GLU B 1211 1.74 -49.88 3.34
N ASP B 1212 2.05 -50.38 2.13
CA ASP B 1212 2.79 -51.62 1.96
C ASP B 1212 4.18 -51.57 2.59
N ASP B 1213 4.82 -50.41 2.59
CA ASP B 1213 6.14 -50.28 3.17
C ASP B 1213 6.04 -49.62 4.54
N THR B 1214 6.80 -50.17 5.49
CA THR B 1214 6.93 -49.58 6.82
C THR B 1214 8.39 -49.75 7.24
N THR B 1215 9.21 -48.77 6.89
CA THR B 1215 10.65 -48.73 7.20
C THR B 1215 11.04 -47.28 7.41
N HIS B 1216 12.34 -47.01 7.36
CA HIS B 1216 12.87 -45.65 7.42
C HIS B 1216 13.03 -45.03 6.04
N GLY B 1217 12.41 -45.61 5.03
CA GLY B 1217 12.45 -45.06 3.69
C GLY B 1217 11.46 -45.80 2.79
N LYS C 10 -25.09 -1.36 -19.79
CA LYS C 10 -25.06 -2.19 -20.99
C LYS C 10 -26.34 -2.00 -21.81
N ARG C 11 -27.01 -3.11 -22.12
CA ARG C 11 -28.13 -3.12 -23.05
C ARG C 11 -29.39 -3.57 -22.32
N GLY C 12 -30.48 -2.82 -22.51
CA GLY C 12 -31.75 -3.17 -21.93
C GLY C 12 -32.46 -1.94 -21.37
N PRO C 13 -33.78 -2.02 -21.17
CA PRO C 13 -34.49 -0.91 -20.52
C PRO C 13 -34.25 -0.84 -19.02
N LEU C 14 -33.30 -1.62 -18.53
CA LEU C 14 -32.88 -1.58 -17.14
C LEU C 14 -31.36 -1.44 -17.03
N ALA C 15 -30.69 -1.08 -18.14
CA ALA C 15 -29.24 -0.92 -18.12
C ALA C 15 -28.81 0.19 -17.18
N LYS C 16 -29.61 1.24 -17.11
CA LYS C 16 -29.32 2.36 -16.22
C LYS C 16 -29.22 1.91 -14.77
N ILE C 17 -30.13 1.03 -14.35
CA ILE C 17 -30.12 0.59 -12.96
C ILE C 17 -28.94 -0.34 -12.70
N TRP C 18 -28.63 -1.22 -13.68
CA TRP C 18 -27.39 -2.00 -13.66
C TRP C 18 -26.18 -1.12 -13.39
N LEU C 19 -26.01 -0.07 -14.19
CA LEU C 19 -24.86 0.81 -14.04
C LEU C 19 -24.86 1.48 -12.68
N ALA C 20 -26.02 1.99 -12.26
CA ALA C 20 -26.11 2.66 -10.97
C ALA C 20 -25.84 1.71 -9.81
N ALA C 21 -26.03 0.42 -9.99
CA ALA C 21 -25.76 -0.54 -8.94
C ALA C 21 -24.36 -1.13 -8.97
N HIS C 22 -23.67 -1.02 -10.11
CA HIS C 22 -22.33 -1.62 -10.21
C HIS C 22 -21.23 -0.57 -10.31
N TRP C 23 -21.30 0.35 -11.27
CA TRP C 23 -20.18 1.25 -11.53
C TRP C 23 -20.44 2.67 -11.02
N ASP C 24 -21.58 3.26 -11.40
CA ASP C 24 -22.16 4.47 -10.83
C ASP C 24 -21.40 5.74 -11.21
N LYS C 25 -20.22 5.61 -11.79
CA LYS C 25 -19.47 6.82 -12.10
C LYS C 25 -19.78 7.36 -13.50
N LYS C 26 -19.87 6.48 -14.49
CA LYS C 26 -20.23 6.90 -15.84
C LYS C 26 -21.65 7.45 -15.94
N LEU C 27 -22.48 7.25 -14.94
CA LEU C 27 -23.86 7.71 -14.96
C LEU C 27 -23.90 9.24 -14.86
N THR C 28 -24.33 9.90 -15.93
CA THR C 28 -24.24 11.34 -16.02
C THR C 28 -25.48 12.02 -15.47
N LYS C 29 -25.34 13.33 -15.22
CA LYS C 29 -26.45 14.16 -14.77
C LYS C 29 -27.59 14.22 -15.79
N ALA C 30 -27.31 13.87 -17.05
CA ALA C 30 -28.38 13.82 -18.04
C ALA C 30 -29.18 12.53 -17.93
N HIS C 31 -28.50 11.41 -17.69
CA HIS C 31 -29.19 10.15 -17.45
C HIS C 31 -30.13 10.24 -16.26
N VAL C 32 -29.57 10.51 -15.07
CA VAL C 32 -30.25 10.39 -13.77
C VAL C 32 -31.62 11.07 -13.76
N PHE C 33 -31.73 12.24 -14.38
CA PHE C 33 -32.90 13.10 -14.24
C PHE C 33 -34.20 12.48 -14.74
N GLU C 34 -34.32 12.20 -16.04
CA GLU C 34 -35.61 11.78 -16.59
C GLU C 34 -35.52 10.51 -17.44
N CYS C 35 -34.37 9.82 -17.43
CA CYS C 35 -34.25 8.58 -18.19
C CYS C 35 -35.25 7.53 -17.72
N ASN C 36 -35.43 7.38 -16.41
CA ASN C 36 -36.23 6.30 -15.87
C ASN C 36 -37.42 6.84 -15.11
N LEU C 37 -38.60 6.30 -15.41
CA LEU C 37 -39.82 6.65 -14.71
C LEU C 37 -39.98 5.63 -13.60
N GLU C 38 -39.69 6.06 -12.37
CA GLU C 38 -39.62 5.21 -11.18
C GLU C 38 -40.83 4.28 -11.06
N SER C 39 -42.02 4.89 -10.99
CA SER C 39 -43.27 4.17 -10.79
C SER C 39 -43.54 3.14 -11.87
N SER C 40 -42.86 3.23 -13.02
CA SER C 40 -42.99 2.22 -14.06
C SER C 40 -41.85 1.21 -14.01
N VAL C 41 -40.60 1.67 -13.84
CA VAL C 41 -39.47 0.76 -13.95
C VAL C 41 -39.42 -0.19 -12.76
N GLU C 42 -39.55 0.34 -11.53
CA GLU C 42 -39.57 -0.52 -10.36
C GLU C 42 -40.74 -1.49 -10.43
N SER C 43 -41.87 -1.04 -10.96
CA SER C 43 -42.99 -1.93 -11.18
C SER C 43 -42.63 -3.03 -12.16
N ILE C 44 -41.83 -2.69 -13.17
CA ILE C 44 -41.38 -3.69 -14.16
C ILE C 44 -40.47 -4.73 -13.51
N ILE C 45 -39.64 -4.31 -12.54
CA ILE C 45 -38.66 -5.24 -11.95
C ILE C 45 -39.32 -6.40 -11.24
N SER C 46 -40.41 -6.16 -10.50
CA SER C 46 -41.00 -7.21 -9.66
C SER C 46 -41.53 -8.44 -10.41
N PRO C 47 -42.30 -8.35 -11.50
CA PRO C 47 -42.77 -9.58 -12.15
C PRO C 47 -41.94 -10.03 -13.34
N LYS C 48 -40.77 -9.42 -13.55
CA LYS C 48 -39.92 -9.77 -14.69
C LYS C 48 -39.52 -11.23 -14.64
N VAL C 49 -39.56 -11.88 -15.81
CA VAL C 49 -39.35 -13.31 -15.91
C VAL C 49 -37.94 -13.69 -15.45
N LYS C 50 -37.86 -14.83 -14.74
CA LYS C 50 -36.62 -15.50 -14.29
C LYS C 50 -35.65 -14.54 -13.57
N MET C 51 -36.18 -13.79 -12.61
CA MET C 51 -35.37 -12.86 -11.83
C MET C 51 -34.82 -13.56 -10.60
N ALA C 52 -33.49 -13.67 -10.53
CA ALA C 52 -32.83 -14.23 -9.36
C ALA C 52 -32.86 -13.24 -8.22
N LEU C 53 -32.86 -13.77 -6.99
CA LEU C 53 -32.91 -12.93 -5.80
C LEU C 53 -31.68 -12.05 -5.67
N ARG C 54 -30.50 -12.60 -5.99
CA ARG C 54 -29.24 -11.85 -5.97
C ARG C 54 -29.30 -10.61 -6.85
N THR C 55 -29.55 -10.82 -8.15
CA THR C 55 -29.68 -9.71 -9.09
C THR C 55 -30.78 -8.75 -8.68
N SER C 56 -31.85 -9.25 -8.07
CA SER C 56 -32.91 -8.37 -7.58
C SER C 56 -32.40 -7.44 -6.49
N GLY C 57 -31.59 -7.96 -5.56
CA GLY C 57 -31.02 -7.11 -4.53
C GLY C 57 -30.09 -6.04 -5.11
N HIS C 58 -29.28 -6.44 -6.09
CA HIS C 58 -28.45 -5.49 -6.81
C HIS C 58 -29.31 -4.38 -7.42
N LEU C 59 -30.40 -4.76 -8.09
CA LEU C 59 -31.27 -3.77 -8.71
C LEU C 59 -31.94 -2.87 -7.68
N LEU C 60 -32.22 -3.41 -6.50
CA LEU C 60 -32.78 -2.58 -5.43
C LEU C 60 -31.81 -1.47 -5.04
N LEU C 61 -30.56 -1.82 -4.77
CA LEU C 61 -29.59 -0.77 -4.44
C LEU C 61 -29.45 0.23 -5.59
N GLY C 62 -29.49 -0.28 -6.83
CA GLY C 62 -29.43 0.62 -7.98
C GLY C 62 -30.53 1.66 -7.99
N VAL C 63 -31.79 1.21 -7.83
CA VAL C 63 -32.90 2.14 -7.92
C VAL C 63 -32.89 3.10 -6.74
N VAL C 64 -32.44 2.66 -5.57
CA VAL C 64 -32.41 3.57 -4.43
C VAL C 64 -31.35 4.64 -4.63
N ARG C 65 -30.20 4.28 -5.21
CA ARG C 65 -29.18 5.27 -5.52
C ARG C 65 -29.68 6.30 -6.53
N ILE C 66 -30.39 5.84 -7.56
CA ILE C 66 -31.00 6.74 -8.54
C ILE C 66 -31.90 7.75 -7.85
N TYR C 67 -32.80 7.25 -7.01
CA TYR C 67 -33.77 8.11 -6.32
C TYR C 67 -33.07 9.12 -5.42
N HIS C 68 -32.03 8.68 -4.70
CA HIS C 68 -31.26 9.60 -3.86
C HIS C 68 -30.62 10.71 -4.68
N ARG C 69 -30.10 10.37 -5.85
CA ARG C 69 -29.49 11.39 -6.70
C ARG C 69 -30.53 12.41 -7.17
N LYS C 70 -31.71 11.93 -7.55
CA LYS C 70 -32.80 12.84 -7.93
C LYS C 70 -33.12 13.81 -6.79
N ALA C 71 -33.17 13.30 -5.56
CA ALA C 71 -33.39 14.17 -4.40
C ALA C 71 -32.32 15.24 -4.28
N LYS C 72 -31.05 14.85 -4.46
CA LYS C 72 -29.94 15.81 -4.39
C LYS C 72 -30.11 16.93 -5.39
N TYR C 73 -30.41 16.59 -6.64
CA TYR C 73 -30.55 17.60 -7.69
C TYR C 73 -31.72 18.53 -7.40
N LEU C 74 -32.86 17.97 -6.98
CA LEU C 74 -34.01 18.82 -6.66
C LEU C 74 -33.70 19.81 -5.56
N LEU C 75 -33.01 19.35 -4.51
CA LEU C 75 -32.62 20.26 -3.43
C LEU C 75 -31.73 21.38 -3.94
N ALA C 76 -30.73 21.03 -4.77
CA ALA C 76 -29.80 22.02 -5.29
C ALA C 76 -30.52 23.10 -6.11
N ASP C 77 -31.42 22.67 -7.01
CA ASP C 77 -32.13 23.63 -7.86
C ASP C 77 -33.07 24.51 -7.05
N CYS C 78 -33.79 23.92 -6.08
CA CYS C 78 -34.66 24.71 -5.21
C CYS C 78 -33.87 25.76 -4.44
N ASN C 79 -32.72 25.37 -3.89
CA ASN C 79 -31.89 26.30 -3.14
C ASN C 79 -31.43 27.45 -4.01
N GLU C 80 -31.05 27.14 -5.25
CA GLU C 80 -30.66 28.18 -6.21
C GLU C 80 -31.79 29.17 -6.45
N ALA C 81 -32.99 28.65 -6.70
CA ALA C 81 -34.16 29.51 -6.92
C ALA C 81 -34.41 30.44 -5.73
N PHE C 82 -34.40 29.88 -4.52
CA PHE C 82 -34.69 30.70 -3.36
C PHE C 82 -33.62 31.76 -3.14
N ILE C 83 -32.35 31.44 -3.44
CA ILE C 83 -31.32 32.47 -3.33
C ILE C 83 -31.56 33.57 -4.35
N LYS C 84 -32.05 33.21 -5.54
CA LYS C 84 -32.39 34.21 -6.55
C LYS C 84 -33.49 35.15 -6.07
N ILE C 85 -34.59 34.60 -5.57
CA ILE C 85 -35.79 35.41 -5.30
C ILE C 85 -35.55 36.48 -4.24
N LYS C 86 -34.57 36.30 -3.36
CA LYS C 86 -34.27 37.32 -2.36
C LYS C 86 -33.64 38.56 -2.95
N MET C 87 -33.33 38.58 -4.24
CA MET C 87 -32.82 39.78 -4.89
C MET C 87 -33.97 40.69 -5.28
N ALA C 88 -33.62 41.95 -5.51
CA ALA C 88 -34.58 42.96 -5.96
C ALA C 88 -33.78 44.14 -6.50
N PHE C 89 -34.50 45.13 -7.04
CA PHE C 89 -33.87 46.34 -7.58
C PHE C 89 -34.78 47.50 -7.18
N ARG C 90 -34.50 48.09 -6.04
CA ARG C 90 -35.22 49.28 -5.59
C ARG C 90 -34.30 50.48 -5.73
N PRO C 91 -34.44 51.29 -6.79
CA PRO C 91 -33.47 52.36 -7.05
C PRO C 91 -33.46 53.48 -6.03
N GLY C 92 -34.36 53.48 -5.05
CA GLY C 92 -34.42 54.53 -4.05
C GLY C 92 -34.80 55.88 -4.62
N ILE C 154 17.78 28.37 2.38
CA ILE C 154 17.10 28.92 3.55
C ILE C 154 17.05 27.82 4.62
N LEU C 155 17.21 26.57 4.17
CA LEU C 155 17.50 25.42 5.03
C LEU C 155 16.37 25.12 6.02
N GLN C 156 15.15 25.59 5.73
CA GLN C 156 14.04 25.61 6.67
C GLN C 156 13.65 24.22 7.17
N GLU C 157 13.16 23.33 6.29
CA GLU C 157 12.90 21.95 6.70
C GLU C 157 13.56 20.98 5.71
N ASN C 158 14.84 20.73 5.95
CA ASN C 158 15.55 19.65 5.29
C ASN C 158 15.62 18.47 6.24
N ASP C 159 15.59 17.27 5.69
CA ASP C 159 15.88 16.11 6.51
C ASP C 159 17.33 16.19 6.96
N PHE C 160 17.56 15.85 8.23
CA PHE C 160 18.89 15.88 8.82
C PHE C 160 19.81 14.98 8.02
N GLY C 161 20.74 15.60 7.29
CA GLY C 161 21.67 14.92 6.43
C GLY C 161 20.95 14.06 5.41
N ASP C 162 21.64 13.02 4.96
CA ASP C 162 21.14 12.23 3.85
C ASP C 162 20.51 10.92 4.29
N PHE C 163 20.74 10.48 5.53
CA PHE C 163 20.21 9.22 6.05
C PHE C 163 18.69 9.09 5.90
N GLY C 164 17.98 10.21 5.83
CA GLY C 164 16.56 10.19 5.52
C GLY C 164 16.28 9.61 4.15
N MET C 165 16.88 10.17 3.11
CA MET C 165 16.72 9.65 1.76
C MET C 165 18.07 9.55 1.03
N ASP C 166 18.84 8.52 1.37
CA ASP C 166 20.03 8.20 0.60
C ASP C 166 20.35 6.71 0.70
N ASP C 167 19.33 5.85 0.50
CA ASP C 167 19.48 4.40 0.67
C ASP C 167 20.74 3.88 -0.03
N ARG C 168 21.65 3.34 0.77
CA ARG C 168 23.02 3.13 0.33
C ARG C 168 23.12 1.95 -0.62
N GLU C 169 24.20 1.96 -1.41
CA GLU C 169 24.39 0.98 -2.46
C GLU C 169 24.94 -0.32 -1.87
N ILE C 170 24.38 -1.43 -2.32
CA ILE C 170 24.73 -2.75 -1.82
C ILE C 170 26.04 -3.20 -2.46
N MET C 171 26.65 -4.24 -1.91
CA MET C 171 27.87 -4.78 -2.48
C MET C 171 27.81 -6.30 -2.57
N LYS C 558 -14.32 -57.62 2.76
CA LYS C 558 -13.95 -57.06 4.05
C LYS C 558 -13.19 -58.08 4.88
N ARG C 559 -11.92 -57.76 5.16
CA ARG C 559 -11.03 -58.62 5.94
C ARG C 559 -11.68 -59.09 7.24
N THR C 560 -12.38 -58.18 7.92
CA THR C 560 -13.09 -58.50 9.16
C THR C 560 -14.04 -59.68 8.97
N GLN C 561 -14.87 -59.64 7.93
CA GLN C 561 -15.79 -60.76 7.70
C GLN C 561 -15.08 -62.00 7.20
N GLN C 562 -13.90 -61.87 6.59
CA GLN C 562 -13.07 -63.04 6.32
C GLN C 562 -12.64 -63.71 7.62
N MET C 563 -12.14 -62.92 8.57
CA MET C 563 -11.81 -63.44 9.90
C MET C 563 -13.05 -63.98 10.60
N LEU C 564 -14.22 -63.41 10.31
CA LEU C 564 -15.47 -63.96 10.84
C LEU C 564 -15.72 -65.37 10.32
N HIS C 565 -15.50 -65.58 9.02
CA HIS C 565 -15.56 -66.92 8.45
C HIS C 565 -14.55 -67.84 9.13
N GLY C 566 -13.35 -67.32 9.37
CA GLY C 566 -12.36 -68.06 10.15
C GLY C 566 -12.90 -68.46 11.51
N LEU C 567 -13.64 -67.57 12.17
CA LEU C 567 -14.23 -67.88 13.47
C LEU C 567 -15.29 -68.97 13.35
N GLN C 568 -16.16 -68.86 12.33
CA GLN C 568 -17.20 -69.87 12.10
C GLN C 568 -16.57 -71.25 11.91
N ARG C 569 -15.56 -71.34 11.06
CA ARG C 569 -14.93 -72.63 10.80
C ARG C 569 -14.11 -73.11 12.00
N ALA C 570 -13.51 -72.19 12.76
CA ALA C 570 -12.75 -72.58 13.94
C ALA C 570 -13.68 -73.09 15.03
N LEU C 571 -14.93 -72.64 15.05
CA LEU C 571 -15.85 -73.11 16.07
C LEU C 571 -16.54 -74.41 15.67
N ALA C 572 -16.95 -74.53 14.41
CA ALA C 572 -17.70 -75.70 13.96
C ALA C 572 -16.93 -77.01 14.01
N LYS C 573 -15.65 -76.98 14.42
CA LYS C 573 -14.80 -78.16 14.45
C LYS C 573 -14.78 -78.82 15.82
N THR C 574 -14.84 -78.04 16.91
CA THR C 574 -14.86 -78.58 18.26
C THR C 574 -16.21 -78.45 18.95
N GLY C 575 -16.99 -77.42 18.62
CA GLY C 575 -18.35 -77.33 19.10
C GLY C 575 -18.52 -77.04 20.57
N ALA C 576 -17.43 -76.74 21.29
CA ALA C 576 -17.49 -76.37 22.70
C ALA C 576 -17.91 -74.92 22.93
N GLU C 577 -18.45 -74.25 21.90
CA GLU C 577 -18.86 -72.84 21.85
C GLU C 577 -17.90 -71.90 22.59
N SER C 578 -16.60 -72.13 22.45
CA SER C 578 -15.62 -71.35 23.19
C SER C 578 -14.35 -71.27 22.34
N ILE C 579 -14.25 -70.21 21.55
CA ILE C 579 -13.02 -69.90 20.84
C ILE C 579 -12.10 -69.17 21.80
N SER C 580 -11.00 -69.80 22.18
CA SER C 580 -10.03 -69.16 23.06
C SER C 580 -9.05 -68.34 22.22
N LEU C 581 -8.56 -67.25 22.81
CA LEU C 581 -7.69 -66.35 22.06
C LEU C 581 -6.25 -66.84 22.07
N LEU C 582 -5.79 -67.32 23.23
CA LEU C 582 -4.42 -67.83 23.36
C LEU C 582 -4.11 -68.90 22.32
N GLU C 583 -5.07 -69.80 22.07
CA GLU C 583 -4.88 -70.82 21.05
C GLU C 583 -4.81 -70.21 19.66
N LEU C 584 -5.75 -69.30 19.34
CA LEU C 584 -5.76 -68.66 18.03
C LEU C 584 -4.53 -67.81 17.76
N CYS C 585 -3.83 -67.38 18.81
CA CYS C 585 -2.58 -66.65 18.67
C CYS C 585 -1.38 -67.44 19.16
N ARG C 586 -1.48 -68.78 19.16
CA ARG C 586 -0.45 -69.61 19.78
C ARG C 586 0.87 -69.57 19.02
N ASN C 587 0.83 -69.35 17.72
CA ASN C 587 2.00 -69.54 16.88
C ASN C 587 2.14 -68.40 15.87
N THR C 588 2.07 -67.16 16.34
CA THR C 588 2.11 -66.02 15.46
C THR C 588 3.12 -64.98 15.96
N ASN C 589 3.32 -63.97 15.13
CA ASN C 589 4.18 -62.83 15.45
C ASN C 589 3.35 -61.69 16.04
N ARG C 590 4.06 -60.64 16.46
CA ARG C 590 3.45 -59.59 17.28
C ARG C 590 2.34 -58.86 16.53
N LYS C 591 2.63 -58.42 15.30
CA LYS C 591 1.69 -57.60 14.54
C LYS C 591 0.38 -58.33 14.30
N GLN C 592 0.45 -59.58 13.85
CA GLN C 592 -0.77 -60.33 13.59
C GLN C 592 -1.54 -60.65 14.86
N ALA C 593 -0.83 -60.80 15.98
CA ALA C 593 -1.50 -61.00 17.26
C ALA C 593 -2.33 -59.78 17.65
N ALA C 594 -1.71 -58.59 17.56
CA ALA C 594 -2.45 -57.36 17.85
C ALA C 594 -3.63 -57.20 16.90
N ALA C 595 -3.43 -57.52 15.62
CA ALA C 595 -4.51 -57.46 14.63
C ALA C 595 -5.67 -58.37 15.02
N LYS C 596 -5.37 -59.60 15.45
CA LYS C 596 -6.42 -60.54 15.81
C LYS C 596 -7.20 -60.05 17.04
N PHE C 597 -6.51 -59.53 18.05
CA PHE C 597 -7.19 -58.99 19.21
C PHE C 597 -8.12 -57.84 18.83
N TYR C 598 -7.61 -56.90 18.04
CA TYR C 598 -8.41 -55.76 17.59
C TYR C 598 -9.60 -56.22 16.76
N SER C 599 -9.42 -57.29 15.98
CA SER C 599 -10.53 -57.83 15.20
C SER C 599 -11.61 -58.40 16.11
N PHE C 600 -11.22 -59.10 17.19
CA PHE C 600 -12.21 -59.54 18.16
C PHE C 600 -13.00 -58.36 18.72
N LEU C 601 -12.32 -57.25 19.00
CA LEU C 601 -13.04 -56.09 19.53
C LEU C 601 -14.03 -55.52 18.50
N VAL C 602 -13.58 -55.32 17.26
CA VAL C 602 -14.47 -54.74 16.26
C VAL C 602 -15.62 -55.70 15.93
N LEU C 603 -15.43 -57.00 16.14
CA LEU C 603 -16.53 -57.94 15.96
C LEU C 603 -17.53 -57.83 17.09
N LYS C 604 -17.03 -57.79 18.34
CA LYS C 604 -17.90 -57.61 19.50
C LYS C 604 -18.72 -56.33 19.44
N LYS C 605 -18.20 -55.29 18.76
CA LYS C 605 -18.98 -54.07 18.59
C LYS C 605 -20.28 -54.34 17.84
N GLN C 606 -20.23 -55.13 16.79
CA GLN C 606 -21.39 -55.39 15.95
C GLN C 606 -22.27 -56.53 16.47
N GLN C 607 -22.11 -56.89 17.74
CA GLN C 607 -22.95 -57.84 18.47
C GLN C 607 -22.92 -59.27 17.93
N ALA C 608 -22.09 -59.53 16.92
CA ALA C 608 -22.03 -60.85 16.33
C ALA C 608 -21.26 -61.86 17.17
N ILE C 609 -20.84 -61.49 18.38
CA ILE C 609 -20.04 -62.35 19.24
C ILE C 609 -20.03 -61.74 20.64
N GLU C 610 -20.07 -62.58 21.67
CA GLU C 610 -19.98 -62.13 23.05
C GLU C 610 -18.74 -62.76 23.67
N LEU C 611 -17.91 -61.95 24.31
CA LEU C 611 -16.65 -62.42 24.84
C LEU C 611 -16.60 -62.18 26.34
N THR C 612 -15.78 -62.98 27.01
CA THR C 612 -15.72 -63.01 28.47
C THR C 612 -14.26 -63.02 28.91
N GLN C 613 -14.01 -62.30 30.00
CA GLN C 613 -12.71 -62.22 30.64
C GLN C 613 -12.92 -62.13 32.14
N GLU C 614 -12.26 -63.01 32.90
CA GLU C 614 -12.44 -63.07 34.35
C GLU C 614 -11.32 -62.36 35.10
N GLU C 615 -10.09 -62.81 34.93
CA GLU C 615 -8.95 -62.25 35.63
C GLU C 615 -8.42 -61.01 34.91
N PRO C 616 -7.64 -60.16 35.60
CA PRO C 616 -7.02 -59.03 34.89
C PRO C 616 -6.13 -59.45 33.74
N TYR C 617 -5.30 -60.46 33.92
CA TYR C 617 -4.43 -60.96 32.85
C TYR C 617 -4.71 -62.46 32.67
N SER C 618 -5.43 -62.81 31.62
CA SER C 618 -5.88 -64.18 31.39
C SER C 618 -6.40 -64.30 29.96
N ASP C 619 -6.78 -65.53 29.58
CA ASP C 619 -7.27 -65.81 28.25
C ASP C 619 -8.69 -65.27 28.06
N ILE C 620 -9.04 -65.04 26.80
CA ILE C 620 -10.34 -64.51 26.41
C ILE C 620 -11.19 -65.66 25.89
N ILE C 621 -12.46 -65.72 26.30
CA ILE C 621 -13.35 -66.81 25.88
C ILE C 621 -14.50 -66.22 25.08
N ALA C 622 -14.69 -66.70 23.86
CA ALA C 622 -15.64 -66.11 22.93
C ALA C 622 -16.75 -67.09 22.57
N THR C 623 -17.95 -66.57 22.32
CA THR C 623 -19.08 -67.40 21.93
C THR C 623 -20.04 -66.61 21.06
N PRO C 624 -20.65 -67.24 20.05
CA PRO C 624 -21.54 -66.50 19.14
C PRO C 624 -22.74 -65.89 19.83
N GLY C 625 -23.04 -64.66 19.45
CA GLY C 625 -24.18 -63.93 19.95
C GLY C 625 -25.24 -63.84 18.88
N PRO C 626 -26.12 -62.83 18.98
CA PRO C 626 -27.31 -62.75 18.12
C PRO C 626 -27.06 -62.79 16.62
N ARG C 627 -26.37 -61.79 16.09
CA ARG C 627 -26.23 -61.68 14.63
C ARG C 627 -25.02 -62.43 14.12
N PHE C 628 -24.89 -63.71 14.50
CA PHE C 628 -23.83 -64.55 13.96
C PHE C 628 -24.08 -64.94 12.50
N HIS C 629 -25.28 -64.66 11.97
CA HIS C 629 -25.78 -65.00 10.64
C HIS C 629 -25.99 -66.50 10.46
N ILE C 630 -25.57 -67.30 11.44
CA ILE C 630 -25.62 -68.78 11.45
C ILE C 630 -25.34 -69.46 10.10
N MET D 31 -27.81 69.11 -48.92
CA MET D 31 -27.59 70.41 -49.53
C MET D 31 -28.45 71.47 -48.84
N MET D 32 -28.74 72.55 -49.57
CA MET D 32 -29.68 73.55 -49.07
C MET D 32 -31.02 72.91 -48.74
N ASP D 33 -31.67 72.36 -49.74
CA ASP D 33 -32.72 71.38 -49.55
C ASP D 33 -32.52 70.15 -50.43
N SER D 34 -32.05 70.35 -51.66
CA SER D 34 -31.95 69.32 -52.70
C SER D 34 -33.25 68.51 -52.78
N SER D 35 -34.35 69.24 -52.91
CA SER D 35 -35.70 68.68 -52.80
C SER D 35 -36.10 67.98 -54.11
N THR D 36 -35.44 66.85 -54.37
CA THR D 36 -35.92 65.94 -55.42
C THR D 36 -36.11 64.52 -54.92
N PHE D 37 -35.19 64.00 -54.11
CA PHE D 37 -35.42 62.75 -53.40
C PHE D 37 -36.02 62.99 -52.02
N LYS D 38 -35.75 64.17 -51.44
CA LYS D 38 -36.66 64.73 -50.46
C LYS D 38 -38.10 64.70 -50.98
N ARG D 39 -38.29 65.07 -52.25
CA ARG D 39 -39.62 64.98 -52.87
C ARG D 39 -40.07 63.54 -53.01
N PHE D 40 -39.17 62.64 -53.47
CA PHE D 40 -39.45 61.20 -53.47
C PHE D 40 -40.11 60.73 -52.18
N THR D 41 -39.39 60.92 -51.06
CA THR D 41 -39.87 60.36 -49.80
C THR D 41 -41.09 61.11 -49.27
N ALA D 42 -41.11 62.45 -49.41
CA ALA D 42 -42.27 63.22 -48.97
C ALA D 42 -43.52 62.76 -49.70
N SER D 43 -43.42 62.61 -51.03
CA SER D 43 -44.51 62.11 -51.85
C SER D 43 -44.96 60.73 -51.38
N ILE D 44 -44.01 59.79 -51.24
CA ILE D 44 -44.33 58.44 -50.79
C ILE D 44 -45.12 58.48 -49.49
N GLU D 45 -44.63 59.23 -48.50
CA GLU D 45 -45.25 59.23 -47.19
C GLU D 45 -46.65 59.83 -47.22
N ASN D 46 -46.83 60.98 -47.90
CA ASN D 46 -48.15 61.61 -47.88
C ASN D 46 -49.17 60.80 -48.67
N ILE D 47 -48.79 60.26 -49.85
CA ILE D 47 -49.74 59.45 -50.59
C ILE D 47 -50.10 58.19 -49.80
N LEU D 48 -49.12 57.60 -49.09
CA LEU D 48 -49.38 56.35 -48.39
C LEU D 48 -50.29 56.55 -47.19
N ASP D 49 -49.99 57.54 -46.35
CA ASP D 49 -50.89 57.71 -45.20
C ASP D 49 -52.22 58.34 -45.59
N ASN D 50 -52.31 58.99 -46.77
CA ASN D 50 -53.63 59.39 -47.26
C ASN D 50 -54.44 58.18 -47.72
N LEU D 51 -53.83 57.29 -48.52
CA LEU D 51 -54.56 56.12 -48.99
C LEU D 51 -54.86 55.12 -47.87
N GLU D 52 -54.14 55.19 -46.75
CA GLU D 52 -54.46 54.29 -45.64
C GLU D 52 -55.42 54.93 -44.64
N ASP D 53 -55.18 56.18 -44.24
CA ASP D 53 -55.92 56.84 -43.18
C ASP D 53 -57.40 57.01 -43.49
N MET D 54 -57.71 57.81 -44.52
CA MET D 54 -59.09 58.19 -44.88
C MET D 54 -59.82 58.85 -43.71
N LEU D 69 -55.97 45.87 -42.92
CA LEU D 69 -55.70 47.28 -43.17
C LEU D 69 -54.24 47.62 -42.92
N LEU D 70 -53.34 47.02 -43.69
CA LEU D 70 -51.92 47.24 -43.53
C LEU D 70 -51.28 47.58 -44.86
N LEU D 71 -50.12 48.26 -44.80
CA LEU D 71 -49.52 48.85 -45.98
C LEU D 71 -48.94 47.80 -46.92
N GLY D 72 -48.37 46.73 -46.40
CA GLY D 72 -47.75 45.75 -47.26
C GLY D 72 -46.24 45.94 -47.38
N LYS D 73 -45.55 44.82 -47.65
CA LYS D 73 -44.09 44.76 -47.54
C LYS D 73 -43.39 45.71 -48.51
N HIS D 74 -43.95 45.89 -49.71
CA HIS D 74 -43.29 46.66 -50.75
C HIS D 74 -43.13 48.12 -50.34
N GLN D 75 -44.22 48.72 -49.84
CA GLN D 75 -44.21 50.11 -49.37
C GLN D 75 -43.12 50.32 -48.33
N LEU D 76 -43.07 49.42 -47.34
CA LEU D 76 -42.11 49.53 -46.26
C LEU D 76 -40.69 49.35 -46.76
N ASN D 77 -40.46 48.39 -47.66
CA ASN D 77 -39.11 48.14 -48.16
C ASN D 77 -38.60 49.36 -48.92
N GLU D 78 -39.44 49.94 -49.78
CA GLU D 78 -39.04 51.12 -50.55
C GLU D 78 -38.80 52.32 -49.63
N LEU D 79 -39.68 52.53 -48.66
CA LEU D 79 -39.51 53.64 -47.72
C LEU D 79 -38.24 53.45 -46.88
N GLY D 80 -37.93 52.21 -46.52
CA GLY D 80 -36.72 51.96 -45.76
C GLY D 80 -35.45 52.17 -46.55
N SER D 81 -35.43 51.70 -47.79
CA SER D 81 -34.27 51.92 -48.65
C SER D 81 -34.08 53.39 -48.94
N GLU D 82 -35.16 54.17 -48.98
CA GLU D 82 -35.00 55.61 -49.08
C GLU D 82 -34.65 56.25 -47.74
N SER D 83 -35.02 55.63 -46.62
CA SER D 83 -34.61 56.16 -45.33
C SER D 83 -33.11 56.01 -45.12
N ALA D 84 -32.54 54.92 -45.62
CA ALA D 84 -31.15 54.59 -45.37
C ALA D 84 -30.18 55.63 -45.90
N LYS D 85 -30.07 55.75 -47.21
CA LYS D 85 -29.06 56.60 -47.83
C LYS D 85 -29.61 57.96 -48.23
N ILE D 86 -30.77 57.99 -48.89
CA ILE D 86 -31.41 59.24 -49.27
C ILE D 86 -31.75 60.06 -48.04
N LYS D 87 -32.49 59.48 -47.10
CA LYS D 87 -32.89 60.18 -45.90
C LYS D 87 -31.91 60.02 -44.75
N ALA D 88 -30.65 59.68 -45.04
CA ALA D 88 -29.60 59.79 -44.03
C ALA D 88 -29.51 61.20 -43.47
N MET D 89 -29.80 62.21 -44.30
CA MET D 89 -29.83 63.61 -43.87
C MET D 89 -31.15 64.30 -44.18
N GLY D 90 -32.02 63.68 -44.97
CA GLY D 90 -33.23 64.32 -45.45
C GLY D 90 -34.47 64.16 -44.59
N ILE D 91 -34.36 63.51 -43.43
CA ILE D 91 -35.53 63.28 -42.59
C ILE D 91 -35.97 64.55 -41.85
N MET D 92 -35.06 65.50 -41.65
CA MET D 92 -35.40 66.77 -41.04
C MET D 92 -36.32 67.59 -41.95
N ASP D 93 -36.87 68.68 -41.38
CA ASP D 93 -37.69 69.66 -42.08
C ASP D 93 -38.92 69.02 -42.73
N LYS D 94 -39.80 68.52 -41.86
CA LYS D 94 -41.04 67.89 -42.27
C LYS D 94 -42.11 68.24 -41.24
N LEU D 95 -43.32 67.73 -41.46
CA LEU D 95 -44.46 68.11 -40.63
C LEU D 95 -44.55 67.15 -39.45
N SER D 96 -44.72 67.70 -38.25
CA SER D 96 -44.50 66.94 -37.02
C SER D 96 -45.60 65.92 -36.75
N THR D 97 -46.85 66.39 -36.56
CA THR D 97 -47.94 65.47 -36.26
C THR D 97 -48.21 64.50 -37.40
N ASP D 98 -47.82 64.86 -38.63
CA ASP D 98 -47.75 63.89 -39.71
C ASP D 98 -46.89 62.69 -39.31
N LYS D 99 -45.67 62.96 -38.85
CA LYS D 99 -44.79 61.89 -38.39
C LYS D 99 -45.40 61.13 -37.22
N THR D 100 -46.01 61.87 -36.28
CA THR D 100 -46.67 61.23 -35.14
C THR D 100 -47.70 60.19 -35.58
N VAL D 101 -48.59 60.57 -36.50
CA VAL D 101 -49.64 59.64 -36.88
C VAL D 101 -49.08 58.49 -37.71
N LYS D 102 -48.10 58.75 -38.60
CA LYS D 102 -47.62 57.62 -39.39
C LYS D 102 -46.84 56.62 -38.52
N VAL D 103 -46.02 57.11 -37.58
CA VAL D 103 -45.34 56.18 -36.69
C VAL D 103 -46.34 55.45 -35.80
N LEU D 104 -47.47 56.08 -35.46
CA LEU D 104 -48.51 55.36 -34.72
C LEU D 104 -49.12 54.24 -35.57
N ASN D 105 -49.32 54.50 -36.86
CA ASN D 105 -49.88 53.46 -37.73
C ASN D 105 -48.91 52.30 -37.92
N ILE D 106 -47.63 52.60 -38.19
CA ILE D 106 -46.68 51.50 -38.29
C ILE D 106 -46.42 50.86 -36.93
N LEU D 107 -46.73 51.55 -35.82
CA LEU D 107 -46.75 50.89 -34.52
C LEU D 107 -47.83 49.84 -34.47
N GLU D 108 -49.05 50.21 -34.89
CA GLU D 108 -50.14 49.24 -35.00
C GLU D 108 -49.76 48.09 -35.93
N LYS D 109 -48.93 48.37 -36.92
CA LYS D 109 -48.33 47.30 -37.73
C LYS D 109 -47.43 46.41 -36.88
N ASN D 110 -46.48 47.02 -36.16
CA ASN D 110 -45.51 46.29 -35.32
C ASN D 110 -46.18 45.32 -34.38
N ILE D 111 -47.29 45.74 -33.76
CA ILE D 111 -47.98 44.93 -32.75
C ILE D 111 -48.43 43.57 -33.30
N GLN D 112 -48.56 43.43 -34.63
CA GLN D 112 -49.08 42.22 -35.23
C GLN D 112 -48.16 41.00 -35.02
N ASP D 113 -46.88 41.20 -34.74
CA ASP D 113 -45.97 40.08 -34.53
C ASP D 113 -45.33 40.06 -33.15
N GLY D 114 -45.51 41.10 -32.35
CA GLY D 114 -45.14 41.06 -30.94
C GLY D 114 -45.88 39.93 -30.26
N SER D 115 -45.14 38.91 -29.83
CA SER D 115 -45.68 37.64 -29.37
C SER D 115 -46.57 36.99 -30.44
N LYS D 116 -45.95 36.72 -31.59
CA LYS D 116 -46.65 36.01 -32.65
C LYS D 116 -46.83 34.55 -32.31
N LEU D 117 -45.86 33.97 -31.58
CA LEU D 117 -45.84 32.57 -31.16
C LEU D 117 -45.90 31.63 -32.36
N SER D 118 -44.81 31.66 -33.13
CA SER D 118 -44.67 30.80 -34.30
C SER D 118 -43.24 30.35 -34.48
N GLU D 131 -47.61 23.61 -44.96
CA GLU D 131 -46.73 23.89 -46.09
C GLU D 131 -47.13 25.23 -46.71
N ARG D 132 -48.22 25.80 -46.18
CA ARG D 132 -48.73 27.09 -46.61
C ARG D 132 -48.87 28.06 -45.45
N LEU D 133 -49.32 27.58 -44.28
CA LEU D 133 -49.40 28.42 -43.10
C LEU D 133 -48.02 28.94 -42.73
N TRP D 134 -47.00 28.09 -42.91
CA TRP D 134 -45.60 28.48 -42.74
C TRP D 134 -45.21 29.63 -43.65
N ARG D 135 -45.68 29.59 -44.91
CA ARG D 135 -45.49 30.72 -45.82
C ARG D 135 -46.13 31.99 -45.26
N ASP D 136 -47.36 31.88 -44.76
CA ASP D 136 -48.03 33.04 -44.16
C ASP D 136 -47.21 33.62 -43.00
N LEU D 137 -46.66 32.74 -42.17
CA LEU D 137 -45.78 33.16 -41.08
C LEU D 137 -44.61 33.97 -41.59
N ILE D 138 -43.81 33.40 -42.51
CA ILE D 138 -42.60 34.09 -42.94
C ILE D 138 -42.90 35.41 -43.65
N MET D 139 -44.01 35.49 -44.39
CA MET D 139 -44.43 36.77 -44.96
C MET D 139 -44.66 37.82 -43.87
N GLU D 140 -45.48 37.46 -42.86
CA GLU D 140 -45.74 38.37 -41.75
C GLU D 140 -44.45 38.78 -41.04
N ARG D 141 -43.53 37.83 -40.84
CA ARG D 141 -42.29 38.11 -40.13
C ARG D 141 -41.42 39.12 -40.86
N VAL D 142 -41.17 38.91 -42.16
CA VAL D 142 -40.33 39.86 -42.90
C VAL D 142 -40.99 41.22 -42.98
N THR D 143 -42.32 41.25 -43.17
CA THR D 143 -43.02 42.53 -43.22
C THR D 143 -42.83 43.30 -41.93
N LYS D 144 -43.05 42.65 -40.79
CA LYS D 144 -42.95 43.35 -39.52
C LYS D 144 -41.51 43.72 -39.16
N SER D 145 -40.53 42.90 -39.55
CA SER D 145 -39.14 43.25 -39.25
C SER D 145 -38.66 44.42 -40.11
N ALA D 146 -39.06 44.44 -41.38
CA ALA D 146 -38.82 45.61 -42.21
C ALA D 146 -39.44 46.85 -41.58
N ASP D 147 -40.67 46.71 -41.08
CA ASP D 147 -41.34 47.83 -40.43
C ASP D 147 -40.57 48.32 -39.21
N ALA D 148 -40.11 47.38 -38.36
CA ALA D 148 -39.35 47.75 -37.17
C ALA D 148 -38.09 48.52 -37.55
N CYS D 149 -37.38 48.03 -38.58
CA CYS D 149 -36.25 48.76 -39.14
C CYS D 149 -36.65 50.19 -39.51
N LEU D 150 -37.80 50.33 -40.17
CA LEU D 150 -38.29 51.66 -40.57
C LEU D 150 -38.43 52.59 -39.36
N THR D 151 -39.10 52.11 -38.32
CA THR D 151 -39.39 53.00 -37.19
C THR D 151 -38.12 53.39 -36.45
N THR D 152 -37.23 52.43 -36.22
CA THR D 152 -36.02 52.74 -35.49
C THR D 152 -35.03 53.58 -36.30
N ILE D 153 -35.11 53.54 -37.65
CA ILE D 153 -34.30 54.48 -38.41
C ILE D 153 -34.91 55.88 -38.40
N ASN D 154 -36.24 55.96 -38.52
CA ASN D 154 -36.90 57.27 -38.57
C ASN D 154 -36.76 58.03 -37.25
N ILE D 155 -36.76 57.31 -36.12
CA ILE D 155 -36.63 58.01 -34.84
C ILE D 155 -35.24 58.61 -34.69
N MET D 156 -34.21 58.00 -35.26
CA MET D 156 -32.83 58.33 -34.94
C MET D 156 -32.14 59.21 -35.98
N THR D 157 -32.48 59.06 -37.27
CA THR D 157 -31.58 59.43 -38.37
C THR D 157 -31.09 60.87 -38.31
N SER D 158 -31.95 61.79 -37.91
CA SER D 158 -31.44 63.16 -37.89
C SER D 158 -30.68 63.41 -36.61
N PRO D 159 -29.60 64.19 -36.66
CA PRO D 159 -28.94 64.64 -35.43
C PRO D 159 -29.85 65.44 -34.50
N ASN D 160 -30.97 65.98 -34.99
CA ASN D 160 -31.86 66.76 -34.14
C ASN D 160 -33.27 66.74 -34.70
N MET D 161 -34.25 66.61 -33.81
CA MET D 161 -35.66 66.64 -34.13
C MET D 161 -36.38 67.41 -33.03
N PRO D 162 -37.64 67.82 -33.23
CA PRO D 162 -38.43 68.31 -32.10
C PRO D 162 -38.65 67.22 -31.06
N LYS D 163 -38.92 67.66 -29.84
CA LYS D 163 -39.26 66.73 -28.78
C LYS D 163 -40.67 66.19 -29.03
N ALA D 164 -40.97 65.05 -28.41
CA ALA D 164 -42.25 64.34 -28.50
C ALA D 164 -42.57 63.87 -29.91
N VAL D 165 -41.56 63.72 -30.76
CA VAL D 165 -41.79 63.09 -32.05
C VAL D 165 -41.61 61.58 -31.96
N TYR D 166 -41.17 61.07 -30.83
CA TYR D 166 -41.09 59.63 -30.60
C TYR D 166 -41.51 59.34 -29.16
N ILE D 167 -42.65 58.66 -29.02
CA ILE D 167 -43.22 58.32 -27.72
C ILE D 167 -42.79 56.92 -27.36
N GLU D 168 -42.53 56.69 -26.07
CA GLU D 168 -41.95 55.45 -25.55
C GLU D 168 -42.70 54.18 -25.97
N ASP D 169 -43.93 54.28 -26.45
CA ASP D 169 -44.70 53.09 -26.81
C ASP D 169 -44.04 52.34 -27.96
N VAL D 170 -43.66 53.04 -29.03
CA VAL D 170 -43.00 52.39 -30.16
C VAL D 170 -41.66 51.83 -29.73
N ILE D 171 -40.97 52.52 -28.81
CA ILE D 171 -39.74 52.00 -28.19
C ILE D 171 -39.99 50.62 -27.60
N GLU D 172 -40.92 50.55 -26.64
CA GLU D 172 -41.24 49.28 -25.98
C GLU D 172 -41.62 48.20 -26.98
N ARG D 173 -42.41 48.57 -27.99
CA ARG D 173 -42.86 47.61 -28.99
C ARG D 173 -41.69 47.00 -29.75
N VAL D 174 -40.83 47.84 -30.33
CA VAL D 174 -39.73 47.30 -31.13
C VAL D 174 -38.79 46.48 -30.24
N ILE D 175 -38.60 46.91 -28.97
CA ILE D 175 -37.73 46.17 -28.07
C ILE D 175 -38.26 44.75 -27.85
N GLN D 176 -39.50 44.64 -27.36
CA GLN D 176 -40.05 43.31 -27.08
C GLN D 176 -40.17 42.48 -28.34
N TYR D 177 -40.42 43.13 -29.49
CA TYR D 177 -40.49 42.42 -30.76
C TYR D 177 -39.18 41.72 -31.06
N THR D 178 -38.08 42.49 -31.06
CA THR D 178 -36.77 41.91 -31.32
C THR D 178 -36.44 40.84 -30.30
N LYS D 179 -36.78 41.07 -29.03
CA LYS D 179 -36.53 40.08 -27.99
C LYS D 179 -37.18 38.75 -28.34
N PHE D 180 -38.49 38.75 -28.59
CA PHE D 180 -39.19 37.48 -28.80
C PHE D 180 -38.77 36.83 -30.12
N HIS D 181 -38.79 37.59 -31.22
CA HIS D 181 -38.42 37.01 -32.52
C HIS D 181 -36.99 36.47 -32.50
N LEU D 182 -36.04 37.24 -31.99
CA LEU D 182 -34.66 36.80 -31.87
C LEU D 182 -34.58 35.51 -31.05
N GLN D 183 -34.94 35.59 -29.77
CA GLN D 183 -34.76 34.47 -28.85
C GLN D 183 -35.66 33.28 -29.15
N ASN D 184 -36.59 33.38 -30.10
CA ASN D 184 -37.43 32.23 -30.41
C ASN D 184 -37.35 31.77 -31.85
N THR D 185 -36.66 32.49 -32.72
CA THR D 185 -36.53 32.02 -34.10
C THR D 185 -35.07 31.97 -34.56
N LEU D 186 -34.24 32.92 -34.14
CA LEU D 186 -32.90 33.01 -34.72
C LEU D 186 -31.95 31.98 -34.09
N TYR D 187 -31.80 32.04 -32.76
CA TYR D 187 -30.95 31.09 -32.06
C TYR D 187 -31.23 29.62 -32.35
N PRO D 188 -32.48 29.12 -32.41
CA PRO D 188 -32.65 27.69 -32.73
C PRO D 188 -32.14 27.30 -34.10
N GLN D 189 -32.41 28.11 -35.12
CA GLN D 189 -32.00 27.73 -36.47
C GLN D 189 -30.52 28.00 -36.73
N TYR D 190 -29.88 28.86 -35.93
CA TYR D 190 -28.47 29.16 -36.11
C TYR D 190 -27.56 28.39 -35.19
N ASP D 191 -28.10 27.62 -34.25
CA ASP D 191 -27.27 26.94 -33.27
C ASP D 191 -27.97 25.69 -32.74
N PRO D 192 -27.36 24.51 -32.90
CA PRO D 192 -27.97 23.29 -32.35
C PRO D 192 -27.95 23.21 -30.83
N VAL D 193 -27.28 24.14 -30.15
CA VAL D 193 -27.26 24.14 -28.70
C VAL D 193 -28.66 24.40 -28.14
N TYR D 194 -29.32 25.43 -28.65
CA TYR D 194 -30.66 25.75 -28.18
C TYR D 194 -31.70 24.81 -28.77
N ARG D 195 -31.63 24.56 -30.07
CA ARG D 195 -32.55 23.63 -30.71
C ARG D 195 -32.17 22.19 -30.36
N GLN D 218 -35.76 29.23 -45.78
CA GLN D 218 -34.33 29.11 -45.47
C GLN D 218 -33.62 30.45 -45.66
N ARG D 219 -33.70 31.02 -46.86
CA ARG D 219 -33.09 32.32 -47.09
C ARG D 219 -33.78 33.41 -46.28
N VAL D 220 -35.08 33.24 -46.02
CA VAL D 220 -35.84 34.12 -45.15
C VAL D 220 -35.19 34.26 -43.76
N ILE D 221 -34.53 33.20 -43.30
CA ILE D 221 -33.86 33.23 -42.00
C ILE D 221 -32.68 34.21 -42.04
N VAL D 222 -31.84 34.10 -43.06
CA VAL D 222 -30.69 35.01 -43.18
C VAL D 222 -31.16 36.45 -43.40
N MET D 223 -32.26 36.62 -44.14
CA MET D 223 -32.85 37.94 -44.29
C MET D 223 -33.23 38.53 -42.94
N LEU D 224 -33.95 37.76 -42.12
CA LEU D 224 -34.34 38.23 -40.79
C LEU D 224 -33.12 38.51 -39.91
N TYR D 225 -32.09 37.67 -40.01
CA TYR D 225 -30.86 37.89 -39.27
C TYR D 225 -30.26 39.25 -39.58
N ASN D 226 -30.15 39.56 -40.88
CA ASN D 226 -29.59 40.85 -41.27
C ASN D 226 -30.45 42.00 -40.78
N LYS D 227 -31.78 41.85 -40.86
CA LYS D 227 -32.69 42.86 -40.30
C LYS D 227 -32.41 43.12 -38.82
N VAL D 228 -32.23 42.05 -38.04
CA VAL D 228 -32.02 42.22 -36.61
C VAL D 228 -30.69 42.92 -36.33
N CYS D 229 -29.64 42.61 -37.10
CA CYS D 229 -28.37 43.33 -36.92
C CYS D 229 -28.54 44.84 -37.15
N ASP D 230 -29.22 45.21 -38.24
CA ASP D 230 -29.47 46.64 -38.49
C ASP D 230 -30.27 47.26 -37.36
N ILE D 231 -31.28 46.55 -36.86
CA ILE D 231 -32.14 47.05 -35.80
C ILE D 231 -31.32 47.34 -34.54
N VAL D 232 -30.52 46.37 -34.10
CA VAL D 232 -29.81 46.55 -32.83
C VAL D 232 -28.75 47.64 -32.93
N SER D 233 -28.10 47.78 -34.10
CA SER D 233 -27.13 48.87 -34.26
C SER D 233 -27.81 50.23 -34.15
N SER D 234 -28.86 50.44 -34.95
CA SER D 234 -29.61 51.69 -34.90
C SER D 234 -30.15 51.96 -33.50
N LEU D 235 -30.59 50.92 -32.81
CA LEU D 235 -31.16 51.06 -31.48
C LEU D 235 -30.12 51.47 -30.47
N SER D 236 -28.90 50.93 -30.60
CA SER D 236 -27.77 51.39 -29.81
C SER D 236 -27.58 52.90 -29.95
N GLU D 237 -27.58 53.38 -31.19
CA GLU D 237 -27.40 54.81 -31.41
C GLU D 237 -28.53 55.63 -30.77
N LEU D 238 -29.77 55.20 -30.98
CA LEU D 238 -30.93 55.86 -30.37
C LEU D 238 -30.80 55.93 -28.85
N LEU D 239 -30.44 54.81 -28.23
CA LEU D 239 -30.25 54.77 -26.78
C LEU D 239 -29.15 55.74 -26.35
N GLU D 240 -28.16 55.95 -27.20
CA GLU D 240 -27.13 56.93 -26.87
C GLU D 240 -27.68 58.35 -26.88
N ILE D 241 -28.60 58.65 -27.81
CA ILE D 241 -29.03 60.05 -28.01
C ILE D 241 -29.75 60.59 -26.77
N GLN D 242 -30.88 59.99 -26.39
CA GLN D 242 -31.77 60.58 -25.40
C GLN D 242 -31.81 59.72 -24.13
N LEU D 243 -32.39 60.30 -23.09
CA LEU D 243 -32.59 59.60 -21.82
C LEU D 243 -33.84 58.72 -21.95
N LEU D 244 -33.94 57.72 -21.10
CA LEU D 244 -35.04 56.75 -21.14
C LEU D 244 -35.41 56.35 -19.72
N THR D 245 -36.46 55.54 -19.61
CA THR D 245 -37.00 55.11 -18.32
C THR D 245 -36.58 53.68 -18.03
N ASP D 246 -36.25 53.43 -16.77
CA ASP D 246 -35.58 52.19 -16.34
C ASP D 246 -36.34 50.93 -16.75
N THR D 247 -37.67 50.99 -16.80
CA THR D 247 -38.47 49.81 -17.14
C THR D 247 -38.10 49.29 -18.52
N THR D 248 -37.93 50.19 -19.49
CA THR D 248 -37.45 49.79 -20.80
C THR D 248 -36.02 49.26 -20.72
N ILE D 249 -35.20 49.88 -19.89
CA ILE D 249 -33.77 49.57 -19.78
C ILE D 249 -33.57 48.13 -19.35
N LEU D 250 -34.40 47.62 -18.43
CA LEU D 250 -34.24 46.23 -18.00
C LEU D 250 -34.42 45.26 -19.17
N GLN D 251 -35.44 45.49 -19.99
CA GLN D 251 -35.67 44.66 -21.16
C GLN D 251 -34.53 44.77 -22.16
N VAL D 252 -34.06 46.00 -22.40
CA VAL D 252 -32.99 46.23 -23.38
C VAL D 252 -31.72 45.54 -22.94
N SER D 253 -31.38 45.66 -21.65
CA SER D 253 -30.16 45.05 -21.13
C SER D 253 -30.22 43.53 -21.22
N SER D 254 -31.37 42.94 -20.89
CA SER D 254 -31.48 41.49 -20.99
C SER D 254 -31.33 41.02 -22.43
N MET D 255 -31.94 41.76 -23.36
CA MET D 255 -31.86 41.37 -24.77
C MET D 255 -30.44 41.51 -25.29
N GLY D 256 -29.73 42.55 -24.84
CA GLY D 256 -28.38 42.79 -25.32
C GLY D 256 -27.35 41.88 -24.68
N ILE D 257 -27.63 41.37 -23.48
CA ILE D 257 -26.73 40.41 -22.86
C ILE D 257 -26.92 39.03 -23.49
N THR D 258 -28.14 38.72 -23.94
CA THR D 258 -28.47 37.43 -24.56
C THR D 258 -27.51 36.88 -25.62
N PRO D 259 -27.02 37.65 -26.62
CA PRO D 259 -26.34 37.00 -27.76
C PRO D 259 -25.00 36.36 -27.45
N PHE D 260 -24.39 36.66 -26.33
CA PHE D 260 -23.03 36.14 -26.12
C PHE D 260 -22.98 34.67 -25.81
N PHE D 261 -24.07 33.89 -25.92
CA PHE D 261 -24.08 32.53 -25.41
C PHE D 261 -24.63 31.54 -26.44
N VAL D 262 -24.66 31.91 -27.71
CA VAL D 262 -24.89 30.96 -28.79
C VAL D 262 -23.69 31.07 -29.73
N GLU D 263 -23.66 30.28 -30.81
CA GLU D 263 -22.39 29.99 -31.47
C GLU D 263 -22.05 30.92 -32.65
N ASN D 264 -22.83 30.85 -33.72
CA ASN D 264 -22.43 31.48 -34.99
C ASN D 264 -23.20 32.78 -35.22
N VAL D 265 -22.93 33.76 -34.36
CA VAL D 265 -23.66 35.03 -34.45
C VAL D 265 -22.76 36.25 -34.38
N SER D 266 -21.48 36.09 -34.77
CA SER D 266 -20.40 37.08 -34.53
C SER D 266 -20.78 38.55 -34.70
N GLU D 267 -21.36 38.91 -35.85
CA GLU D 267 -21.70 40.31 -36.10
C GLU D 267 -22.78 40.80 -35.16
N LEU D 268 -23.81 39.99 -34.95
CA LEU D 268 -24.80 40.26 -33.90
C LEU D 268 -24.14 40.46 -32.55
N GLN D 269 -23.11 39.66 -32.25
CA GLN D 269 -22.41 39.78 -30.99
C GLN D 269 -21.78 41.16 -30.83
N LEU D 270 -21.11 41.65 -31.89
CA LEU D 270 -20.44 42.94 -31.69
C LEU D 270 -21.41 44.13 -31.72
N CYS D 271 -22.51 44.03 -32.48
CA CYS D 271 -23.56 45.02 -32.30
C CYS D 271 -24.10 45.00 -30.87
N ALA D 272 -24.26 43.81 -30.28
CA ALA D 272 -24.69 43.73 -28.89
C ALA D 272 -23.66 44.34 -27.95
N ILE D 273 -22.37 44.19 -28.28
CA ILE D 273 -21.31 44.91 -27.56
C ILE D 273 -21.61 46.40 -27.53
N LYS D 274 -21.90 46.97 -28.71
CA LYS D 274 -22.24 48.39 -28.80
C LYS D 274 -23.42 48.76 -27.90
N LEU D 275 -24.50 47.96 -27.97
CA LEU D 275 -25.70 48.25 -27.21
C LEU D 275 -25.43 48.23 -25.70
N VAL D 276 -24.82 47.13 -25.22
CA VAL D 276 -24.55 46.97 -23.79
C VAL D 276 -23.59 48.05 -23.29
N THR D 277 -22.60 48.42 -24.11
CA THR D 277 -21.67 49.44 -23.63
C THR D 277 -22.31 50.82 -23.60
N ALA D 278 -23.27 51.11 -24.48
CA ALA D 278 -24.00 52.37 -24.36
C ALA D 278 -24.82 52.41 -23.08
N VAL D 279 -25.51 51.30 -22.76
CA VAL D 279 -26.28 51.21 -21.51
C VAL D 279 -25.37 51.40 -20.31
N PHE D 280 -24.20 50.76 -20.33
CA PHE D 280 -23.24 50.88 -19.25
C PHE D 280 -22.70 52.30 -19.14
N SER D 281 -22.59 53.01 -20.27
CA SER D 281 -22.13 54.38 -20.24
C SER D 281 -23.11 55.28 -19.52
N ARG D 282 -24.35 55.34 -20.01
CA ARG D 282 -25.24 56.43 -19.61
C ARG D 282 -25.65 56.34 -18.15
N TYR D 283 -26.36 55.28 -17.77
CA TYR D 283 -27.04 55.22 -16.48
C TYR D 283 -26.16 54.52 -15.45
N GLU D 284 -25.79 55.25 -14.40
CA GLU D 284 -24.90 54.70 -13.39
C GLU D 284 -25.64 54.04 -12.23
N LYS D 285 -26.61 53.19 -12.56
CA LYS D 285 -27.27 52.40 -11.54
C LYS D 285 -27.51 50.95 -11.93
N HIS D 286 -27.25 50.55 -13.18
CA HIS D 286 -27.51 49.20 -13.65
C HIS D 286 -26.24 48.37 -13.81
N ARG D 287 -25.08 48.96 -13.51
CA ARG D 287 -23.80 48.26 -13.66
C ARG D 287 -23.78 46.94 -12.91
N GLN D 288 -24.27 46.95 -11.66
CA GLN D 288 -24.32 45.73 -10.88
C GLN D 288 -25.23 44.70 -11.53
N LEU D 289 -26.33 45.13 -12.12
CA LEU D 289 -27.24 44.20 -12.78
C LEU D 289 -26.57 43.55 -13.98
N ILE D 290 -25.81 44.32 -14.76
CA ILE D 290 -25.16 43.74 -15.93
C ILE D 290 -24.03 42.80 -15.50
N LEU D 291 -23.33 43.15 -14.42
CA LEU D 291 -22.30 42.26 -13.88
C LEU D 291 -22.90 40.95 -13.39
N GLU D 292 -24.04 41.00 -12.71
CA GLU D 292 -24.68 39.77 -12.26
C GLU D 292 -25.17 38.93 -13.44
N GLU D 293 -25.78 39.56 -14.43
CA GLU D 293 -26.31 38.81 -15.56
C GLU D 293 -25.20 38.27 -16.46
N ILE D 294 -23.99 38.82 -16.37
CA ILE D 294 -22.85 38.19 -17.00
C ILE D 294 -22.37 37.01 -16.19
N PHE D 295 -22.22 37.21 -14.87
CA PHE D 295 -21.62 36.20 -14.02
C PHE D 295 -22.47 34.93 -13.91
N THR D 296 -23.78 35.09 -13.86
CA THR D 296 -24.69 33.97 -13.63
C THR D 296 -24.48 32.85 -14.65
N SER D 297 -24.37 33.20 -15.93
CA SER D 297 -24.40 32.21 -16.99
C SER D 297 -23.03 31.98 -17.63
N LEU D 298 -21.96 32.03 -16.84
CA LEU D 298 -20.63 31.80 -17.40
C LEU D 298 -20.43 30.35 -17.81
N ALA D 299 -21.15 29.42 -17.17
CA ALA D 299 -21.07 28.03 -17.60
C ALA D 299 -21.56 27.85 -19.03
N ARG D 300 -22.59 28.60 -19.41
CA ARG D 300 -23.22 28.45 -20.73
C ARG D 300 -22.36 28.97 -21.88
N LEU D 301 -21.12 29.41 -21.63
CA LEU D 301 -20.23 29.84 -22.70
C LEU D 301 -19.96 28.66 -23.65
N PRO D 302 -19.48 28.94 -24.88
CA PRO D 302 -19.32 27.82 -25.85
C PRO D 302 -18.30 26.77 -25.45
N THR D 303 -17.07 27.19 -25.15
CA THR D 303 -15.93 26.32 -24.83
C THR D 303 -15.78 25.17 -25.83
N SER D 304 -15.82 25.52 -27.11
CA SER D 304 -15.48 24.62 -28.19
C SER D 304 -14.32 25.24 -28.95
N LYS D 305 -13.29 24.44 -29.24
CA LYS D 305 -12.05 24.93 -29.86
C LYS D 305 -12.34 25.71 -31.14
N ARG D 306 -13.05 25.09 -32.08
CA ARG D 306 -13.55 25.83 -33.23
C ARG D 306 -14.51 26.91 -32.77
N SER D 307 -14.36 28.10 -33.35
CA SER D 307 -15.23 29.27 -33.15
C SER D 307 -15.20 29.83 -31.74
N LEU D 308 -14.25 29.43 -30.90
CA LEU D 308 -14.11 30.03 -29.58
C LEU D 308 -13.78 31.52 -29.68
N ARG D 309 -12.63 31.83 -30.25
CA ARG D 309 -12.13 33.20 -30.34
C ARG D 309 -12.51 33.78 -31.69
N ASN D 310 -13.48 34.69 -31.70
CA ASN D 310 -14.04 35.25 -32.92
C ASN D 310 -14.10 36.77 -32.87
N PHE D 311 -13.11 37.40 -32.25
CA PHE D 311 -13.03 38.85 -32.22
C PHE D 311 -11.64 39.23 -32.72
N ARG D 312 -11.54 39.56 -34.00
CA ARG D 312 -10.28 39.84 -34.67
C ARG D 312 -9.55 41.00 -33.98
N LEU D 313 -8.25 41.09 -34.24
CA LEU D 313 -7.36 41.97 -33.50
C LEU D 313 -6.17 42.37 -34.35
N PRO D 322 -4.71 36.28 -38.38
CA PRO D 322 -4.23 35.74 -37.11
C PRO D 322 -4.58 36.63 -35.93
N MET D 323 -4.20 36.19 -34.72
CA MET D 323 -4.39 36.94 -33.48
C MET D 323 -5.87 37.20 -33.21
N TYR D 324 -6.59 36.12 -32.93
CA TYR D 324 -7.95 36.25 -32.43
C TYR D 324 -7.98 36.16 -30.91
N ILE D 325 -9.04 36.74 -30.33
CA ILE D 325 -9.27 36.69 -28.88
C ILE D 325 -10.73 36.30 -28.63
N GLN D 326 -10.99 35.92 -27.39
CA GLN D 326 -12.33 35.54 -26.94
C GLN D 326 -13.26 36.75 -26.99
N MET D 327 -14.54 36.56 -26.70
CA MET D 327 -15.53 37.61 -26.84
C MET D 327 -15.85 38.34 -25.54
N VAL D 328 -16.23 37.59 -24.49
CA VAL D 328 -16.61 38.22 -23.22
C VAL D 328 -15.46 39.01 -22.62
N THR D 329 -14.22 38.65 -22.94
CA THR D 329 -13.09 39.47 -22.51
C THR D 329 -13.03 40.79 -23.25
N ALA D 330 -13.39 40.81 -24.54
CA ALA D 330 -13.49 42.06 -25.27
C ALA D 330 -14.58 42.93 -24.68
N LEU D 331 -15.72 42.32 -24.35
CA LEU D 331 -16.79 43.06 -23.69
C LEU D 331 -16.32 43.64 -22.35
N VAL D 332 -15.58 42.85 -21.57
CA VAL D 332 -15.12 43.31 -20.25
C VAL D 332 -14.18 44.50 -20.40
N LEU D 333 -13.23 44.40 -21.33
CA LEU D 333 -12.31 45.51 -21.57
C LEU D 333 -13.06 46.76 -22.01
N GLN D 334 -14.02 46.61 -22.93
CA GLN D 334 -14.80 47.74 -23.40
C GLN D 334 -15.56 48.41 -22.27
N LEU D 335 -16.21 47.61 -21.41
CA LEU D 335 -16.90 48.15 -20.24
C LEU D 335 -15.95 48.96 -19.36
N ILE D 336 -14.88 48.31 -18.87
CA ILE D 336 -13.96 48.98 -17.94
C ILE D 336 -13.40 50.26 -18.54
N GLN D 337 -13.15 50.26 -19.86
CA GLN D 337 -12.71 51.49 -20.50
C GLN D 337 -13.83 52.51 -20.67
N CYS D 338 -15.09 52.06 -20.64
CA CYS D 338 -16.20 52.94 -21.01
C CYS D 338 -16.46 54.00 -19.95
N VAL D 339 -16.48 53.61 -18.68
CA VAL D 339 -16.82 54.57 -17.63
C VAL D 339 -15.60 55.42 -17.30
N VAL D 340 -15.43 56.52 -18.03
CA VAL D 340 -14.37 57.47 -17.77
C VAL D 340 -14.89 58.87 -17.45
N HIS D 341 -15.98 59.30 -18.12
CA HIS D 341 -16.74 60.51 -17.78
C HIS D 341 -15.85 61.75 -17.80
N LEU D 342 -15.41 62.10 -19.00
CA LEU D 342 -14.54 63.26 -19.20
C LEU D 342 -15.40 64.49 -19.46
N PRO D 343 -15.42 65.48 -18.55
CA PRO D 343 -16.28 66.66 -18.67
C PRO D 343 -15.87 67.59 -19.81
N ASP D 362 -11.60 69.53 -12.92
CA ASP D 362 -11.24 69.48 -11.50
C ASP D 362 -11.23 68.06 -10.98
N VAL D 363 -11.82 67.88 -9.80
CA VAL D 363 -11.84 66.60 -9.09
C VAL D 363 -12.57 65.50 -9.85
N VAL D 364 -13.31 65.86 -10.90
CA VAL D 364 -14.07 64.88 -11.68
C VAL D 364 -13.14 63.82 -12.27
N ILE D 365 -11.96 64.25 -12.74
CA ILE D 365 -11.02 63.33 -13.36
C ILE D 365 -10.54 62.30 -12.35
N THR D 366 -10.13 62.79 -11.18
CA THR D 366 -9.69 61.94 -10.08
C THR D 366 -10.76 60.91 -9.70
N ASN D 367 -11.95 61.40 -9.29
CA ASN D 367 -12.96 60.47 -8.79
C ASN D 367 -13.47 59.53 -9.87
N SER D 368 -13.47 59.95 -11.14
CA SER D 368 -13.88 59.06 -12.21
C SER D 368 -12.89 57.93 -12.41
N TYR D 369 -11.59 58.25 -12.45
CA TYR D 369 -10.59 57.20 -12.55
C TYR D 369 -10.65 56.27 -11.34
N GLU D 370 -10.94 56.81 -10.16
CA GLU D 370 -11.14 55.97 -8.98
C GLU D 370 -12.31 55.02 -9.18
N THR D 371 -13.41 55.51 -9.76
CA THR D 371 -14.55 54.65 -10.06
C THR D 371 -14.15 53.53 -11.01
N ALA D 372 -13.32 53.85 -12.01
CA ALA D 372 -12.82 52.83 -12.93
C ALA D 372 -12.02 51.76 -12.19
N MET D 373 -11.09 52.19 -11.34
CA MET D 373 -10.27 51.25 -10.57
C MET D 373 -11.13 50.37 -9.68
N ARG D 374 -12.12 50.97 -9.00
CA ARG D 374 -13.01 50.21 -8.14
C ARG D 374 -13.79 49.17 -8.93
N THR D 375 -14.28 49.55 -10.11
CA THR D 375 -15.02 48.62 -10.97
C THR D 375 -14.17 47.42 -11.34
N ALA D 376 -12.93 47.70 -11.78
CA ALA D 376 -12.04 46.61 -12.19
C ALA D 376 -11.73 45.68 -11.03
N GLN D 377 -11.33 46.24 -9.88
CA GLN D 377 -11.03 45.44 -8.70
C GLN D 377 -12.22 44.58 -8.30
N ASN D 378 -13.43 45.15 -8.33
CA ASN D 378 -14.61 44.42 -7.91
C ASN D 378 -14.90 43.25 -8.83
N PHE D 379 -14.94 43.52 -10.14
CA PHE D 379 -15.20 42.47 -11.13
C PHE D 379 -14.19 41.34 -11.00
N LEU D 380 -12.91 41.70 -10.93
CA LEU D 380 -11.86 40.69 -10.93
C LEU D 380 -11.87 39.88 -9.64
N SER D 381 -12.14 40.53 -8.51
CA SER D 381 -12.24 39.84 -7.24
C SER D 381 -13.36 38.82 -7.25
N ILE D 382 -14.55 39.24 -7.69
CA ILE D 382 -15.69 38.33 -7.79
C ILE D 382 -15.34 37.13 -8.66
N PHE D 383 -14.76 37.39 -9.83
CA PHE D 383 -14.39 36.32 -10.76
C PHE D 383 -13.45 35.32 -10.10
N LEU D 384 -12.33 35.80 -9.56
CA LEU D 384 -11.29 34.91 -9.06
C LEU D 384 -11.78 34.10 -7.86
N LYS D 385 -12.43 34.78 -6.90
CA LYS D 385 -12.95 34.08 -5.72
C LYS D 385 -13.96 33.01 -6.11
N LYS D 386 -14.86 33.32 -7.04
CA LYS D 386 -15.81 32.31 -7.51
C LYS D 386 -15.10 31.21 -8.30
N CYS D 387 -13.94 31.52 -8.88
CA CYS D 387 -13.25 30.58 -9.77
C CYS D 387 -12.50 29.52 -8.99
N GLY D 388 -11.62 29.94 -8.08
CA GLY D 388 -10.66 29.07 -7.42
C GLY D 388 -11.17 27.76 -6.86
N SER D 389 -12.01 27.83 -5.83
CA SER D 389 -12.51 26.62 -5.17
C SER D 389 -13.36 25.79 -6.12
N LYS D 390 -13.27 24.48 -5.98
CA LYS D 390 -14.05 23.58 -6.82
C LYS D 390 -15.50 23.56 -6.37
N GLN D 391 -16.40 23.94 -7.25
CA GLN D 391 -17.81 24.00 -6.95
C GLN D 391 -18.46 22.65 -7.24
N GLY D 392 -19.79 22.61 -7.24
CA GLY D 392 -20.50 21.39 -7.57
C GLY D 392 -20.77 21.25 -9.05
N GLU D 393 -20.23 20.18 -9.65
CA GLU D 393 -20.46 19.69 -11.00
C GLU D 393 -19.83 20.56 -12.09
N GLU D 394 -19.15 21.65 -11.76
CA GLU D 394 -18.57 22.51 -12.77
C GLU D 394 -17.45 23.34 -12.17
N ASP D 395 -16.44 23.61 -13.00
CA ASP D 395 -15.27 24.36 -12.59
C ASP D 395 -15.18 25.65 -13.41
N TYR D 396 -14.31 26.56 -12.96
CA TYR D 396 -14.06 27.80 -13.67
C TYR D 396 -12.60 27.99 -14.08
N ARG D 397 -11.69 27.19 -13.54
CA ARG D 397 -10.26 27.37 -13.82
C ARG D 397 -9.88 27.41 -15.30
N PRO D 398 -10.42 26.59 -16.21
CA PRO D 398 -10.09 26.81 -17.62
C PRO D 398 -10.57 28.15 -18.16
N LEU D 399 -11.75 28.59 -17.74
CA LEU D 399 -12.26 29.91 -18.14
C LEU D 399 -11.31 31.01 -17.71
N PHE D 400 -10.91 31.01 -16.45
CA PHE D 400 -10.00 32.06 -15.99
C PHE D 400 -8.64 31.97 -16.67
N GLU D 401 -8.16 30.76 -16.92
CA GLU D 401 -6.91 30.60 -17.64
C GLU D 401 -6.98 31.23 -19.02
N ASN D 402 -8.09 31.03 -19.73
CA ASN D 402 -8.25 31.62 -21.04
C ASN D 402 -8.35 33.14 -20.96
N PHE D 403 -9.05 33.65 -19.94
CA PHE D 403 -9.11 35.10 -19.72
C PHE D 403 -7.71 35.69 -19.55
N VAL D 404 -6.85 35.03 -18.78
CA VAL D 404 -5.54 35.62 -18.50
C VAL D 404 -4.62 35.49 -19.71
N GLN D 405 -4.70 34.38 -20.44
CA GLN D 405 -3.98 34.27 -21.72
C GLN D 405 -4.40 35.39 -22.67
N ASP D 406 -5.68 35.72 -22.68
CA ASP D 406 -6.17 36.84 -23.48
C ASP D 406 -5.55 38.17 -23.06
N LEU D 407 -5.69 38.51 -21.78
CA LEU D 407 -5.08 39.71 -21.21
C LEU D 407 -3.61 39.86 -21.61
N LEU D 408 -2.84 38.78 -21.49
CA LEU D 408 -1.44 38.83 -21.91
C LEU D 408 -1.33 39.07 -23.42
N SER D 409 -2.24 38.50 -24.20
CA SER D 409 -2.21 38.73 -25.63
C SER D 409 -2.54 40.17 -26.01
N THR D 410 -3.23 40.92 -25.15
CA THR D 410 -3.62 42.28 -25.51
C THR D 410 -3.02 43.27 -24.50
N VAL D 411 -1.73 43.15 -24.19
CA VAL D 411 -1.21 43.86 -23.03
C VAL D 411 -0.86 45.30 -23.36
N ASN D 412 -0.20 45.57 -24.48
CA ASN D 412 0.20 46.94 -24.84
C ASN D 412 -0.01 47.14 -26.33
N LYS D 413 -1.19 47.64 -26.67
CA LYS D 413 -1.52 48.09 -28.00
C LYS D 413 -1.91 49.55 -27.90
N PRO D 414 -1.92 50.30 -29.01
CA PRO D 414 -2.34 51.70 -28.92
C PRO D 414 -3.80 51.85 -28.54
N GLU D 415 -4.64 50.89 -28.91
CA GLU D 415 -6.09 51.04 -28.88
C GLU D 415 -6.74 50.04 -27.94
N TRP D 416 -6.03 49.66 -26.87
CA TRP D 416 -6.63 48.93 -25.74
C TRP D 416 -5.92 49.28 -24.45
N PRO D 417 -6.12 50.49 -23.94
CA PRO D 417 -5.71 50.75 -22.54
C PRO D 417 -6.51 49.96 -21.54
N ALA D 418 -6.20 50.18 -20.26
CA ALA D 418 -6.80 49.52 -19.08
C ALA D 418 -6.46 48.04 -18.99
N ALA D 419 -5.82 47.49 -20.01
CA ALA D 419 -5.35 46.11 -19.92
C ALA D 419 -4.20 46.00 -18.91
N GLU D 420 -3.25 46.93 -18.97
CA GLU D 420 -2.21 46.96 -17.95
C GLU D 420 -2.79 47.25 -16.57
N LEU D 421 -3.90 47.99 -16.50
CA LEU D 421 -4.56 48.23 -15.23
C LEU D 421 -5.09 46.92 -14.64
N LEU D 422 -5.79 46.14 -15.48
CA LEU D 422 -6.23 44.81 -15.08
C LEU D 422 -5.07 43.94 -14.63
N LEU D 423 -3.95 43.97 -15.38
CA LEU D 423 -2.81 43.14 -15.02
C LEU D 423 -2.23 43.54 -13.68
N SER D 424 -2.10 44.85 -13.42
CA SER D 424 -1.57 45.31 -12.14
C SER D 424 -2.45 44.87 -10.98
N LEU D 425 -3.75 45.11 -11.10
CA LEU D 425 -4.65 44.74 -10.01
C LEU D 425 -4.72 43.24 -9.82
N LEU D 426 -4.66 42.48 -10.93
CA LEU D 426 -4.58 41.03 -10.87
C LEU D 426 -3.37 40.57 -10.08
N GLY D 427 -2.20 41.15 -10.38
CA GLY D 427 -0.99 40.77 -9.67
C GLY D 427 -1.10 41.02 -8.18
N ARG D 428 -1.51 42.22 -7.80
CA ARG D 428 -1.60 42.58 -6.38
C ARG D 428 -2.60 41.69 -5.65
N LEU D 429 -3.73 41.41 -6.30
CA LEU D 429 -4.76 40.57 -5.70
C LEU D 429 -4.25 39.16 -5.49
N LEU D 430 -3.59 38.59 -6.50
CA LEU D 430 -3.04 37.24 -6.38
C LEU D 430 -2.05 37.13 -5.23
N VAL D 431 -1.10 38.07 -5.15
CA VAL D 431 -0.05 37.94 -4.14
C VAL D 431 -0.65 38.13 -2.74
N HIS D 432 -1.60 39.07 -2.57
CA HIS D 432 -2.27 39.14 -1.28
C HIS D 432 -3.25 38.00 -1.06
N GLN D 433 -3.49 37.16 -2.07
CA GLN D 433 -4.42 36.04 -1.95
C GLN D 433 -3.76 34.75 -1.50
N PHE D 434 -2.60 34.39 -2.04
CA PHE D 434 -2.00 33.11 -1.64
C PHE D 434 -0.92 33.23 -0.58
N SER D 435 -0.63 34.43 -0.09
CA SER D 435 0.37 34.58 0.95
C SER D 435 -0.10 33.95 2.27
N ASN D 436 -1.22 34.44 2.80
CA ASN D 436 -1.69 34.07 4.13
C ASN D 436 -2.11 32.59 4.19
N LYS D 437 -2.45 32.16 5.40
CA LYS D 437 -2.74 30.76 5.70
C LYS D 437 -4.20 30.53 6.06
N SER D 438 -5.08 31.48 5.76
CA SER D 438 -6.49 31.33 6.12
C SER D 438 -7.32 30.71 5.00
N THR D 439 -6.92 30.89 3.75
CA THR D 439 -7.70 30.42 2.62
C THR D 439 -7.67 28.89 2.54
N GLU D 440 -8.33 28.36 1.52
CA GLU D 440 -8.33 26.93 1.26
C GLU D 440 -7.09 26.56 0.46
N MET D 441 -7.07 25.34 -0.08
CA MET D 441 -5.86 24.85 -0.75
C MET D 441 -5.89 25.10 -2.25
N ALA D 442 -6.89 24.52 -2.94
CA ALA D 442 -6.97 24.58 -4.40
C ALA D 442 -6.93 25.99 -4.93
N LEU D 443 -7.44 26.95 -4.16
CA LEU D 443 -7.41 28.34 -4.59
C LEU D 443 -5.99 28.88 -4.54
N ARG D 444 -5.22 28.52 -3.51
CA ARG D 444 -3.81 28.90 -3.45
C ARG D 444 -3.03 28.32 -4.62
N VAL D 445 -3.28 27.03 -4.90
CA VAL D 445 -2.66 26.37 -6.06
C VAL D 445 -2.95 27.13 -7.35
N ALA D 446 -4.23 27.38 -7.63
CA ALA D 446 -4.63 28.02 -8.88
C ALA D 446 -4.05 29.43 -8.99
N SER D 447 -4.08 30.18 -7.89
CA SER D 447 -3.53 31.54 -7.90
C SER D 447 -2.04 31.54 -8.23
N LEU D 448 -1.28 30.68 -7.57
CA LEU D 448 0.15 30.59 -7.84
C LEU D 448 0.42 30.20 -9.29
N ASP D 449 -0.44 29.34 -9.85
CA ASP D 449 -0.31 28.98 -11.27
C ASP D 449 -0.49 30.19 -12.17
N TYR D 450 -1.53 30.99 -11.92
CA TYR D 450 -1.77 32.18 -12.75
C TYR D 450 -0.60 33.15 -12.66
N LEU D 451 -0.07 33.34 -11.45
CA LEU D 451 1.07 34.23 -11.28
C LEU D 451 2.28 33.73 -12.05
N GLY D 452 2.50 32.41 -12.06
CA GLY D 452 3.58 31.86 -12.84
C GLY D 452 3.44 32.13 -14.32
N THR D 453 2.22 31.94 -14.85
CA THR D 453 1.96 32.20 -16.27
C THR D 453 2.26 33.64 -16.63
N VAL D 454 1.77 34.58 -15.82
CA VAL D 454 1.94 35.99 -16.16
C VAL D 454 3.41 36.40 -16.04
N ALA D 455 4.13 35.85 -15.05
CA ALA D 455 5.56 36.14 -14.93
C ALA D 455 6.32 35.65 -16.15
N ALA D 456 6.01 34.44 -16.61
CA ALA D 456 6.65 33.87 -17.79
C ALA D 456 6.47 34.77 -19.01
N ARG D 457 5.21 35.08 -19.34
CA ARG D 457 4.95 35.89 -20.53
C ARG D 457 5.59 37.27 -20.44
N LEU D 458 5.53 37.88 -19.26
CA LEU D 458 6.11 39.19 -19.04
C LEU D 458 7.61 39.17 -19.32
N ARG D 459 8.34 38.27 -18.65
CA ARG D 459 9.79 38.20 -18.81
C ARG D 459 10.18 37.85 -20.24
N LYS D 460 9.40 36.99 -20.90
CA LYS D 460 9.78 36.55 -22.23
C LYS D 460 9.62 37.66 -23.24
N ASP D 461 8.45 38.32 -23.25
CA ASP D 461 8.25 39.48 -24.11
C ASP D 461 9.27 40.57 -23.82
N ALA D 462 9.62 40.77 -22.55
CA ALA D 462 10.65 41.74 -22.19
C ALA D 462 11.97 41.40 -22.86
N VAL D 463 12.55 40.25 -22.51
CA VAL D 463 13.88 39.89 -22.98
C VAL D 463 13.95 39.70 -24.49
N THR D 464 12.82 39.49 -25.17
CA THR D 464 12.89 39.35 -26.61
C THR D 464 12.48 40.61 -27.36
N SER D 465 11.94 41.61 -26.67
CA SER D 465 11.43 42.81 -27.33
C SER D 465 12.38 43.99 -27.24
N LYS D 466 12.71 44.42 -26.02
CA LYS D 466 13.51 45.62 -25.83
C LYS D 466 14.92 45.43 -26.37
N MET D 467 15.65 44.45 -25.84
CA MET D 467 17.01 44.17 -26.29
C MET D 467 17.03 43.48 -27.65
N ASP D 484 10.66 67.69 -23.46
CA ASP D 484 9.32 67.87 -24.04
C ASP D 484 8.94 66.71 -24.95
N GLU D 485 9.93 65.86 -25.25
CA GLU D 485 9.73 64.75 -26.18
C GLU D 485 8.57 63.86 -25.78
N ILE D 486 8.38 63.65 -24.48
CA ILE D 486 7.23 62.89 -23.98
C ILE D 486 5.92 63.54 -24.41
N GLN D 487 5.87 64.88 -24.40
CA GLN D 487 4.67 65.57 -24.83
C GLN D 487 4.43 65.40 -26.32
N GLN D 488 5.49 65.48 -27.12
CA GLN D 488 5.39 65.21 -28.56
C GLN D 488 4.86 63.81 -28.83
N LEU D 489 5.33 62.83 -28.05
CA LEU D 489 4.85 61.45 -28.19
C LEU D 489 3.36 61.34 -27.89
N GLN D 490 2.94 61.91 -26.75
CA GLN D 490 1.52 61.92 -26.38
C GLN D 490 0.68 62.57 -27.48
N LYS D 491 1.15 63.72 -27.99
CA LYS D 491 0.43 64.41 -29.05
C LYS D 491 0.28 63.55 -30.30
N ALA D 492 1.37 62.90 -30.72
CA ALA D 492 1.34 62.09 -31.92
C ALA D 492 0.38 60.91 -31.77
N LEU D 493 0.49 60.18 -30.67
CA LEU D 493 -0.38 59.04 -30.42
C LEU D 493 -1.84 59.46 -30.35
N LEU D 494 -2.11 60.58 -29.68
CA LEU D 494 -3.47 61.07 -29.54
C LEU D 494 -4.05 61.48 -30.89
N ASP D 495 -3.23 62.06 -31.77
CA ASP D 495 -3.73 62.42 -33.09
C ASP D 495 -4.00 61.18 -33.93
N TYR D 496 -3.14 60.16 -33.81
CA TYR D 496 -3.41 58.86 -34.43
C TYR D 496 -4.78 58.33 -34.01
N LEU D 497 -5.03 58.33 -32.70
CA LEU D 497 -6.33 57.90 -32.19
C LEU D 497 -7.46 58.75 -32.74
N ASP D 498 -7.25 60.07 -32.81
CA ASP D 498 -8.29 60.98 -33.31
C ASP D 498 -8.71 60.65 -34.74
N GLU D 499 -7.73 60.46 -35.63
CA GLU D 499 -8.05 60.02 -36.98
C GLU D 499 -8.80 58.69 -36.98
N ASN D 500 -8.36 57.77 -36.14
CA ASN D 500 -9.00 56.46 -36.15
C ASN D 500 -10.43 56.49 -35.60
N THR D 501 -10.77 57.47 -34.76
CA THR D 501 -12.18 57.66 -34.36
C THR D 501 -13.06 57.87 -35.58
N GLU D 502 -12.65 58.79 -36.46
CA GLU D 502 -13.33 58.96 -37.74
C GLU D 502 -13.43 57.67 -38.51
N THR D 503 -12.33 56.90 -38.57
CA THR D 503 -12.40 55.64 -39.32
C THR D 503 -13.35 54.64 -38.65
N ASP D 504 -13.27 54.50 -37.32
CA ASP D 504 -13.94 53.43 -36.59
C ASP D 504 -14.30 53.95 -35.21
N PRO D 505 -15.55 53.75 -34.75
CA PRO D 505 -15.92 54.17 -33.38
C PRO D 505 -15.22 53.40 -32.27
N SER D 506 -15.61 53.73 -31.03
CA SER D 506 -15.16 53.17 -29.75
C SER D 506 -13.77 53.64 -29.36
N LEU D 507 -13.08 54.33 -30.28
CA LEU D 507 -11.75 54.85 -29.97
C LEU D 507 -11.82 56.03 -29.01
N VAL D 508 -12.96 56.72 -28.97
CA VAL D 508 -13.13 57.88 -28.11
C VAL D 508 -12.95 57.52 -26.64
N PHE D 509 -13.45 56.34 -26.23
CA PHE D 509 -13.30 55.91 -24.85
C PHE D 509 -11.83 55.68 -24.50
N SER D 510 -11.08 55.03 -25.39
CA SER D 510 -9.66 54.83 -25.17
C SER D 510 -8.92 56.15 -25.05
N ARG D 511 -9.24 57.10 -25.93
CA ARG D 511 -8.59 58.41 -25.90
C ARG D 511 -8.83 59.13 -24.57
N LYS D 512 -10.09 59.16 -24.14
CA LYS D 512 -10.42 59.77 -22.85
C LYS D 512 -9.75 59.04 -21.70
N PHE D 513 -9.59 57.72 -21.82
CA PHE D 513 -8.93 56.95 -20.77
C PHE D 513 -7.46 57.34 -20.66
N TYR D 514 -6.78 57.42 -21.81
CA TYR D 514 -5.39 57.88 -21.84
C TYR D 514 -5.26 59.24 -21.20
N ILE D 515 -6.19 60.16 -21.51
CA ILE D 515 -6.15 61.51 -20.95
C ILE D 515 -6.22 61.45 -19.43
N ALA D 516 -7.24 60.76 -18.89
CA ALA D 516 -7.41 60.67 -17.45
C ALA D 516 -6.20 60.01 -16.80
N GLN D 517 -5.60 59.03 -17.47
CA GLN D 517 -4.47 58.34 -16.87
C GLN D 517 -3.22 59.22 -16.83
N TRP D 518 -2.96 59.97 -17.91
CA TRP D 518 -1.87 60.94 -17.88
C TRP D 518 -2.07 61.94 -16.77
N PHE D 519 -3.32 62.40 -16.56
CA PHE D 519 -3.60 63.36 -15.51
C PHE D 519 -3.28 62.78 -14.13
N ARG D 520 -3.77 61.57 -13.85
CA ARG D 520 -3.49 60.99 -12.55
C ARG D 520 -2.01 60.67 -12.38
N ASP D 521 -1.32 60.34 -13.47
CA ASP D 521 0.11 60.07 -13.36
C ASP D 521 0.88 61.34 -13.05
N THR D 522 0.47 62.47 -13.63
CA THR D 522 1.08 63.75 -13.28
C THR D 522 0.83 64.09 -11.82
N THR D 523 -0.39 63.84 -11.33
CA THR D 523 -0.67 64.03 -9.90
C THR D 523 0.22 63.16 -9.03
N LEU D 524 0.40 61.89 -9.41
CA LEU D 524 1.27 61.00 -8.64
C LEU D 524 2.73 61.42 -8.73
N GLU D 525 3.13 62.04 -9.84
CA GLU D 525 4.49 62.60 -9.92
C GLU D 525 4.64 63.83 -9.04
N THR D 526 3.59 64.62 -8.89
CA THR D 526 3.60 65.67 -7.88
C THR D 526 3.83 65.07 -6.50
N GLU D 527 3.00 64.08 -6.13
CA GLU D 527 3.14 63.43 -4.83
C GLU D 527 4.45 62.68 -4.68
N LYS D 528 4.91 61.99 -5.73
CA LYS D 528 6.11 61.11 -5.70
C LYS D 528 6.02 60.06 -4.60
N LYS D 546 11.67 71.82 -5.46
CA LYS D 546 10.47 71.17 -5.98
C LYS D 546 9.67 72.14 -6.85
N GLU D 547 9.74 73.43 -6.47
CA GLU D 547 9.01 74.49 -7.18
C GLU D 547 9.35 74.53 -8.67
N ILE D 548 10.58 74.18 -9.05
CA ILE D 548 10.94 74.06 -10.45
C ILE D 548 10.13 72.94 -11.11
N GLU D 549 10.11 71.75 -10.49
CA GLU D 549 9.30 70.67 -11.05
C GLU D 549 7.83 70.83 -10.74
N THR D 550 7.47 71.58 -9.70
CA THR D 550 6.06 71.96 -9.51
C THR D 550 5.57 72.76 -10.72
N THR D 551 6.34 73.78 -11.12
CA THR D 551 5.95 74.57 -12.29
C THR D 551 6.02 73.74 -13.56
N GLY D 552 6.99 72.83 -13.65
CA GLY D 552 7.07 71.95 -14.82
C GLY D 552 5.85 71.05 -14.96
N GLN D 553 5.45 70.40 -13.87
CA GLN D 553 4.28 69.53 -13.93
C GLN D 553 3.00 70.34 -14.09
N ILE D 554 2.97 71.58 -13.61
CA ILE D 554 1.78 72.40 -13.86
C ILE D 554 1.74 72.82 -15.32
N MET D 555 2.90 72.96 -15.97
CA MET D 555 2.90 73.16 -17.42
C MET D 555 2.42 71.91 -18.15
N HIS D 556 2.85 70.73 -17.69
CA HIS D 556 2.29 69.46 -18.16
C HIS D 556 0.77 69.44 -18.04
N ARG D 557 0.26 69.72 -16.84
CA ARG D 557 -1.18 69.67 -16.57
C ARG D 557 -1.91 70.71 -17.40
N ALA D 558 -1.32 71.87 -17.60
CA ALA D 558 -1.93 72.91 -18.43
C ALA D 558 -2.03 72.46 -19.88
N GLU D 559 -0.99 71.80 -20.40
CA GLU D 559 -1.06 71.26 -21.75
C GLU D 559 -2.11 70.16 -21.84
N ASN D 560 -2.22 69.36 -20.78
CA ASN D 560 -3.28 68.35 -20.69
C ASN D 560 -4.66 69.02 -20.83
N ARG D 561 -4.88 70.09 -20.06
CA ARG D 561 -6.13 70.85 -20.15
C ARG D 561 -6.35 71.38 -21.56
N LYS D 562 -5.28 71.89 -22.18
CA LYS D 562 -5.37 72.35 -23.57
C LYS D 562 -5.90 71.25 -24.47
N LYS D 563 -5.31 70.06 -24.39
CA LYS D 563 -5.70 69.00 -25.32
C LYS D 563 -7.09 68.47 -25.00
N PHE D 564 -7.47 68.45 -23.71
CA PHE D 564 -8.84 68.15 -23.34
C PHE D 564 -9.82 69.15 -23.97
N LEU D 565 -9.46 70.44 -23.92
CA LEU D 565 -10.30 71.47 -24.54
C LEU D 565 -10.40 71.28 -26.05
N ARG D 566 -9.31 70.85 -26.68
CA ARG D 566 -9.27 70.66 -28.14
C ARG D 566 -10.09 69.47 -28.63
N SER D 567 -10.83 68.77 -27.76
CA SER D 567 -11.57 67.59 -28.14
C SER D 567 -12.75 67.90 -29.06
N ASP D 584 1.21 63.97 -37.59
CA ASP D 584 0.76 63.22 -38.75
C ASP D 584 1.69 62.05 -39.07
N THR D 585 1.26 61.22 -40.03
CA THR D 585 2.00 60.13 -40.67
C THR D 585 2.28 58.97 -39.70
N VAL D 586 1.90 59.08 -38.42
CA VAL D 586 2.18 58.03 -37.46
C VAL D 586 1.27 56.83 -37.76
N ASP D 587 1.86 55.63 -37.74
CA ASP D 587 1.09 54.43 -38.02
C ASP D 587 1.26 53.38 -36.93
N TYR D 588 0.79 52.15 -37.23
CA TYR D 588 0.61 51.08 -36.25
C TYR D 588 1.87 50.81 -35.44
N ASP D 589 2.95 50.37 -36.11
CA ASP D 589 4.18 50.02 -35.41
C ASP D 589 4.74 51.19 -34.62
N ASP D 590 4.72 52.40 -35.20
CA ASP D 590 5.24 53.58 -34.51
C ASP D 590 4.49 53.85 -33.22
N ALA D 591 3.15 53.87 -33.30
CA ALA D 591 2.33 54.09 -32.12
C ALA D 591 2.54 53.01 -31.08
N CYS D 592 2.70 51.75 -31.55
CA CYS D 592 3.01 50.65 -30.66
C CYS D 592 4.29 50.92 -29.87
N LEU D 593 5.35 51.37 -30.56
CA LEU D 593 6.60 51.66 -29.86
C LEU D 593 6.46 52.84 -28.91
N ILE D 594 5.68 53.85 -29.30
CA ILE D 594 5.43 55.00 -28.44
C ILE D 594 4.80 54.56 -27.12
N VAL D 595 3.71 53.79 -27.20
CA VAL D 595 3.02 53.39 -25.99
C VAL D 595 3.88 52.39 -25.21
N ARG D 596 4.72 51.62 -25.89
CA ARG D 596 5.68 50.76 -25.20
C ARG D 596 6.62 51.57 -24.32
N TYR D 597 7.16 52.66 -24.86
CA TYR D 597 8.05 53.51 -24.07
C TYR D 597 7.31 54.11 -22.88
N LEU D 598 6.17 54.75 -23.16
CA LEU D 598 5.38 55.37 -22.08
C LEU D 598 5.00 54.36 -21.00
N ALA D 599 4.78 53.09 -21.39
CA ALA D 599 4.58 52.04 -20.40
C ALA D 599 5.86 51.77 -19.63
N SER D 600 7.00 51.73 -20.33
CA SER D 600 8.29 51.57 -19.68
C SER D 600 8.63 52.69 -18.72
N MET D 601 7.88 53.79 -18.75
CA MET D 601 7.96 54.76 -17.66
C MET D 601 7.09 54.34 -16.47
N ARG D 602 6.00 53.62 -16.72
CA ARG D 602 5.01 53.33 -15.69
C ARG D 602 5.57 52.31 -14.68
N PRO D 603 5.00 52.28 -13.44
CA PRO D 603 5.48 51.32 -12.42
C PRO D 603 4.90 49.92 -12.54
N PHE D 604 4.93 49.36 -13.74
CA PHE D 604 4.53 47.98 -13.95
C PHE D 604 5.60 47.14 -14.61
N ALA D 605 6.32 47.69 -15.60
CA ALA D 605 7.35 46.92 -16.29
C ALA D 605 8.45 46.45 -15.34
N GLN D 606 8.71 47.21 -14.27
CA GLN D 606 9.63 46.77 -13.22
C GLN D 606 8.91 46.02 -12.11
N SER D 607 8.11 45.03 -12.46
CA SER D 607 7.47 44.19 -11.46
C SER D 607 8.00 42.78 -11.41
N PHE D 608 8.53 42.27 -12.55
CA PHE D 608 8.98 40.89 -12.67
C PHE D 608 9.92 40.49 -11.54
N ASP D 609 10.95 41.31 -11.31
CA ASP D 609 11.88 41.14 -10.20
C ASP D 609 11.11 40.85 -8.91
N ILE D 610 10.22 41.78 -8.55
CA ILE D 610 9.37 41.64 -7.36
C ILE D 610 8.72 40.27 -7.32
N TYR D 611 8.13 39.86 -8.45
CA TYR D 611 7.40 38.61 -8.54
C TYR D 611 8.25 37.44 -8.09
N LEU D 612 9.48 37.35 -8.61
CA LEU D 612 10.40 36.28 -8.22
C LEU D 612 10.56 36.24 -6.71
N THR D 613 10.91 37.39 -6.12
CA THR D 613 11.07 37.51 -4.68
C THR D 613 9.86 36.96 -3.95
N GLN D 614 8.66 37.35 -4.40
CA GLN D 614 7.42 36.90 -3.78
C GLN D 614 7.34 35.39 -3.79
N ILE D 615 7.55 34.78 -4.97
CA ILE D 615 7.50 33.32 -5.08
C ILE D 615 8.50 32.69 -4.13
N LEU D 616 9.68 33.30 -4.00
CA LEU D 616 10.71 32.70 -3.18
C LEU D 616 10.42 32.84 -1.70
N ARG D 617 9.56 33.78 -1.31
CA ARG D 617 9.11 33.81 0.08
C ARG D 617 8.25 32.59 0.38
N VAL D 618 7.56 32.07 -0.65
CA VAL D 618 6.63 30.97 -0.48
C VAL D 618 7.36 29.68 -0.15
N LEU D 619 8.56 29.50 -0.70
CA LEU D 619 9.24 28.20 -0.69
C LEU D 619 9.49 27.68 0.72
N GLY D 620 9.62 28.56 1.71
CA GLY D 620 9.61 28.10 3.08
C GLY D 620 8.24 28.22 3.73
N GLU D 621 7.44 27.17 3.67
CA GLU D 621 6.07 27.21 4.16
C GLU D 621 5.71 25.81 4.66
N ASN D 622 4.50 25.66 5.18
CA ASN D 622 4.15 24.42 5.86
C ASN D 622 2.98 23.73 5.18
N ALA D 623 3.05 23.60 3.85
CA ALA D 623 2.06 22.82 3.11
C ALA D 623 2.75 22.30 1.85
N ILE D 624 2.52 21.03 1.54
CA ILE D 624 3.34 20.38 0.52
C ILE D 624 2.96 20.84 -0.88
N ALA D 625 1.65 20.83 -1.18
CA ALA D 625 1.16 21.18 -2.51
C ALA D 625 1.62 22.57 -2.94
N VAL D 626 1.64 23.52 -2.00
CA VAL D 626 2.05 24.88 -2.31
C VAL D 626 3.51 24.92 -2.73
N ARG D 627 4.37 24.20 -2.02
CA ARG D 627 5.79 24.18 -2.39
C ARG D 627 6.02 23.48 -3.72
N THR D 628 5.30 22.37 -3.97
CA THR D 628 5.37 21.73 -5.28
C THR D 628 5.05 22.70 -6.40
N LYS D 629 3.93 23.43 -6.26
CA LYS D 629 3.53 24.33 -7.33
C LYS D 629 4.48 25.49 -7.49
N ALA D 630 4.99 26.04 -6.38
CA ALA D 630 6.05 27.04 -6.45
C ALA D 630 7.23 26.53 -7.26
N MET D 631 7.63 25.28 -7.03
CA MET D 631 8.76 24.72 -7.74
C MET D 631 8.47 24.56 -9.22
N LYS D 632 7.27 24.10 -9.57
CA LYS D 632 6.94 23.91 -10.99
C LYS D 632 6.87 25.25 -11.73
N CYS D 633 6.24 26.25 -11.11
CA CYS D 633 6.17 27.57 -11.75
C CYS D 633 7.54 28.19 -11.91
N LEU D 634 8.39 28.05 -10.89
CA LEU D 634 9.76 28.54 -11.01
C LEU D 634 10.50 27.80 -12.12
N SER D 635 10.24 26.50 -12.27
CA SER D 635 10.89 25.73 -13.31
C SER D 635 10.49 26.22 -14.69
N GLU D 636 9.22 26.53 -14.86
CA GLU D 636 8.74 27.08 -16.12
C GLU D 636 9.41 28.42 -16.43
N VAL D 637 9.44 29.31 -15.43
CA VAL D 637 10.15 30.59 -15.56
C VAL D 637 11.59 30.37 -16.02
N VAL D 638 12.30 29.46 -15.36
CA VAL D 638 13.71 29.21 -15.63
C VAL D 638 13.89 28.69 -17.05
N ALA D 639 13.05 27.74 -17.46
CA ALA D 639 13.17 27.18 -18.79
C ALA D 639 12.73 28.14 -19.89
N VAL D 640 12.07 29.25 -19.56
CA VAL D 640 11.87 30.28 -20.57
C VAL D 640 13.13 31.12 -20.76
N ASP D 641 13.66 31.67 -19.68
CA ASP D 641 14.85 32.52 -19.70
C ASP D 641 15.98 31.78 -18.99
N PRO D 642 16.76 30.95 -19.69
CA PRO D 642 17.73 30.08 -19.01
C PRO D 642 18.86 30.80 -18.31
N SER D 643 19.07 32.09 -18.56
CA SER D 643 20.10 32.84 -17.84
C SER D 643 19.52 33.53 -16.61
N ILE D 644 18.76 32.79 -15.82
CA ILE D 644 18.23 33.28 -14.55
C ILE D 644 18.68 32.42 -13.38
N LEU D 645 19.31 31.27 -13.64
CA LEU D 645 19.95 30.48 -12.58
C LEU D 645 21.31 31.08 -12.23
N ALA D 646 21.29 32.34 -11.87
CA ALA D 646 22.47 33.11 -11.50
C ALA D 646 22.31 33.82 -10.17
N ARG D 647 21.12 34.35 -9.88
CA ARG D 647 20.88 35.02 -8.62
C ARG D 647 21.04 34.06 -7.45
N LEU D 648 21.80 34.49 -6.44
CA LEU D 648 22.21 33.60 -5.36
C LEU D 648 21.02 33.08 -4.55
N ASP D 649 19.95 33.87 -4.42
CA ASP D 649 18.78 33.43 -3.67
C ASP D 649 18.11 32.25 -4.36
N MET D 650 17.98 32.30 -5.69
CA MET D 650 17.41 31.18 -6.42
C MET D 650 18.29 29.94 -6.31
N GLN D 651 19.61 30.13 -6.32
CA GLN D 651 20.55 29.03 -6.10
C GLN D 651 20.28 28.32 -4.77
N ARG D 652 20.30 29.09 -3.67
CA ARG D 652 20.09 28.51 -2.35
C ARG D 652 18.70 27.90 -2.24
N GLY D 653 17.69 28.51 -2.89
CA GLY D 653 16.36 27.94 -2.90
C GLY D 653 16.31 26.56 -3.53
N VAL D 654 16.86 26.43 -4.74
CA VAL D 654 16.75 25.14 -5.43
C VAL D 654 17.62 24.09 -4.76
N HIS D 655 18.75 24.48 -4.15
CA HIS D 655 19.53 23.50 -3.40
C HIS D 655 18.75 23.00 -2.17
N GLY D 656 18.28 23.93 -1.33
CA GLY D 656 17.45 23.57 -0.19
C GLY D 656 16.31 22.65 -0.55
N ARG D 657 15.52 23.03 -1.56
CA ARG D 657 14.41 22.18 -1.98
C ARG D 657 14.87 20.88 -2.60
N LEU D 658 16.10 20.82 -3.14
CA LEU D 658 16.60 19.53 -3.60
C LEU D 658 16.87 18.60 -2.43
N MET D 659 17.24 19.13 -1.27
CA MET D 659 17.42 18.29 -0.09
C MET D 659 16.17 18.16 0.78
N ASP D 660 15.03 18.68 0.34
CA ASP D 660 13.81 18.76 1.13
C ASP D 660 13.29 17.37 1.49
N ASN D 661 12.45 17.32 2.52
CA ASN D 661 11.94 16.06 3.08
C ASN D 661 10.51 15.74 2.63
N SER D 662 10.30 15.69 1.32
CA SER D 662 9.10 15.10 0.76
C SER D 662 9.25 14.85 -0.73
N THR D 663 9.03 13.60 -1.16
CA THR D 663 9.41 13.15 -2.50
C THR D 663 8.83 14.02 -3.61
N SER D 664 7.66 14.61 -3.37
CA SER D 664 7.02 15.46 -4.39
C SER D 664 7.90 16.68 -4.72
N VAL D 665 8.28 17.46 -3.72
CA VAL D 665 9.08 18.64 -4.02
C VAL D 665 10.47 18.24 -4.50
N ARG D 666 10.99 17.10 -4.04
CA ARG D 666 12.28 16.64 -4.52
C ARG D 666 12.25 16.33 -6.01
N GLU D 667 11.20 15.63 -6.47
CA GLU D 667 11.12 15.37 -7.90
C GLU D 667 10.87 16.65 -8.69
N ALA D 668 10.13 17.60 -8.11
CA ALA D 668 9.94 18.88 -8.79
C ALA D 668 11.27 19.60 -8.98
N ALA D 669 12.08 19.66 -7.93
CA ALA D 669 13.38 20.33 -8.03
C ALA D 669 14.30 19.64 -9.03
N VAL D 670 14.37 18.31 -8.97
CA VAL D 670 15.25 17.62 -9.91
C VAL D 670 14.72 17.76 -11.32
N GLU D 671 13.41 17.93 -11.51
CA GLU D 671 12.87 18.13 -12.85
C GLU D 671 13.29 19.49 -13.40
N LEU D 672 13.21 20.53 -12.57
CA LEU D 672 13.73 21.85 -12.95
C LEU D 672 15.18 21.74 -13.40
N LEU D 673 16.02 21.17 -12.54
CA LEU D 673 17.45 21.10 -12.81
C LEU D 673 17.74 20.29 -14.06
N GLY D 674 16.95 19.24 -14.29
CA GLY D 674 17.16 18.41 -15.47
C GLY D 674 16.78 19.10 -16.76
N ARG D 675 15.64 19.81 -16.76
CA ARG D 675 15.26 20.57 -17.95
C ARG D 675 16.28 21.67 -18.25
N PHE D 676 16.80 22.30 -17.20
CA PHE D 676 17.83 23.32 -17.41
C PHE D 676 19.09 22.72 -18.01
N VAL D 677 19.50 21.54 -17.54
CA VAL D 677 20.70 20.90 -18.07
C VAL D 677 20.49 20.48 -19.52
N LEU D 678 19.32 19.92 -19.84
CA LEU D 678 19.05 19.47 -21.20
C LEU D 678 19.00 20.65 -22.18
N CYS D 679 18.43 21.78 -21.75
CA CYS D 679 18.30 22.94 -22.62
C CYS D 679 19.66 23.47 -23.06
N ARG D 680 20.45 23.96 -22.11
CA ARG D 680 21.81 24.43 -22.37
C ARG D 680 22.77 23.26 -22.43
N PRO D 681 23.24 22.86 -23.63
CA PRO D 681 24.09 21.66 -23.76
C PRO D 681 25.36 21.73 -22.94
N GLN D 682 26.16 22.75 -23.15
CA GLN D 682 27.32 22.96 -22.30
C GLN D 682 26.88 23.59 -20.99
N LEU D 683 27.87 23.92 -20.15
CA LEU D 683 27.70 24.56 -18.85
C LEU D 683 26.91 23.67 -17.87
N ALA D 684 26.82 22.37 -18.17
CA ALA D 684 26.18 21.39 -17.30
C ALA D 684 27.16 20.61 -16.46
N GLU D 685 28.47 20.70 -16.75
CA GLU D 685 29.49 20.02 -15.97
C GLU D 685 29.60 20.52 -14.53
N GLN D 686 28.85 21.56 -14.17
CA GLN D 686 28.81 22.06 -12.81
C GLN D 686 27.66 21.50 -11.99
N TYR D 687 26.59 21.03 -12.65
CA TYR D 687 25.43 20.49 -11.97
C TYR D 687 25.36 18.97 -12.02
N TYR D 688 26.27 18.33 -12.75
CA TYR D 688 26.19 16.88 -12.94
C TYR D 688 26.35 16.14 -11.62
N ASP D 689 27.23 16.61 -10.75
CA ASP D 689 27.49 15.91 -9.50
C ASP D 689 26.27 15.94 -8.58
N MET D 690 25.72 17.14 -8.38
CA MET D 690 24.50 17.28 -7.59
C MET D 690 23.31 16.57 -8.24
N LEU D 691 23.34 16.36 -9.55
CA LEU D 691 22.30 15.58 -10.18
C LEU D 691 22.48 14.09 -9.89
N ILE D 692 23.61 13.53 -10.32
CA ILE D 692 23.88 12.10 -10.19
C ILE D 692 24.02 11.63 -8.76
N GLU D 693 24.08 12.54 -7.79
CA GLU D 693 23.92 12.12 -6.41
C GLU D 693 22.52 11.58 -6.15
N ARG D 694 21.53 12.04 -6.91
CA ARG D 694 20.13 11.84 -6.54
C ARG D 694 19.55 10.50 -6.94
N ILE D 695 20.31 9.62 -7.60
CA ILE D 695 19.75 8.32 -7.98
C ILE D 695 19.24 7.58 -6.75
N LEU D 696 19.94 7.70 -5.63
CA LEU D 696 19.63 6.95 -4.42
C LEU D 696 18.75 7.83 -3.53
N ASP D 697 17.45 7.85 -3.83
CA ASP D 697 16.60 8.86 -3.21
C ASP D 697 15.28 8.28 -2.69
N THR D 698 15.20 6.96 -2.50
CA THR D 698 14.20 6.22 -1.72
C THR D 698 12.75 6.45 -2.13
N GLY D 699 12.52 7.16 -3.24
CA GLY D 699 11.23 7.22 -3.86
C GLY D 699 11.24 6.40 -5.15
N ILE D 700 10.10 6.42 -5.82
CA ILE D 700 10.03 5.90 -7.18
C ILE D 700 9.88 7.01 -8.19
N SER D 701 9.39 8.18 -7.80
CA SER D 701 9.36 9.33 -8.69
C SER D 701 10.77 9.75 -9.07
N VAL D 702 11.54 10.21 -8.07
CA VAL D 702 12.86 10.80 -8.28
C VAL D 702 13.79 9.89 -9.07
N ARG D 703 13.74 8.58 -8.79
CA ARG D 703 14.58 7.64 -9.52
C ARG D 703 14.21 7.61 -11.00
N LYS D 704 12.91 7.53 -11.28
CA LYS D 704 12.46 7.52 -12.68
C LYS D 704 12.80 8.82 -13.38
N ARG D 705 12.67 9.94 -12.69
CA ARG D 705 12.97 11.23 -13.31
C ARG D 705 14.46 11.35 -13.64
N VAL D 706 15.33 10.97 -12.70
CA VAL D 706 16.76 11.03 -12.95
C VAL D 706 17.15 10.08 -14.08
N ILE D 707 16.50 8.91 -14.15
CA ILE D 707 16.82 7.98 -15.21
C ILE D 707 16.38 8.52 -16.57
N LYS D 708 15.21 9.17 -16.62
CA LYS D 708 14.76 9.77 -17.89
C LYS D 708 15.71 10.88 -18.35
N ILE D 709 16.11 11.75 -17.42
CA ILE D 709 17.05 12.82 -17.74
C ILE D 709 18.37 12.25 -18.24
N LEU D 710 18.85 11.20 -17.58
CA LEU D 710 20.11 10.58 -17.97
C LEU D 710 20.01 9.96 -19.36
N ARG D 711 18.88 9.31 -19.65
CA ARG D 711 18.67 8.72 -20.97
C ARG D 711 18.68 9.78 -22.05
N ASP D 712 18.02 10.91 -21.79
CA ASP D 712 18.01 11.98 -22.79
C ASP D 712 19.40 12.58 -22.98
N ILE D 713 20.19 12.69 -21.90
CA ILE D 713 21.59 13.12 -22.05
C ILE D 713 22.34 12.13 -22.94
N CYS D 714 22.29 10.85 -22.59
CA CYS D 714 23.09 9.85 -23.29
C CYS D 714 22.66 9.66 -24.74
N ILE D 715 21.43 10.05 -25.08
CA ILE D 715 21.03 10.04 -26.48
C ILE D 715 21.47 11.33 -27.17
N GLU D 716 21.27 12.48 -26.52
CA GLU D 716 21.30 13.76 -27.22
C GLU D 716 22.73 14.20 -27.54
N GLN D 717 23.58 14.33 -26.52
CA GLN D 717 24.92 14.89 -26.69
C GLN D 717 26.01 13.87 -26.31
N PRO D 718 26.22 12.82 -27.11
CA PRO D 718 27.35 11.92 -26.85
C PRO D 718 28.68 12.64 -26.96
N THR D 719 29.74 11.90 -26.59
CA THR D 719 31.10 12.35 -26.31
C THR D 719 31.19 13.17 -25.03
N PHE D 720 30.13 13.20 -24.23
CA PHE D 720 30.21 13.72 -22.88
C PHE D 720 31.18 12.86 -22.08
N PRO D 721 31.98 13.45 -21.17
CA PRO D 721 32.97 12.64 -20.43
C PRO D 721 32.38 11.52 -19.58
N LYS D 722 31.29 11.78 -18.86
CA LYS D 722 30.81 10.89 -17.83
C LYS D 722 29.88 9.80 -18.36
N ILE D 723 30.02 9.39 -19.62
CA ILE D 723 29.12 8.38 -20.20
C ILE D 723 29.23 7.05 -19.45
N THR D 724 30.48 6.58 -19.25
CA THR D 724 30.71 5.27 -18.65
C THR D 724 30.06 5.15 -17.27
N GLU D 725 30.28 6.14 -16.40
CA GLU D 725 29.70 6.10 -15.06
C GLU D 725 28.18 6.12 -15.12
N MET D 726 27.60 6.90 -16.04
CA MET D 726 26.16 6.92 -16.18
C MET D 726 25.62 5.56 -16.57
N CYS D 727 26.29 4.89 -17.52
CA CYS D 727 25.87 3.56 -17.92
C CYS D 727 25.99 2.58 -16.77
N VAL D 728 27.06 2.70 -15.98
CA VAL D 728 27.28 1.78 -14.86
C VAL D 728 26.17 1.92 -13.83
N LYS D 729 25.82 3.17 -13.48
CA LYS D 729 24.80 3.37 -12.47
C LYS D 729 23.41 2.95 -12.95
N MET D 730 23.05 3.28 -14.19
CA MET D 730 21.74 2.85 -14.69
C MET D 730 21.65 1.32 -14.75
N ILE D 731 22.71 0.64 -15.16
CA ILE D 731 22.68 -0.82 -15.11
C ILE D 731 22.62 -1.31 -13.66
N ARG D 732 23.23 -0.57 -12.74
CA ARG D 732 23.22 -0.94 -11.33
C ARG D 732 21.80 -0.97 -10.78
N ARG D 733 20.94 -0.08 -11.24
CA ARG D 733 19.59 -0.02 -10.69
C ARG D 733 18.60 -0.96 -11.37
N VAL D 734 19.07 -1.92 -12.18
CA VAL D 734 18.19 -2.79 -12.94
C VAL D 734 17.26 -3.63 -12.06
N ASN D 735 17.70 -4.00 -10.86
CA ASN D 735 16.92 -4.89 -10.01
C ASN D 735 16.14 -4.17 -8.93
N ASP D 736 16.04 -2.85 -8.99
CA ASP D 736 15.55 -2.11 -7.83
C ASP D 736 14.05 -2.28 -7.60
N GLU D 737 13.25 -2.31 -8.66
CA GLU D 737 11.79 -2.26 -8.55
C GLU D 737 11.19 -3.01 -9.72
N GLU D 738 9.94 -2.68 -10.04
CA GLU D 738 9.22 -3.29 -11.16
C GLU D 738 9.05 -2.32 -12.32
N GLY D 739 8.37 -1.19 -12.10
CA GLY D 739 8.23 -0.20 -13.15
C GLY D 739 9.57 0.35 -13.60
N ILE D 740 10.45 0.66 -12.63
CA ILE D 740 11.81 1.10 -12.93
C ILE D 740 12.54 0.04 -13.74
N LYS D 741 12.34 -1.23 -13.37
CA LYS D 741 12.92 -2.35 -14.09
C LYS D 741 12.50 -2.32 -15.55
N LYS D 742 11.20 -2.18 -15.80
CA LYS D 742 10.69 -2.09 -17.17
C LYS D 742 11.31 -0.91 -17.91
N LEU D 743 11.43 0.23 -17.24
CA LEU D 743 11.98 1.42 -17.88
C LEU D 743 13.45 1.22 -18.28
N VAL D 744 14.25 0.67 -17.37
CA VAL D 744 15.66 0.43 -17.66
C VAL D 744 15.80 -0.61 -18.76
N ASN D 745 14.97 -1.65 -18.72
CA ASN D 745 15.04 -2.69 -19.74
C ASN D 745 14.73 -2.14 -21.12
N GLU D 746 13.68 -1.32 -21.23
CA GLU D 746 13.33 -0.81 -22.55
C GLU D 746 14.32 0.25 -22.99
N THR D 747 14.94 0.97 -22.05
CA THR D 747 15.90 2.00 -22.42
C THR D 747 17.17 1.38 -22.97
N PHE D 748 17.70 0.36 -22.29
CA PHE D 748 18.90 -0.28 -22.81
C PHE D 748 18.61 -1.16 -24.01
N GLN D 749 17.40 -1.73 -24.12
CA GLN D 749 17.02 -2.46 -25.31
C GLN D 749 16.89 -1.54 -26.52
N LYS D 750 16.64 -0.25 -26.30
CA LYS D 750 16.59 0.69 -27.40
C LYS D 750 17.92 1.42 -27.62
N LEU D 751 18.82 1.38 -26.65
CA LEU D 751 20.08 2.10 -26.79
C LEU D 751 21.17 1.28 -27.45
N TRP D 752 21.23 -0.03 -27.19
CA TRP D 752 22.24 -0.87 -27.82
C TRP D 752 21.62 -1.94 -28.70
N PHE D 753 20.76 -2.80 -28.16
CA PHE D 753 20.32 -4.01 -28.86
C PHE D 753 19.21 -3.67 -29.84
N THR D 754 19.62 -3.04 -30.95
CA THR D 754 18.79 -2.77 -32.11
C THR D 754 19.46 -3.38 -33.35
N PRO D 755 18.67 -3.82 -34.35
CA PRO D 755 19.25 -4.61 -35.45
C PRO D 755 20.40 -4.01 -36.25
N THR D 756 20.57 -2.68 -36.29
CA THR D 756 21.71 -1.99 -36.93
C THR D 756 22.04 -2.49 -38.32
N PRO D 757 21.21 -2.18 -39.35
CA PRO D 757 21.41 -2.74 -40.70
C PRO D 757 22.80 -2.55 -41.27
N HIS D 758 23.19 -3.41 -42.23
CA HIS D 758 24.58 -3.48 -42.67
C HIS D 758 24.99 -2.29 -43.51
N ASN D 759 24.98 -1.12 -42.89
CA ASN D 759 25.46 0.14 -43.44
C ASN D 759 25.74 1.05 -42.25
N ASP D 760 26.52 2.11 -42.51
CA ASP D 760 26.97 3.05 -41.48
C ASP D 760 27.70 2.28 -40.36
N LYS D 761 28.72 1.54 -40.79
CA LYS D 761 29.50 0.67 -39.91
C LYS D 761 30.14 1.43 -38.76
N GLU D 762 30.40 2.73 -38.95
CA GLU D 762 31.02 3.54 -37.89
C GLU D 762 30.20 3.51 -36.60
N ALA D 763 28.87 3.53 -36.72
CA ALA D 763 28.02 3.46 -35.53
C ALA D 763 28.19 2.13 -34.81
N MET D 764 28.27 1.03 -35.56
CA MET D 764 28.45 -0.28 -34.96
C MET D 764 29.79 -0.37 -34.23
N THR D 765 30.86 0.07 -34.89
CA THR D 765 32.17 0.13 -34.24
C THR D 765 32.15 0.98 -32.98
N ARG D 766 31.44 2.11 -33.01
CA ARG D 766 31.34 2.94 -31.82
C ARG D 766 30.57 2.25 -30.72
N LYS D 767 29.54 1.47 -31.09
CA LYS D 767 28.78 0.71 -30.11
C LYS D 767 29.66 -0.33 -29.41
N ILE D 768 30.50 -1.01 -30.19
CA ILE D 768 31.45 -1.98 -29.62
C ILE D 768 32.40 -1.29 -28.66
N LEU D 769 32.94 -0.13 -29.06
CA LEU D 769 33.79 0.66 -28.18
C LEU D 769 33.09 0.98 -26.87
N ASN D 770 31.82 1.40 -26.96
CA ASN D 770 31.07 1.80 -25.78
C ASN D 770 30.85 0.62 -24.83
N ILE D 771 30.42 -0.52 -25.36
CA ILE D 771 30.12 -1.67 -24.52
C ILE D 771 31.37 -2.21 -23.84
N THR D 772 32.47 -2.31 -24.59
CA THR D 772 33.73 -2.74 -23.99
C THR D 772 34.16 -1.80 -22.88
N ASP D 773 33.99 -0.48 -23.09
CA ASP D 773 34.32 0.49 -22.04
C ASP D 773 33.49 0.23 -20.80
N VAL D 774 32.18 0.01 -20.98
CA VAL D 774 31.26 -0.22 -19.85
C VAL D 774 31.70 -1.41 -19.02
N VAL D 775 31.94 -2.55 -19.69
CA VAL D 775 32.27 -3.75 -18.92
C VAL D 775 33.65 -3.64 -18.27
N ALA D 776 34.65 -3.13 -18.99
CA ALA D 776 35.98 -2.98 -18.43
C ALA D 776 36.00 -2.01 -17.26
N ALA D 777 35.07 -1.07 -17.21
CA ALA D 777 34.97 -0.21 -16.04
C ALA D 777 34.18 -0.88 -14.93
N CYS D 778 33.21 -1.71 -15.28
CA CYS D 778 32.41 -2.43 -14.29
C CYS D 778 33.13 -3.61 -13.69
N ARG D 779 34.35 -3.91 -14.13
CA ARG D 779 35.10 -5.05 -13.60
C ARG D 779 35.35 -4.95 -12.09
N ASP D 780 35.40 -3.73 -11.54
CA ASP D 780 35.76 -3.57 -10.14
C ASP D 780 34.69 -4.13 -9.21
N THR D 781 33.41 -3.83 -9.46
CA THR D 781 32.38 -4.15 -8.49
C THR D 781 31.83 -5.57 -8.69
N GLY D 782 31.23 -5.84 -9.83
CA GLY D 782 30.69 -7.16 -10.08
C GLY D 782 30.02 -7.20 -11.43
N TYR D 783 29.70 -8.42 -11.86
CA TYR D 783 29.03 -8.62 -13.14
C TYR D 783 27.60 -9.13 -12.99
N ASP D 784 27.09 -9.19 -11.76
CA ASP D 784 25.76 -9.77 -11.53
C ASP D 784 24.67 -8.95 -12.20
N TRP D 785 24.79 -7.62 -12.15
CA TRP D 785 23.77 -6.74 -12.70
C TRP D 785 23.69 -6.86 -14.22
N PHE D 786 24.84 -6.84 -14.89
CA PHE D 786 24.89 -7.00 -16.34
C PHE D 786 24.20 -8.29 -16.78
N GLU D 787 24.54 -9.40 -16.11
CA GLU D 787 23.90 -10.67 -16.44
C GLU D 787 22.41 -10.63 -16.19
N GLN D 788 21.98 -10.00 -15.09
CA GLN D 788 20.56 -9.90 -14.81
C GLN D 788 19.82 -9.13 -15.90
N LEU D 789 20.39 -8.00 -16.33
CA LEU D 789 19.78 -7.20 -17.39
C LEU D 789 19.68 -7.99 -18.68
N LEU D 790 20.75 -8.70 -19.03
CA LEU D 790 20.74 -9.42 -20.30
C LEU D 790 19.79 -10.60 -20.26
N GLN D 791 19.75 -11.31 -19.12
CA GLN D 791 18.74 -12.34 -18.86
C GLN D 791 17.34 -11.80 -19.10
N ASN D 792 17.05 -10.63 -18.52
CA ASN D 792 15.72 -10.05 -18.63
C ASN D 792 15.38 -9.72 -20.07
N LEU D 793 16.29 -9.04 -20.77
CA LEU D 793 16.03 -8.66 -22.16
C LEU D 793 15.80 -9.87 -23.04
N LEU D 794 16.60 -10.93 -22.85
CA LEU D 794 16.43 -12.11 -23.69
C LEU D 794 15.13 -12.84 -23.38
N LYS D 795 14.88 -13.12 -22.10
CA LYS D 795 13.71 -13.91 -21.73
C LYS D 795 12.41 -13.17 -22.06
N SER D 796 12.35 -11.86 -21.78
CA SER D 796 11.11 -11.09 -21.83
C SER D 796 10.46 -11.05 -23.20
N GLU D 797 11.14 -11.51 -24.25
CA GLU D 797 10.56 -11.66 -25.59
C GLU D 797 10.87 -13.11 -25.98
N GLU D 798 9.95 -14.01 -25.64
CA GLU D 798 10.14 -15.43 -25.90
C GLU D 798 9.52 -15.87 -27.22
N ASP D 799 8.48 -15.17 -27.67
CA ASP D 799 7.85 -15.47 -28.95
C ASP D 799 8.80 -15.13 -30.10
N SER D 800 8.38 -15.47 -31.32
CA SER D 800 9.18 -15.19 -32.50
C SER D 800 9.36 -13.68 -32.68
N SER D 801 8.26 -12.98 -32.99
CA SER D 801 8.14 -11.52 -33.06
C SER D 801 9.35 -10.80 -33.64
N TYR D 802 9.93 -11.36 -34.71
CA TYR D 802 11.12 -10.92 -35.43
C TYR D 802 12.41 -11.11 -34.61
N LYS D 803 12.31 -11.54 -33.36
CA LYS D 803 13.44 -11.75 -32.46
C LYS D 803 14.38 -10.54 -32.38
N PRO D 804 13.85 -9.36 -32.03
CA PRO D 804 14.63 -8.11 -32.20
C PRO D 804 15.95 -8.08 -31.45
N VAL D 805 15.99 -8.69 -30.26
CA VAL D 805 17.22 -8.66 -29.48
C VAL D 805 18.20 -9.72 -29.97
N LYS D 806 17.70 -10.87 -30.43
CA LYS D 806 18.55 -11.97 -30.87
C LYS D 806 19.46 -11.56 -32.01
N LYS D 807 18.91 -10.86 -33.01
CA LYS D 807 19.68 -10.43 -34.17
C LYS D 807 20.81 -9.50 -33.76
N ALA D 808 20.49 -8.49 -32.95
CA ALA D 808 21.51 -7.55 -32.52
C ALA D 808 22.57 -8.24 -31.68
N CYS D 809 22.16 -9.19 -30.84
CA CYS D 809 23.10 -9.92 -30.00
C CYS D 809 24.06 -10.75 -30.83
N THR D 810 23.54 -11.54 -31.75
CA THR D 810 24.40 -12.38 -32.58
C THR D 810 25.29 -11.53 -33.48
N GLN D 811 24.78 -10.41 -33.99
CA GLN D 811 25.60 -9.54 -34.82
C GLN D 811 26.68 -8.86 -33.99
N LEU D 812 26.42 -8.64 -32.71
CA LEU D 812 27.43 -8.01 -31.87
C LEU D 812 28.52 -9.00 -31.53
N VAL D 813 28.16 -10.24 -31.22
CA VAL D 813 29.19 -11.21 -30.86
C VAL D 813 30.05 -11.56 -32.08
N ASP D 814 29.44 -11.78 -33.25
CA ASP D 814 30.27 -12.11 -34.42
C ASP D 814 31.13 -10.92 -34.84
N ASN D 815 30.60 -9.69 -34.73
CA ASN D 815 31.41 -8.53 -35.08
C ASN D 815 32.54 -8.33 -34.08
N LEU D 816 32.32 -8.68 -32.81
CA LEU D 816 33.41 -8.66 -31.84
C LEU D 816 34.47 -9.70 -32.16
N VAL D 817 34.04 -10.89 -32.59
CA VAL D 817 34.97 -11.91 -33.08
C VAL D 817 35.85 -11.33 -34.18
N GLU D 818 35.21 -10.71 -35.18
CA GLU D 818 35.95 -10.15 -36.31
C GLU D 818 36.90 -9.04 -35.87
N HIS D 819 36.46 -8.20 -34.94
CA HIS D 819 37.32 -7.15 -34.41
C HIS D 819 38.54 -7.74 -33.73
N ILE D 820 38.35 -8.80 -32.92
CA ILE D 820 39.45 -9.48 -32.26
C ILE D 820 40.44 -10.04 -33.28
N LEU D 821 39.92 -10.65 -34.35
CA LEU D 821 40.78 -11.16 -35.42
C LEU D 821 41.59 -10.03 -36.07
N LYS D 822 40.91 -8.96 -36.48
CA LYS D 822 41.54 -7.87 -37.22
C LYS D 822 42.44 -7.02 -36.34
N TYR D 823 42.34 -7.15 -35.02
CA TYR D 823 43.28 -6.51 -34.10
C TYR D 823 44.71 -6.90 -34.43
N GLU D 824 45.02 -8.21 -34.32
CA GLU D 824 46.22 -8.86 -34.84
C GLU D 824 47.51 -8.45 -34.12
N GLU D 825 47.43 -7.41 -33.28
CA GLU D 825 48.55 -6.70 -32.67
C GLU D 825 48.01 -5.39 -32.12
N ASN D 836 47.06 -0.48 -25.20
CA ASN D 836 45.97 -0.89 -26.09
C ASN D 836 45.41 -2.24 -25.67
N SER D 837 46.21 -3.00 -24.91
CA SER D 837 45.85 -4.34 -24.47
C SER D 837 44.57 -4.36 -23.63
N GLY D 838 44.25 -3.23 -22.98
CA GLY D 838 42.99 -3.12 -22.27
C GLY D 838 41.80 -3.46 -23.13
N ARG D 839 41.84 -3.07 -24.40
CA ARG D 839 40.71 -3.36 -25.29
C ARG D 839 40.64 -4.84 -25.61
N LEU D 840 41.80 -5.48 -25.80
CA LEU D 840 41.83 -6.93 -26.02
C LEU D 840 41.22 -7.68 -24.84
N VAL D 841 41.69 -7.39 -23.63
CA VAL D 841 41.19 -8.13 -22.46
C VAL D 841 39.72 -7.82 -22.23
N ALA D 842 39.29 -6.57 -22.45
CA ALA D 842 37.90 -6.21 -22.27
C ALA D 842 37.00 -6.90 -23.29
N CYS D 843 37.46 -6.99 -24.54
CA CYS D 843 36.69 -7.65 -25.57
C CYS D 843 36.53 -9.14 -25.27
N ILE D 844 37.60 -9.79 -24.83
CA ILE D 844 37.51 -11.19 -24.45
C ILE D 844 36.56 -11.37 -23.27
N THR D 845 36.58 -10.42 -22.32
CA THR D 845 35.66 -10.46 -21.18
C THR D 845 34.22 -10.36 -21.65
N THR D 846 33.95 -9.49 -22.63
CA THR D 846 32.59 -9.35 -23.15
C THR D 846 32.15 -10.62 -23.84
N LEU D 847 33.05 -11.24 -24.60
CA LEU D 847 32.79 -12.55 -25.17
C LEU D 847 32.44 -13.57 -24.09
N PHE D 848 33.15 -13.53 -22.97
CA PHE D 848 32.90 -14.45 -21.88
C PHE D 848 31.49 -14.27 -21.33
N LEU D 849 31.10 -13.03 -21.04
CA LEU D 849 29.75 -12.77 -20.55
C LEU D 849 28.70 -13.23 -21.54
N PHE D 850 28.90 -12.91 -22.82
CA PHE D 850 27.90 -13.28 -23.83
C PHE D 850 27.82 -14.78 -24.02
N SER D 851 28.92 -15.51 -23.76
CA SER D 851 28.82 -16.96 -23.73
C SER D 851 28.04 -17.44 -22.51
N LYS D 852 28.29 -16.82 -21.36
CA LYS D 852 27.64 -17.25 -20.13
C LYS D 852 26.13 -17.12 -20.20
N ILE D 853 25.65 -15.99 -20.73
CA ILE D 853 24.20 -15.76 -20.77
C ILE D 853 23.51 -16.75 -21.72
N ARG D 854 24.12 -17.04 -22.87
CA ARG D 854 23.59 -18.05 -23.76
C ARG D 854 24.82 -18.67 -24.42
N PRO D 855 24.92 -19.99 -24.44
CA PRO D 855 26.15 -20.60 -24.91
C PRO D 855 26.18 -20.84 -26.41
N GLN D 856 25.02 -20.98 -27.04
CA GLN D 856 24.95 -21.22 -28.48
C GLN D 856 25.56 -20.11 -29.32
N LEU D 857 25.64 -18.89 -28.77
CA LEU D 857 26.08 -17.75 -29.56
C LEU D 857 27.53 -17.87 -30.01
N MET D 858 28.37 -18.59 -29.27
CA MET D 858 29.76 -18.73 -29.65
C MET D 858 30.15 -20.17 -29.95
N VAL D 859 29.27 -20.92 -30.61
CA VAL D 859 29.65 -22.26 -31.02
C VAL D 859 30.57 -22.22 -32.24
N LYS D 860 30.33 -21.28 -33.16
CA LYS D 860 30.98 -21.31 -34.45
C LYS D 860 32.39 -20.75 -34.42
N HIS D 861 32.69 -19.88 -33.46
CA HIS D 861 33.91 -19.10 -33.47
C HIS D 861 35.01 -19.70 -32.61
N ALA D 862 34.74 -20.82 -31.94
CA ALA D 862 35.72 -21.41 -31.03
C ALA D 862 37.01 -21.77 -31.75
N MET D 863 36.91 -22.26 -33.00
CA MET D 863 38.10 -22.54 -33.78
C MET D 863 38.94 -21.30 -34.02
N THR D 864 38.30 -20.13 -34.07
CA THR D 864 39.05 -18.89 -34.17
C THR D 864 39.60 -18.44 -32.84
N MET D 865 39.03 -18.93 -31.72
CA MET D 865 39.53 -18.58 -30.40
C MET D 865 40.66 -19.49 -29.94
N GLN D 866 40.79 -20.67 -30.55
CA GLN D 866 41.84 -21.61 -30.21
C GLN D 866 43.28 -21.08 -30.22
N PRO D 867 43.74 -20.23 -31.16
CA PRO D 867 45.18 -19.90 -31.20
C PRO D 867 45.71 -19.15 -29.98
N TYR D 868 44.90 -18.31 -29.34
CA TYR D 868 45.40 -17.51 -28.21
C TYR D 868 45.79 -18.41 -27.04
N LEU D 869 45.06 -19.50 -26.84
CA LEU D 869 45.37 -20.44 -25.77
C LEU D 869 46.72 -21.12 -25.95
N THR D 870 47.20 -21.22 -27.19
CA THR D 870 48.39 -22.02 -27.49
C THR D 870 49.65 -21.46 -26.84
N THR D 871 49.98 -20.20 -27.09
CA THR D 871 51.24 -19.65 -26.63
C THR D 871 51.02 -18.19 -26.25
N LYS D 872 51.81 -17.70 -25.30
CA LYS D 872 51.65 -16.33 -24.83
C LYS D 872 52.92 -15.92 -24.09
N CYS D 873 52.87 -14.80 -23.37
CA CYS D 873 53.98 -14.09 -22.76
C CYS D 873 53.89 -14.16 -21.25
N SER D 874 54.77 -13.40 -20.58
CA SER D 874 54.86 -13.36 -19.12
C SER D 874 54.27 -12.09 -18.51
N THR D 875 53.33 -11.43 -19.18
CA THR D 875 52.70 -10.23 -18.65
C THR D 875 51.32 -10.57 -18.10
N GLN D 876 50.82 -9.72 -17.20
CA GLN D 876 49.58 -9.95 -16.46
C GLN D 876 48.38 -10.07 -17.38
N ASN D 877 48.07 -8.98 -18.11
CA ASN D 877 46.91 -8.93 -19.00
C ASN D 877 46.83 -10.12 -19.92
N ASP D 878 47.97 -10.61 -20.40
CA ASP D 878 48.00 -11.84 -21.19
C ASP D 878 47.46 -13.02 -20.40
N PHE D 879 47.83 -13.15 -19.13
CA PHE D 879 47.30 -14.22 -18.29
C PHE D 879 45.80 -14.10 -18.14
N MET D 880 45.30 -12.86 -18.02
CA MET D 880 43.85 -12.69 -17.95
C MET D 880 43.16 -13.14 -19.24
N VAL D 881 43.80 -12.89 -20.39
CA VAL D 881 43.27 -13.41 -21.66
C VAL D 881 43.19 -14.93 -21.63
N ILE D 882 44.28 -15.59 -21.20
CA ILE D 882 44.30 -17.05 -21.20
C ILE D 882 43.20 -17.61 -20.30
N CYS D 883 43.03 -17.00 -19.11
CA CYS D 883 42.00 -17.46 -18.19
C CYS D 883 40.61 -17.32 -18.80
N ASN D 884 40.33 -16.17 -19.42
CA ASN D 884 39.00 -15.97 -19.98
C ASN D 884 38.73 -16.90 -21.15
N VAL D 885 39.71 -17.14 -22.03
CA VAL D 885 39.44 -18.01 -23.17
C VAL D 885 39.29 -19.46 -22.70
N ALA D 886 39.99 -19.84 -21.63
CA ALA D 886 39.77 -21.15 -21.03
C ALA D 886 38.33 -21.29 -20.52
N LYS D 887 37.83 -20.26 -19.84
CA LYS D 887 36.44 -20.27 -19.38
C LYS D 887 35.47 -20.43 -20.54
N ILE D 888 35.67 -19.66 -21.62
CA ILE D 888 34.79 -19.74 -22.80
C ILE D 888 34.77 -21.14 -23.36
N LEU D 889 35.96 -21.73 -23.54
CA LEU D 889 36.05 -23.09 -24.06
C LEU D 889 35.31 -24.08 -23.17
N GLU D 890 35.47 -23.96 -21.85
CA GLU D 890 34.71 -24.80 -20.93
C GLU D 890 33.21 -24.67 -21.16
N LEU D 891 32.74 -23.45 -21.35
CA LEU D 891 31.30 -23.27 -21.46
C LEU D 891 30.75 -23.78 -22.80
N VAL D 892 31.52 -23.70 -23.88
CA VAL D 892 30.95 -23.90 -25.20
C VAL D 892 31.31 -25.25 -25.83
N VAL D 893 32.51 -25.81 -25.55
CA VAL D 893 32.97 -27.02 -26.26
C VAL D 893 31.97 -28.19 -26.24
N PRO D 894 31.39 -28.60 -25.09
CA PRO D 894 30.44 -29.72 -25.14
C PRO D 894 29.23 -29.49 -26.02
N LEU D 895 28.79 -28.24 -26.19
CA LEU D 895 27.62 -27.95 -26.99
C LEU D 895 27.90 -27.94 -28.49
N MET D 896 29.15 -28.14 -28.91
CA MET D 896 29.50 -28.00 -30.31
C MET D 896 28.95 -29.15 -31.13
N GLU D 897 28.26 -28.82 -32.22
CA GLU D 897 27.65 -29.79 -33.12
C GLU D 897 28.75 -30.55 -33.86
N HIS D 898 29.01 -31.79 -33.42
CA HIS D 898 29.88 -32.76 -34.08
C HIS D 898 31.31 -32.25 -34.23
N PRO D 899 32.08 -32.19 -33.16
CA PRO D 899 33.42 -31.61 -33.24
C PRO D 899 34.41 -32.55 -33.93
N SER D 900 35.57 -31.99 -34.25
CA SER D 900 36.63 -32.71 -34.92
C SER D 900 37.62 -33.26 -33.89
N GLU D 901 38.02 -34.53 -34.09
CA GLU D 901 38.79 -35.23 -33.07
C GLU D 901 40.19 -34.66 -32.92
N THR D 902 40.80 -34.23 -34.04
CA THR D 902 42.12 -33.60 -33.97
C THR D 902 42.07 -32.31 -33.17
N PHE D 903 40.96 -31.57 -33.28
CA PHE D 903 40.78 -30.35 -32.49
C PHE D 903 40.79 -30.66 -31.00
N LEU D 904 40.05 -31.71 -30.59
CA LEU D 904 40.04 -32.10 -29.19
C LEU D 904 41.42 -32.57 -28.73
N ALA D 905 42.12 -33.28 -29.62
CA ALA D 905 43.47 -33.75 -29.30
C ALA D 905 44.42 -32.60 -29.00
N THR D 906 44.50 -31.63 -29.91
CA THR D 906 45.38 -30.49 -29.67
C THR D 906 44.92 -29.65 -28.49
N ILE D 907 43.59 -29.53 -28.26
CA ILE D 907 43.08 -28.84 -27.08
C ILE D 907 43.64 -29.44 -25.81
N GLU D 908 43.48 -30.76 -25.65
CA GLU D 908 43.96 -31.40 -24.42
C GLU D 908 45.47 -31.30 -24.30
N GLU D 909 46.17 -31.42 -25.44
CA GLU D 909 47.63 -31.32 -25.44
C GLU D 909 48.10 -29.96 -24.94
N ASP D 910 47.55 -28.88 -25.50
CA ASP D 910 48.02 -27.57 -25.08
C ASP D 910 47.55 -27.22 -23.68
N LEU D 911 46.41 -27.75 -23.26
CA LEU D 911 45.97 -27.56 -21.88
C LEU D 911 46.98 -28.15 -20.91
N MET D 912 47.48 -29.36 -21.21
CA MET D 912 48.50 -29.93 -20.35
C MET D 912 49.80 -29.13 -20.39
N LYS D 913 50.21 -28.70 -21.61
CA LYS D 913 51.38 -27.85 -21.75
C LYS D 913 51.25 -26.57 -20.92
N LEU D 914 50.03 -26.07 -20.78
CA LEU D 914 49.79 -24.88 -19.99
C LEU D 914 49.83 -25.18 -18.50
N ILE D 915 49.26 -26.32 -18.09
CA ILE D 915 49.27 -26.73 -16.68
C ILE D 915 50.69 -26.83 -16.16
N ILE D 916 51.60 -27.36 -16.97
CA ILE D 916 52.91 -27.73 -16.43
C ILE D 916 53.90 -26.56 -16.59
N LYS D 917 53.41 -25.35 -16.83
CA LYS D 917 54.34 -24.26 -17.10
C LYS D 917 53.97 -22.89 -16.51
N TYR D 918 52.89 -22.76 -15.73
CA TYR D 918 52.49 -21.41 -15.34
C TYR D 918 51.99 -21.40 -13.91
N GLY D 919 51.42 -20.27 -13.52
CA GLY D 919 51.16 -19.94 -12.12
C GLY D 919 49.89 -20.56 -11.57
N MET D 920 49.43 -20.00 -10.44
CA MET D 920 48.35 -20.63 -9.69
C MET D 920 47.01 -20.48 -10.40
N THR D 921 46.55 -19.23 -10.55
CA THR D 921 45.19 -18.95 -11.02
C THR D 921 44.93 -19.56 -12.39
N VAL D 922 45.94 -19.51 -13.26
CA VAL D 922 45.79 -20.10 -14.58
C VAL D 922 45.67 -21.62 -14.50
N VAL D 923 46.46 -22.26 -13.62
CA VAL D 923 46.34 -23.71 -13.40
C VAL D 923 44.94 -24.07 -12.97
N GLN D 924 44.40 -23.35 -11.97
CA GLN D 924 43.04 -23.59 -11.52
C GLN D 924 42.04 -23.48 -12.67
N HIS D 925 42.00 -22.31 -13.31
CA HIS D 925 40.98 -22.04 -14.31
C HIS D 925 41.16 -22.84 -15.59
N CYS D 926 42.30 -23.52 -15.78
CA CYS D 926 42.42 -24.37 -16.96
C CYS D 926 42.17 -25.84 -16.63
N VAL D 927 42.60 -26.33 -15.46
CA VAL D 927 42.27 -27.70 -15.09
C VAL D 927 40.77 -27.85 -14.94
N SER D 928 40.06 -26.75 -14.61
CA SER D 928 38.61 -26.75 -14.65
C SER D 928 38.09 -27.16 -16.03
N CYS D 929 38.53 -26.45 -17.08
CA CYS D 929 38.01 -26.71 -18.42
C CYS D 929 38.47 -28.06 -18.94
N LEU D 930 39.70 -28.46 -18.61
CA LEU D 930 40.19 -29.77 -19.01
C LEU D 930 39.32 -30.88 -18.43
N GLY D 931 39.05 -30.81 -17.12
CA GLY D 931 38.18 -31.80 -16.50
C GLY D 931 36.80 -31.84 -17.13
N ALA D 932 36.24 -30.66 -17.40
CA ALA D 932 34.91 -30.60 -18.01
C ALA D 932 34.90 -31.26 -19.39
N VAL D 933 35.84 -30.88 -20.26
CA VAL D 933 35.84 -31.41 -21.62
C VAL D 933 36.15 -32.91 -21.61
N VAL D 934 37.01 -33.37 -20.70
CA VAL D 934 37.33 -34.79 -20.65
C VAL D 934 36.13 -35.59 -20.17
N ASN D 935 35.35 -35.04 -19.25
CA ASN D 935 34.19 -35.80 -18.78
C ASN D 935 32.93 -35.58 -19.59
N LYS D 936 32.92 -34.69 -20.58
CA LYS D 936 31.71 -34.47 -21.34
C LYS D 936 31.75 -35.09 -22.74
N VAL D 937 32.87 -35.05 -23.44
CA VAL D 937 32.89 -35.56 -24.82
C VAL D 937 33.91 -36.68 -25.04
N THR D 938 35.20 -36.42 -24.89
CA THR D 938 36.19 -37.46 -25.09
C THR D 938 36.18 -38.43 -23.91
N GLN D 939 37.07 -39.42 -23.96
CA GLN D 939 37.16 -40.39 -22.87
C GLN D 939 38.59 -40.77 -22.51
N ASN D 940 39.62 -40.11 -23.06
CA ASN D 940 40.99 -40.54 -22.84
C ASN D 940 41.49 -40.15 -21.44
N PHE D 941 40.86 -40.73 -20.42
CA PHE D 941 41.23 -40.40 -19.05
C PHE D 941 42.51 -41.08 -18.58
N LYS D 942 43.08 -42.00 -19.36
CA LYS D 942 44.37 -42.57 -19.01
C LYS D 942 45.46 -41.50 -18.93
N PHE D 943 45.36 -40.45 -19.74
CA PHE D 943 46.33 -39.37 -19.71
C PHE D 943 46.34 -38.68 -18.36
N VAL D 944 45.17 -38.21 -17.93
CA VAL D 944 45.02 -37.54 -16.65
C VAL D 944 45.37 -38.48 -15.50
N TRP D 945 45.05 -39.77 -15.66
CA TRP D 945 45.43 -40.74 -14.65
C TRP D 945 46.95 -40.84 -14.51
N ALA D 946 47.67 -40.84 -15.63
CA ALA D 946 49.12 -40.87 -15.56
C ALA D 946 49.68 -39.59 -14.97
N CYS D 947 49.04 -38.46 -15.27
CA CYS D 947 49.44 -37.18 -14.68
C CYS D 947 49.35 -37.23 -13.16
N PHE D 948 48.20 -37.65 -12.65
CA PHE D 948 48.04 -37.78 -11.20
C PHE D 948 48.98 -38.83 -10.62
N ASN D 949 49.25 -39.91 -11.37
CA ASN D 949 50.24 -40.88 -10.95
C ASN D 949 51.58 -40.22 -10.70
N ARG D 950 52.06 -39.42 -11.66
CA ARG D 950 53.34 -38.74 -11.51
C ARG D 950 53.35 -37.83 -10.30
N TYR D 951 52.30 -37.01 -10.14
CA TYR D 951 52.26 -36.06 -9.03
C TYR D 951 52.21 -36.77 -7.68
N TYR D 952 51.32 -37.75 -7.56
CA TYR D 952 51.17 -38.55 -6.35
C TYR D 952 52.49 -39.22 -5.99
N GLY D 953 53.13 -39.86 -6.97
CA GLY D 953 54.39 -40.52 -6.72
C GLY D 953 55.46 -39.58 -6.24
N ALA D 954 55.58 -38.41 -6.89
CA ALA D 954 56.57 -37.42 -6.48
C ALA D 954 56.36 -36.97 -5.05
N ILE D 955 55.13 -36.57 -4.72
CA ILE D 955 54.89 -36.03 -3.38
C ILE D 955 55.03 -37.13 -2.34
N SER D 956 54.69 -38.38 -2.68
CA SER D 956 54.84 -39.48 -1.74
C SER D 956 56.30 -39.79 -1.48
N LYS D 957 57.14 -39.73 -2.53
CA LYS D 957 58.57 -39.92 -2.34
C LYS D 957 59.16 -38.84 -1.47
N LEU D 958 58.70 -37.59 -1.66
CA LEU D 958 59.09 -36.50 -0.77
C LEU D 958 58.71 -36.79 0.68
N LYS D 959 57.48 -37.26 0.88
CA LYS D 959 57.01 -37.60 2.24
C LYS D 959 57.88 -38.66 2.88
N SER D 960 58.10 -39.77 2.16
CA SER D 960 58.92 -40.87 2.68
C SER D 960 60.33 -40.39 3.02
N GLN D 961 60.96 -39.64 2.11
CA GLN D 961 62.30 -39.11 2.39
C GLN D 961 62.30 -38.16 3.57
N HIS D 962 61.21 -37.45 3.82
CA HIS D 962 61.17 -36.53 4.94
C HIS D 962 60.89 -37.23 6.26
N GLN D 963 60.25 -38.41 6.24
CA GLN D 963 59.76 -39.04 7.46
C GLN D 963 60.87 -39.36 8.46
N GLU D 964 62.06 -39.71 7.97
CA GLU D 964 63.17 -40.02 8.86
C GLU D 964 64.32 -39.02 8.75
N ASP D 965 64.20 -38.02 7.88
CA ASP D 965 65.22 -36.99 7.72
C ASP D 965 64.58 -35.60 7.81
N PRO D 966 64.17 -35.18 9.00
CA PRO D 966 63.57 -33.86 9.15
C PRO D 966 64.55 -32.70 9.09
N ASN D 967 65.81 -32.95 8.76
CA ASN D 967 66.84 -31.92 8.73
C ASN D 967 67.64 -31.95 7.44
N ASN D 968 67.23 -32.73 6.45
CA ASN D 968 67.94 -32.80 5.18
C ASN D 968 67.75 -31.50 4.40
N THR D 969 68.54 -31.35 3.32
CA THR D 969 68.60 -30.11 2.59
C THR D 969 68.08 -30.19 1.17
N SER D 970 67.87 -31.39 0.63
CA SER D 970 67.35 -31.52 -0.73
C SER D 970 65.94 -30.95 -0.85
N LEU D 971 65.17 -30.98 0.23
CA LEU D 971 63.82 -30.41 0.21
C LEU D 971 63.87 -28.90 0.05
N LEU D 972 64.78 -28.23 0.76
CA LEU D 972 65.01 -26.80 0.59
C LEU D 972 65.53 -26.44 -0.80
N THR D 973 65.85 -27.43 -1.64
CA THR D 973 66.23 -27.20 -3.03
C THR D 973 65.09 -27.47 -4.00
N ASN D 974 64.34 -28.56 -3.82
CA ASN D 974 63.28 -28.91 -4.76
C ASN D 974 61.90 -28.48 -4.29
N LYS D 975 61.82 -27.60 -3.29
CA LYS D 975 60.57 -26.99 -2.82
C LYS D 975 59.55 -26.61 -3.91
N PRO D 976 59.92 -25.92 -5.02
CA PRO D 976 58.88 -25.58 -6.01
C PRO D 976 58.12 -26.76 -6.59
N ALA D 977 58.82 -27.86 -6.87
CA ALA D 977 58.15 -29.06 -7.38
C ALA D 977 57.12 -29.57 -6.39
N LEU D 978 57.47 -29.59 -5.10
CA LEU D 978 56.54 -30.03 -4.07
C LEU D 978 55.32 -29.13 -3.98
N LEU D 979 55.54 -27.81 -4.01
CA LEU D 979 54.42 -26.87 -3.92
C LEU D 979 53.46 -27.03 -5.09
N ARG D 980 54.00 -27.02 -6.31
CA ARG D 980 53.17 -27.21 -7.49
C ARG D 980 52.45 -28.54 -7.45
N SER D 981 53.11 -29.59 -6.92
CA SER D 981 52.47 -30.89 -6.84
C SER D 981 51.29 -30.89 -5.88
N LEU D 982 51.44 -30.25 -4.72
CA LEU D 982 50.33 -30.16 -3.77
C LEU D 982 49.13 -29.44 -4.38
N PHE D 983 49.37 -28.26 -4.97
CA PHE D 983 48.26 -27.51 -5.56
C PHE D 983 47.60 -28.30 -6.69
N THR D 984 48.41 -28.99 -7.50
CA THR D 984 47.87 -29.70 -8.64
C THR D 984 47.03 -30.91 -8.21
N VAL D 985 47.51 -31.68 -7.22
CA VAL D 985 46.73 -32.84 -6.78
C VAL D 985 45.45 -32.38 -6.12
N GLY D 986 45.48 -31.25 -5.40
CA GLY D 986 44.25 -30.67 -4.88
C GLY D 986 43.24 -30.35 -5.97
N ALA D 987 43.66 -29.58 -6.97
CA ALA D 987 42.76 -29.18 -8.05
C ALA D 987 42.22 -30.39 -8.81
N LEU D 988 43.09 -31.38 -9.07
CA LEU D 988 42.65 -32.59 -9.75
C LEU D 988 41.58 -33.32 -8.95
N CYS D 989 41.82 -33.53 -7.66
CA CYS D 989 40.83 -34.20 -6.84
C CYS D 989 39.52 -33.43 -6.78
N ARG D 990 39.57 -32.10 -6.84
CA ARG D 990 38.34 -31.33 -6.81
C ARG D 990 37.55 -31.52 -8.10
N HIS D 991 38.15 -31.14 -9.23
CA HIS D 991 37.33 -30.90 -10.39
C HIS D 991 36.96 -32.16 -11.13
N PHE D 992 37.68 -33.26 -10.89
CA PHE D 992 37.66 -34.38 -11.81
C PHE D 992 37.98 -35.65 -11.01
N ASP D 993 36.93 -36.31 -10.55
CA ASP D 993 37.06 -37.35 -9.53
C ASP D 993 37.54 -38.63 -10.19
N PHE D 994 38.75 -39.07 -9.85
CA PHE D 994 39.28 -40.32 -10.37
C PHE D 994 39.26 -41.45 -9.34
N ASP D 995 38.35 -41.39 -8.38
CA ASP D 995 38.09 -42.53 -7.50
C ASP D 995 36.83 -43.25 -7.99
N LEU D 996 36.98 -43.95 -9.10
CA LEU D 996 35.85 -44.59 -9.75
C LEU D 996 36.31 -45.87 -10.42
N GLU D 997 35.48 -46.40 -11.33
CA GLU D 997 35.65 -47.76 -11.84
C GLU D 997 36.80 -47.88 -12.83
N ASP D 998 37.00 -46.87 -13.68
CA ASP D 998 37.86 -46.98 -14.84
C ASP D 998 39.18 -46.26 -14.71
N PHE D 999 39.22 -45.20 -13.89
CA PHE D 999 40.46 -44.46 -13.67
C PHE D 999 41.55 -45.35 -13.11
N LYS D 1000 41.26 -46.06 -12.02
CA LYS D 1000 42.22 -47.00 -11.46
C LYS D 1000 42.45 -48.19 -12.40
N GLY D 1001 41.38 -48.74 -12.97
CA GLY D 1001 41.51 -49.91 -13.83
C GLY D 1001 41.74 -51.21 -13.10
N ASN D 1002 41.55 -51.23 -11.78
CA ASN D 1002 41.75 -52.39 -10.93
C ASN D 1002 41.02 -52.13 -9.62
N SER D 1003 41.24 -52.99 -8.63
CA SER D 1003 40.61 -52.83 -7.33
C SER D 1003 41.02 -51.50 -6.68
N LYS D 1004 40.02 -50.80 -6.13
CA LYS D 1004 40.23 -49.50 -5.52
C LYS D 1004 41.13 -49.59 -4.29
N VAL D 1005 42.03 -48.62 -4.15
CA VAL D 1005 42.95 -48.58 -3.02
C VAL D 1005 42.57 -47.38 -2.12
N ASN D 1006 41.35 -46.87 -2.26
CA ASN D 1006 40.81 -45.74 -1.48
C ASN D 1006 41.71 -44.50 -1.56
N ILE D 1007 41.96 -44.07 -2.80
CA ILE D 1007 42.89 -42.98 -3.09
C ILE D 1007 42.49 -41.69 -2.38
N LYS D 1008 41.19 -41.41 -2.26
CA LYS D 1008 40.75 -40.20 -1.57
C LYS D 1008 41.26 -40.19 -0.14
N ASP D 1009 41.19 -41.33 0.55
CA ASP D 1009 41.69 -41.44 1.90
C ASP D 1009 43.21 -41.24 1.91
N LYS D 1010 43.88 -41.79 0.90
CA LYS D 1010 45.33 -41.63 0.75
C LYS D 1010 45.72 -40.17 0.71
N VAL D 1011 45.23 -39.44 -0.31
CA VAL D 1011 45.51 -38.01 -0.44
C VAL D 1011 45.13 -37.24 0.82
N LEU D 1012 44.02 -37.61 1.48
CA LEU D 1012 43.65 -36.97 2.74
C LEU D 1012 44.75 -37.12 3.78
N GLU D 1013 45.23 -38.34 3.97
CA GLU D 1013 46.23 -38.58 5.00
C GLU D 1013 47.54 -37.89 4.64
N LEU D 1014 47.89 -37.90 3.36
CA LEU D 1014 49.17 -37.34 2.93
C LEU D 1014 49.21 -35.83 3.10
N LEU D 1015 48.18 -35.14 2.61
CA LEU D 1015 48.07 -33.70 2.80
C LEU D 1015 48.02 -33.35 4.29
N MET D 1016 47.17 -34.06 5.04
CA MET D 1016 47.08 -33.85 6.49
C MET D 1016 48.43 -34.03 7.17
N TYR D 1017 49.25 -34.95 6.67
CA TYR D 1017 50.63 -35.06 7.16
C TYR D 1017 51.39 -33.78 6.90
N PHE D 1018 51.46 -33.37 5.63
CA PHE D 1018 52.19 -32.14 5.29
C PHE D 1018 51.63 -30.87 5.92
N THR D 1019 50.47 -30.92 6.59
CA THR D 1019 50.00 -29.75 7.31
C THR D 1019 50.94 -29.39 8.45
N LYS D 1020 51.42 -30.38 9.19
CA LYS D 1020 52.34 -30.13 10.30
C LYS D 1020 53.76 -30.05 9.75
N HIS D 1021 54.32 -28.84 9.74
CA HIS D 1021 55.62 -28.61 9.12
C HIS D 1021 56.20 -27.33 9.72
N SER D 1022 57.36 -26.92 9.21
CA SER D 1022 58.13 -25.84 9.84
C SER D 1022 58.14 -24.54 9.07
N ASP D 1023 57.98 -24.56 7.76
CA ASP D 1023 57.93 -23.34 6.96
C ASP D 1023 56.49 -22.81 6.98
N GLU D 1024 56.17 -21.88 6.08
CA GLU D 1024 54.81 -21.37 5.97
C GLU D 1024 54.17 -21.65 4.62
N GLU D 1025 54.91 -21.46 3.53
CA GLU D 1025 54.35 -21.63 2.19
C GLU D 1025 53.85 -23.05 1.99
N VAL D 1026 54.58 -24.03 2.52
CA VAL D 1026 54.14 -25.43 2.47
C VAL D 1026 52.79 -25.60 3.14
N GLN D 1027 52.60 -24.99 4.31
CA GLN D 1027 51.33 -25.11 5.03
C GLN D 1027 50.20 -24.47 4.25
N THR D 1028 50.42 -23.27 3.71
CA THR D 1028 49.39 -22.60 2.95
C THR D 1028 48.96 -23.42 1.74
N LYS D 1029 49.94 -23.94 0.99
CA LYS D 1029 49.61 -24.76 -0.17
C LYS D 1029 48.90 -26.04 0.23
N ALA D 1030 49.27 -26.62 1.39
CA ALA D 1030 48.60 -27.84 1.83
C ALA D 1030 47.15 -27.57 2.20
N ILE D 1031 46.89 -26.44 2.85
CA ILE D 1031 45.51 -26.09 3.19
C ILE D 1031 44.69 -25.85 1.94
N ILE D 1032 45.29 -25.20 0.93
CA ILE D 1032 44.62 -25.03 -0.35
C ILE D 1032 44.26 -26.38 -0.98
N GLY D 1033 45.20 -27.32 -0.93
CA GLY D 1033 44.93 -28.65 -1.42
C GLY D 1033 43.77 -29.32 -0.70
N LEU D 1034 43.75 -29.21 0.63
CA LEU D 1034 42.65 -29.79 1.41
C LEU D 1034 41.33 -29.16 1.06
N GLY D 1035 41.31 -27.85 0.84
CA GLY D 1035 40.07 -27.19 0.48
C GLY D 1035 39.52 -27.67 -0.84
N PHE D 1036 40.39 -27.79 -1.84
CA PHE D 1036 39.94 -28.30 -3.13
C PHE D 1036 39.47 -29.74 -3.01
N ALA D 1037 40.17 -30.56 -2.22
CA ALA D 1037 39.72 -31.92 -1.99
C ALA D 1037 38.35 -31.94 -1.32
N PHE D 1038 38.10 -30.98 -0.43
CA PHE D 1038 36.85 -30.95 0.33
C PHE D 1038 35.66 -30.66 -0.56
N ILE D 1039 35.79 -29.69 -1.47
CA ILE D 1039 34.66 -29.32 -2.34
C ILE D 1039 34.16 -30.49 -3.20
N GLN D 1040 34.93 -31.56 -3.33
CA GLN D 1040 34.46 -32.75 -4.03
C GLN D 1040 33.89 -33.79 -3.10
N HIS D 1041 34.49 -34.02 -1.93
CA HIS D 1041 33.96 -34.93 -0.92
C HIS D 1041 33.65 -34.13 0.32
N PRO D 1042 32.41 -33.65 0.47
CA PRO D 1042 32.07 -32.86 1.66
C PRO D 1042 32.15 -33.63 2.96
N SER D 1043 31.84 -34.93 2.95
CA SER D 1043 31.78 -35.73 4.17
C SER D 1043 33.09 -35.70 4.95
N LEU D 1044 34.21 -35.49 4.25
CA LEU D 1044 35.53 -35.43 4.88
C LEU D 1044 35.60 -34.37 5.97
N MET D 1045 34.80 -33.30 5.88
CA MET D 1045 34.78 -32.30 6.92
C MET D 1045 34.44 -32.89 8.28
N PHE D 1046 33.63 -33.96 8.31
CA PHE D 1046 33.23 -34.59 9.55
C PHE D 1046 34.38 -35.25 10.31
N GLU D 1047 35.47 -35.62 9.62
CA GLU D 1047 36.59 -36.32 10.24
C GLU D 1047 37.20 -35.52 11.38
N GLN D 1048 37.63 -36.22 12.43
CA GLN D 1048 38.11 -35.56 13.65
C GLN D 1048 39.36 -34.72 13.43
N GLU D 1049 40.31 -35.20 12.62
CA GLU D 1049 41.54 -34.45 12.40
C GLU D 1049 41.28 -33.12 11.71
N VAL D 1050 40.40 -33.12 10.69
CA VAL D 1050 40.05 -31.88 10.00
C VAL D 1050 39.38 -30.91 10.94
N LYS D 1051 38.49 -31.44 11.80
CA LYS D 1051 37.81 -30.64 12.80
C LYS D 1051 38.81 -29.93 13.69
N ASN D 1052 39.63 -30.71 14.42
CA ASN D 1052 40.61 -30.13 15.33
C ASN D 1052 41.57 -29.20 14.61
N LEU D 1053 41.89 -29.49 13.34
CA LEU D 1053 42.78 -28.62 12.57
C LEU D 1053 42.17 -27.24 12.39
N TYR D 1054 40.94 -27.17 11.89
CA TYR D 1054 40.30 -25.87 11.68
C TYR D 1054 40.05 -25.16 13.01
N ASN D 1055 39.51 -25.88 13.99
CA ASN D 1055 39.22 -25.29 15.29
C ASN D 1055 40.47 -24.92 16.08
N ASN D 1056 41.65 -25.32 15.63
CA ASN D 1056 42.87 -24.79 16.21
C ASN D 1056 43.40 -23.60 15.42
N ILE D 1057 43.35 -23.66 14.09
CA ILE D 1057 43.87 -22.56 13.29
C ILE D 1057 43.04 -21.29 13.51
N LEU D 1058 41.72 -21.42 13.55
CA LEU D 1058 40.88 -20.23 13.62
C LEU D 1058 40.94 -19.58 15.00
N SER D 1059 41.23 -20.36 16.03
CA SER D 1059 41.43 -19.86 17.38
C SER D 1059 42.92 -19.87 17.72
N ASP D 1060 43.21 -19.70 19.00
CA ASP D 1060 44.49 -19.99 19.69
C ASP D 1060 45.53 -18.89 19.50
N LYS D 1061 45.15 -17.73 18.94
CA LYS D 1061 46.01 -16.57 18.77
C LYS D 1061 47.28 -16.97 17.99
N ASN D 1062 47.04 -17.31 16.73
CA ASN D 1062 48.12 -17.78 15.88
C ASN D 1062 48.92 -16.61 15.33
N SER D 1063 50.23 -16.82 15.18
CA SER D 1063 51.08 -15.80 14.58
C SER D 1063 50.73 -15.56 13.12
N SER D 1064 50.52 -16.64 12.37
CA SER D 1064 50.21 -16.53 10.95
C SER D 1064 48.88 -15.82 10.72
N VAL D 1065 48.82 -15.05 9.65
CA VAL D 1065 47.58 -14.42 9.20
C VAL D 1065 47.23 -14.87 7.79
N ASN D 1066 48.07 -15.69 7.16
CA ASN D 1066 47.70 -16.28 5.89
C ASN D 1066 46.97 -17.61 6.03
N LEU D 1067 47.22 -18.35 7.12
CA LEU D 1067 46.45 -19.55 7.38
C LEU D 1067 44.98 -19.24 7.64
N LYS D 1068 44.71 -18.22 8.47
CA LYS D 1068 43.34 -17.87 8.80
C LYS D 1068 42.58 -17.42 7.56
N ILE D 1069 43.21 -16.55 6.78
CA ILE D 1069 42.64 -16.11 5.51
C ILE D 1069 42.36 -17.31 4.61
N GLN D 1070 43.29 -18.26 4.57
CA GLN D 1070 43.10 -19.43 3.72
C GLN D 1070 41.92 -20.28 4.18
N VAL D 1071 41.79 -20.49 5.49
CA VAL D 1071 40.67 -21.25 6.04
C VAL D 1071 39.34 -20.62 5.66
N LEU D 1072 39.22 -19.32 5.94
CA LEU D 1072 37.97 -18.62 5.63
C LEU D 1072 37.69 -18.65 4.13
N LYS D 1073 38.73 -18.59 3.30
CA LYS D 1073 38.51 -18.67 1.87
C LYS D 1073 38.04 -20.06 1.47
N ASN D 1074 38.53 -21.11 2.15
CA ASN D 1074 38.04 -22.46 1.90
C ASN D 1074 36.55 -22.57 2.17
N LEU D 1075 36.11 -22.08 3.32
CA LEU D 1075 34.69 -22.13 3.65
C LEU D 1075 33.86 -21.35 2.64
N GLN D 1076 34.33 -20.15 2.28
CA GLN D 1076 33.61 -19.30 1.35
C GLN D 1076 33.42 -19.97 -0.01
N THR D 1077 34.51 -20.53 -0.56
CA THR D 1077 34.37 -21.16 -1.87
C THR D 1077 33.52 -22.41 -1.81
N TYR D 1078 33.56 -23.15 -0.68
CA TYR D 1078 32.67 -24.30 -0.54
C TYR D 1078 31.21 -23.88 -0.62
N LEU D 1079 30.83 -22.85 0.15
CA LEU D 1079 29.43 -22.41 0.19
C LEU D 1079 28.96 -21.96 -1.19
N GLN D 1080 29.75 -21.09 -1.84
CA GLN D 1080 29.35 -20.59 -3.16
C GLN D 1080 29.20 -21.73 -4.17
N GLU D 1081 30.19 -22.62 -4.22
CA GLU D 1081 30.17 -23.69 -5.21
C GLU D 1081 29.00 -24.64 -4.97
N GLU D 1082 28.72 -24.94 -3.70
CA GLU D 1082 27.61 -25.83 -3.39
C GLU D 1082 26.28 -25.22 -3.79
N ASP D 1083 26.09 -23.93 -3.50
CA ASP D 1083 24.88 -23.22 -3.93
C ASP D 1083 24.69 -23.29 -5.43
N THR D 1084 25.73 -22.93 -6.19
CA THR D 1084 25.64 -22.92 -7.65
C THR D 1084 25.34 -24.31 -8.19
N ARG D 1085 25.99 -25.34 -7.64
CA ARG D 1085 25.74 -26.70 -8.08
C ARG D 1085 24.30 -27.12 -7.82
N MET D 1086 23.78 -26.81 -6.63
CA MET D 1086 22.41 -27.16 -6.29
C MET D 1086 21.42 -26.51 -7.25
N GLN D 1087 21.57 -25.21 -7.49
CA GLN D 1087 20.65 -24.50 -8.38
C GLN D 1087 20.70 -25.06 -9.80
N GLN D 1088 21.89 -25.08 -10.41
CA GLN D 1088 22.00 -25.53 -11.79
C GLN D 1088 21.76 -27.02 -11.96
N ALA D 1089 21.78 -27.80 -10.89
CA ALA D 1089 21.39 -29.19 -10.98
C ALA D 1089 19.90 -29.37 -10.80
N ASP D 1090 19.26 -28.46 -10.10
CA ASP D 1090 17.80 -28.50 -10.00
C ASP D 1090 17.15 -28.09 -11.31
N ARG D 1091 17.74 -27.13 -12.03
CA ARG D 1091 17.11 -26.54 -13.21
C ARG D 1091 16.72 -27.59 -14.26
N ASP D 1092 17.53 -28.63 -14.44
CA ASP D 1092 17.24 -29.67 -15.42
C ASP D 1092 16.68 -30.92 -14.73
N TRP D 1093 15.46 -30.77 -14.21
CA TRP D 1093 14.84 -31.84 -13.45
C TRP D 1093 14.40 -32.99 -14.35
N LYS D 1094 13.65 -32.67 -15.42
CA LYS D 1094 12.87 -33.63 -16.21
C LYS D 1094 13.71 -34.78 -16.77
N LYS D 1095 15.03 -34.65 -16.84
CA LYS D 1095 15.86 -35.70 -17.39
C LYS D 1095 16.09 -36.85 -16.41
N VAL D 1096 15.77 -36.66 -15.13
CA VAL D 1096 16.12 -37.63 -14.11
C VAL D 1096 14.91 -37.90 -13.22
N ALA D 1097 13.83 -37.13 -13.45
CA ALA D 1097 12.65 -37.18 -12.59
C ALA D 1097 12.06 -38.59 -12.50
N LYS D 1098 11.80 -39.21 -13.65
CA LYS D 1098 11.22 -40.55 -13.71
C LYS D 1098 12.05 -41.63 -13.03
N GLN D 1099 13.30 -41.35 -12.67
CA GLN D 1099 14.17 -42.32 -12.04
C GLN D 1099 14.61 -41.87 -10.66
N GLU D 1100 13.68 -41.32 -9.88
CA GLU D 1100 13.93 -41.02 -8.49
C GLU D 1100 12.68 -41.34 -7.68
N ASP D 1101 12.90 -41.81 -6.45
CA ASP D 1101 11.85 -42.41 -5.64
C ASP D 1101 10.81 -41.37 -5.23
N LEU D 1102 9.70 -41.87 -4.69
CA LEU D 1102 8.67 -41.05 -4.07
C LEU D 1102 8.65 -41.18 -2.57
N LYS D 1103 9.17 -42.28 -2.02
CA LYS D 1103 9.08 -42.54 -0.60
C LYS D 1103 10.34 -42.17 0.17
N GLU D 1104 11.35 -41.60 -0.50
CA GLU D 1104 12.63 -41.40 0.15
C GLU D 1104 12.77 -40.01 0.76
N MET D 1105 12.69 -38.96 -0.06
CA MET D 1105 12.83 -37.58 0.36
C MET D 1105 14.16 -37.37 1.10
N GLY D 1106 15.24 -37.49 0.31
CA GLY D 1106 16.58 -37.50 0.90
C GLY D 1106 16.89 -36.24 1.68
N ASP D 1107 17.78 -36.40 2.66
CA ASP D 1107 18.22 -35.29 3.49
C ASP D 1107 19.74 -35.19 3.57
N VAL D 1108 20.44 -36.34 3.58
CA VAL D 1108 21.88 -36.36 3.73
C VAL D 1108 22.59 -35.65 2.59
N SER D 1109 21.95 -35.54 1.43
CA SER D 1109 22.44 -34.72 0.34
C SER D 1109 21.98 -33.27 0.46
N SER D 1110 21.01 -32.98 1.32
CA SER D 1110 20.50 -31.63 1.51
C SER D 1110 20.89 -31.04 2.86
N GLY D 1111 20.63 -31.75 3.94
CA GLY D 1111 20.94 -31.23 5.27
C GLY D 1111 22.42 -31.05 5.54
N MET D 1112 23.28 -31.76 4.79
CA MET D 1112 24.72 -31.76 5.01
C MET D 1112 25.29 -30.35 5.06
N SER D 1113 24.96 -29.53 4.06
CA SER D 1113 25.48 -28.17 3.97
C SER D 1113 25.16 -27.35 5.20
N SER D 1114 24.08 -27.67 5.91
CA SER D 1114 23.81 -26.99 7.17
C SER D 1114 24.73 -27.49 8.26
N SER D 1115 24.78 -28.82 8.43
CA SER D 1115 25.48 -29.47 9.54
C SER D 1115 26.91 -28.99 9.67
N ILE D 1116 27.61 -28.85 8.54
CA ILE D 1116 29.00 -28.41 8.51
C ILE D 1116 29.19 -27.15 9.31
N MET D 1117 28.34 -26.14 9.06
CA MET D 1117 28.50 -24.85 9.71
C MET D 1117 28.43 -24.96 11.22
N GLN D 1118 27.57 -25.84 11.73
CA GLN D 1118 27.40 -25.95 13.17
C GLN D 1118 28.65 -26.42 13.88
N LEU D 1119 29.62 -26.98 13.15
CA LEU D 1119 30.86 -27.39 13.78
C LEU D 1119 31.89 -26.27 13.82
N TYR D 1120 31.82 -25.29 12.93
CA TYR D 1120 32.83 -24.25 12.87
C TYR D 1120 32.32 -22.86 13.23
N LEU D 1121 31.02 -22.60 13.04
CA LEU D 1121 30.42 -21.27 13.07
C LEU D 1121 30.92 -20.38 14.18
N LYS D 1122 30.81 -20.88 15.42
CA LYS D 1122 31.19 -20.12 16.61
C LYS D 1122 32.56 -19.49 16.46
N GLN D 1123 33.55 -20.31 16.09
CA GLN D 1123 34.92 -19.82 15.93
C GLN D 1123 35.00 -18.69 14.92
N VAL D 1124 34.35 -18.87 13.76
CA VAL D 1124 34.33 -17.85 12.71
C VAL D 1124 33.82 -16.52 13.26
N LEU D 1125 32.79 -16.58 14.10
CA LEU D 1125 32.23 -15.35 14.67
C LEU D 1125 33.27 -14.64 15.52
N GLU D 1126 33.99 -15.40 16.36
CA GLU D 1126 35.06 -14.85 17.18
C GLU D 1126 36.09 -14.12 16.32
N ALA D 1127 36.32 -14.59 15.08
CA ALA D 1127 37.31 -13.96 14.22
C ALA D 1127 36.94 -12.55 13.80
N PHE D 1128 35.78 -12.02 14.20
CA PHE D 1128 35.48 -10.63 13.94
C PHE D 1128 36.43 -9.71 14.71
N PHE D 1129 36.96 -10.16 15.83
CA PHE D 1129 37.73 -9.28 16.72
C PHE D 1129 39.22 -9.36 16.42
N HIS D 1130 39.59 -9.25 15.16
CA HIS D 1130 40.99 -9.33 14.76
C HIS D 1130 41.48 -7.98 14.28
N THR D 1131 42.75 -7.70 14.56
CA THR D 1131 43.30 -6.37 14.30
C THR D 1131 43.50 -6.14 12.82
N GLN D 1132 43.87 -7.18 12.07
CA GLN D 1132 43.97 -7.07 10.61
C GLN D 1132 42.60 -6.77 10.01
N SER D 1133 42.61 -6.30 8.77
CA SER D 1133 41.36 -6.01 8.06
C SER D 1133 40.90 -7.14 7.15
N SER D 1134 41.83 -7.84 6.51
CA SER D 1134 41.45 -8.90 5.57
C SER D 1134 40.71 -10.02 6.28
N VAL D 1135 41.14 -10.34 7.51
CA VAL D 1135 40.48 -11.39 8.28
C VAL D 1135 39.03 -11.02 8.55
N ARG D 1136 38.80 -9.77 8.98
CA ARG D 1136 37.45 -9.29 9.22
C ARG D 1136 36.61 -9.35 7.96
N HIS D 1137 37.18 -8.90 6.83
CA HIS D 1137 36.45 -8.91 5.57
C HIS D 1137 36.03 -10.31 5.18
N PHE D 1138 36.92 -11.29 5.36
CA PHE D 1138 36.60 -12.64 4.95
C PHE D 1138 35.59 -13.28 5.89
N ALA D 1139 35.71 -13.01 7.19
CA ALA D 1139 34.71 -13.49 8.14
C ALA D 1139 33.32 -12.96 7.81
N LEU D 1140 33.22 -11.68 7.47
CA LEU D 1140 31.92 -11.13 7.11
C LEU D 1140 31.40 -11.73 5.82
N ASN D 1141 32.29 -12.04 4.86
CA ASN D 1141 31.84 -12.73 3.66
C ASN D 1141 31.26 -14.10 3.98
N VAL D 1142 31.91 -14.85 4.88
CA VAL D 1142 31.41 -16.18 5.22
C VAL D 1142 30.04 -16.10 5.87
N ILE D 1143 29.87 -15.17 6.82
CA ILE D 1143 28.58 -15.06 7.51
C ILE D 1143 27.48 -14.57 6.57
N ALA D 1144 27.81 -13.65 5.66
CA ALA D 1144 26.80 -13.16 4.75
C ALA D 1144 26.49 -14.15 3.64
N LEU D 1145 27.36 -15.13 3.40
CA LEU D 1145 26.94 -16.22 2.52
C LEU D 1145 26.10 -17.24 3.25
N THR D 1146 26.42 -17.52 4.52
CA THR D 1146 25.60 -18.44 5.30
C THR D 1146 24.17 -17.94 5.41
N LEU D 1147 23.97 -16.78 6.04
CA LEU D 1147 22.63 -16.27 6.35
C LEU D 1147 21.75 -16.15 5.12
N ASN D 1148 22.33 -15.78 3.97
CA ASN D 1148 21.54 -15.58 2.76
C ASN D 1148 20.91 -16.86 2.22
N GLN D 1149 21.26 -18.03 2.76
CA GLN D 1149 20.56 -19.26 2.47
C GLN D 1149 19.85 -19.81 3.70
N GLY D 1150 19.85 -19.06 4.79
CA GLY D 1150 19.12 -19.43 5.99
C GLY D 1150 19.64 -20.63 6.75
N LEU D 1151 20.75 -21.23 6.33
CA LEU D 1151 21.37 -22.40 6.93
C LEU D 1151 21.37 -22.43 8.44
N ILE D 1152 21.62 -21.28 9.07
CA ILE D 1152 21.82 -21.22 10.50
C ILE D 1152 20.76 -20.30 11.08
N HIS D 1153 20.55 -20.40 12.37
CA HIS D 1153 19.54 -19.57 13.02
C HIS D 1153 20.02 -18.14 13.08
N PRO D 1154 19.25 -17.17 12.58
CA PRO D 1154 19.74 -15.79 12.51
C PRO D 1154 20.02 -15.16 13.86
N VAL D 1155 19.09 -15.18 14.80
CA VAL D 1155 19.36 -14.39 16.00
C VAL D 1155 20.17 -15.23 16.99
N GLN D 1156 21.43 -15.44 16.62
CA GLN D 1156 22.52 -15.69 17.53
C GLN D 1156 23.77 -14.97 17.05
N CYS D 1157 23.77 -14.50 15.80
CA CYS D 1157 24.83 -13.72 15.21
C CYS D 1157 24.30 -12.36 14.74
N VAL D 1158 23.39 -11.80 15.52
CA VAL D 1158 23.01 -10.39 15.41
C VAL D 1158 24.00 -9.49 16.15
N PRO D 1159 24.41 -9.76 17.42
CA PRO D 1159 25.35 -8.84 18.07
C PRO D 1159 26.66 -8.60 17.32
N TYR D 1160 27.30 -9.66 16.83
CA TYR D 1160 28.53 -9.47 16.06
C TYR D 1160 28.25 -8.70 14.79
N LEU D 1161 27.13 -9.00 14.13
CA LEU D 1161 26.75 -8.30 12.91
C LEU D 1161 26.37 -6.85 13.18
N ILE D 1162 26.18 -6.46 14.44
CA ILE D 1162 25.95 -5.08 14.80
C ILE D 1162 27.25 -4.38 15.11
N ALA D 1163 28.10 -5.02 15.91
CA ALA D 1163 29.43 -4.49 16.20
C ALA D 1163 30.28 -4.33 14.94
N MET D 1164 29.96 -5.06 13.88
CA MET D 1164 30.58 -4.80 12.59
C MET D 1164 30.00 -3.58 11.89
N GLY D 1165 29.12 -2.84 12.54
CA GLY D 1165 28.63 -1.62 11.95
C GLY D 1165 29.47 -0.41 12.23
N THR D 1166 30.65 -0.57 12.84
CA THR D 1166 31.52 0.54 13.18
C THR D 1166 32.95 0.23 12.77
N ASP D 1167 33.14 -0.20 11.55
CA ASP D 1167 34.46 -0.24 10.96
C ASP D 1167 34.72 1.00 10.12
N PRO D 1168 35.98 1.36 9.90
CA PRO D 1168 36.28 2.51 9.03
C PRO D 1168 35.90 2.28 7.58
N GLU D 1169 36.29 1.15 7.01
CA GLU D 1169 36.06 0.87 5.60
C GLU D 1169 34.57 0.90 5.27
N PRO D 1170 34.15 1.63 4.25
CA PRO D 1170 32.72 1.82 4.03
C PRO D 1170 31.99 0.59 3.52
N ALA D 1171 32.61 -0.17 2.61
CA ALA D 1171 31.95 -1.34 2.04
C ALA D 1171 31.59 -2.36 3.12
N MET D 1172 32.45 -2.49 4.13
CA MET D 1172 32.24 -3.37 5.27
C MET D 1172 30.91 -3.08 5.96
N ARG D 1173 30.78 -1.88 6.53
CA ARG D 1173 29.59 -1.60 7.30
C ARG D 1173 28.38 -1.40 6.41
N ASN D 1174 28.57 -1.05 5.14
CA ASN D 1174 27.45 -1.04 4.21
C ASN D 1174 26.84 -2.44 4.07
N LYS D 1175 27.69 -3.44 3.78
CA LYS D 1175 27.22 -4.81 3.68
C LYS D 1175 26.58 -5.28 4.98
N ALA D 1176 27.22 -4.99 6.11
CA ALA D 1176 26.69 -5.37 7.41
C ALA D 1176 25.28 -4.81 7.64
N ASP D 1177 25.14 -3.50 7.55
CA ASP D 1177 23.85 -2.85 7.83
C ASP D 1177 22.77 -3.31 6.86
N GLN D 1178 23.11 -3.55 5.60
CA GLN D 1178 22.12 -4.08 4.67
C GLN D 1178 21.67 -5.47 5.10
N GLN D 1179 22.62 -6.32 5.50
CA GLN D 1179 22.26 -7.63 6.03
C GLN D 1179 21.32 -7.50 7.22
N LEU D 1180 21.56 -6.50 8.06
CA LEU D 1180 20.75 -6.30 9.25
C LEU D 1180 19.33 -5.90 8.90
N VAL D 1181 19.16 -4.99 7.94
CA VAL D 1181 17.80 -4.57 7.59
C VAL D 1181 17.04 -5.73 6.94
N GLU D 1182 17.74 -6.62 6.22
CA GLU D 1182 17.02 -7.79 5.72
C GLU D 1182 16.64 -8.75 6.84
N ILE D 1183 17.52 -8.95 7.84
CA ILE D 1183 17.17 -9.75 9.00
C ILE D 1183 15.94 -9.18 9.70
N ASP D 1184 15.79 -7.86 9.71
CA ASP D 1184 14.67 -7.30 10.45
C ASP D 1184 13.37 -7.37 9.66
N LYS D 1185 13.42 -7.04 8.36
CA LYS D 1185 12.19 -6.86 7.58
C LYS D 1185 11.32 -8.11 7.55
N LYS D 1186 11.91 -9.30 7.72
CA LYS D 1186 11.10 -10.51 7.77
C LYS D 1186 10.58 -10.81 9.16
N TYR D 1187 11.45 -10.77 10.16
CA TYR D 1187 11.17 -11.27 11.49
C TYR D 1187 11.12 -10.06 12.41
N ALA D 1188 9.94 -9.72 12.93
CA ALA D 1188 9.74 -8.43 13.58
C ALA D 1188 10.53 -8.30 14.88
N GLY D 1189 10.51 -9.33 15.72
CA GLY D 1189 11.00 -9.16 17.08
C GLY D 1189 12.49 -9.09 17.25
N PHE D 1190 13.24 -9.75 16.35
CA PHE D 1190 14.59 -10.24 16.65
C PHE D 1190 15.54 -9.19 17.20
N ILE D 1191 15.63 -8.03 16.54
CA ILE D 1191 16.62 -7.04 16.93
C ILE D 1191 16.38 -6.55 18.35
N HIS D 1192 15.11 -6.44 18.76
CA HIS D 1192 14.81 -6.00 20.11
C HIS D 1192 15.32 -6.98 21.17
N MET D 1193 15.61 -8.23 20.78
CA MET D 1193 16.13 -9.20 21.74
C MET D 1193 17.60 -8.94 22.05
N LYS D 1194 18.40 -8.60 21.04
CA LYS D 1194 19.81 -8.36 21.22
C LYS D 1194 20.11 -6.92 20.82
N ALA D 1195 20.01 -6.02 21.78
CA ALA D 1195 20.29 -4.62 21.52
C ALA D 1195 21.40 -4.07 22.41
N VAL D 1196 21.38 -4.39 23.69
CA VAL D 1196 22.43 -3.93 24.60
C VAL D 1196 23.72 -4.73 24.41
N ALA D 1197 23.60 -6.05 24.22
CA ALA D 1197 24.76 -6.88 23.90
C ALA D 1197 25.43 -6.39 22.62
N GLY D 1198 24.65 -5.85 21.69
CA GLY D 1198 25.15 -5.17 20.51
C GLY D 1198 26.17 -4.12 20.86
N MET D 1199 25.76 -3.14 21.67
CA MET D 1199 26.66 -2.07 22.05
C MET D 1199 27.87 -2.56 22.84
N LYS D 1200 27.68 -3.60 23.67
CA LYS D 1200 28.84 -4.16 24.37
C LYS D 1200 29.86 -4.71 23.39
N MET D 1201 29.40 -5.48 22.40
CA MET D 1201 30.30 -6.00 21.37
C MET D 1201 30.93 -4.86 20.58
N SER D 1202 30.17 -3.80 20.31
CA SER D 1202 30.70 -2.65 19.60
C SER D 1202 31.87 -2.03 20.34
N TYR D 1203 31.71 -1.86 21.65
CA TYR D 1203 32.78 -1.26 22.45
C TYR D 1203 34.00 -2.16 22.50
N GLN D 1204 33.79 -3.48 22.59
CA GLN D 1204 34.92 -4.40 22.53
C GLN D 1204 35.65 -4.30 21.20
N VAL D 1205 34.91 -4.16 20.09
CA VAL D 1205 35.51 -4.01 18.77
C VAL D 1205 36.38 -2.76 18.72
N GLN D 1206 35.84 -1.63 19.19
CA GLN D 1206 36.59 -0.38 19.14
C GLN D 1206 37.84 -0.44 20.00
N GLN D 1207 37.76 -1.04 21.19
CA GLN D 1207 38.97 -1.19 21.99
C GLN D 1207 39.90 -2.26 21.45
N ALA D 1208 39.46 -3.08 20.50
CA ALA D 1208 40.38 -3.96 19.81
C ALA D 1208 41.07 -3.27 18.64
N ILE D 1209 40.38 -2.34 17.98
CA ILE D 1209 40.97 -1.67 16.82
C ILE D 1209 41.97 -0.62 17.26
N ASN D 1210 41.65 0.15 18.29
CA ASN D 1210 42.56 1.20 18.77
C ASN D 1210 43.18 0.83 20.12
N SER D 1227 27.95 11.62 13.26
CA SER D 1227 26.83 11.40 14.17
C SER D 1227 27.19 10.40 15.25
N ALA D 1228 26.46 9.30 15.29
CA ALA D 1228 26.64 8.24 16.27
C ALA D 1228 27.12 6.99 15.55
N LEU D 1229 28.10 6.32 16.15
CA LEU D 1229 28.68 5.13 15.54
C LEU D 1229 27.63 4.07 15.31
N CYS D 1230 26.71 3.89 16.26
CA CYS D 1230 25.65 2.90 16.17
C CYS D 1230 24.30 3.54 15.97
N SER D 1231 24.26 4.66 15.24
CA SER D 1231 22.99 5.37 15.02
C SER D 1231 22.00 4.53 14.21
N HIS D 1232 22.50 3.80 13.21
CA HIS D 1232 21.67 2.94 12.37
C HIS D 1232 20.81 2.01 13.21
N LEU D 1233 21.41 1.35 14.22
CA LEU D 1233 20.66 0.51 15.14
C LEU D 1233 19.47 1.24 15.74
N TYR D 1234 19.67 2.50 16.15
CA TYR D 1234 18.58 3.26 16.73
C TYR D 1234 17.53 3.57 15.68
N SER D 1235 17.97 3.85 14.45
CA SER D 1235 17.02 4.09 13.37
C SER D 1235 16.14 2.88 13.14
N MET D 1236 16.71 1.68 13.30
CA MET D 1236 15.91 0.47 13.12
C MET D 1236 14.95 0.23 14.27
N ILE D 1237 15.34 0.57 15.50
CA ILE D 1237 14.52 0.24 16.67
C ILE D 1237 13.59 1.39 17.04
N ARG D 1238 13.61 2.47 16.28
CA ARG D 1238 12.94 3.72 16.65
C ARG D 1238 11.41 3.63 16.72
N GLY D 1239 10.79 2.89 15.80
CA GLY D 1239 9.35 3.03 15.57
C GLY D 1239 8.44 2.75 16.75
N ASN D 1240 8.68 1.65 17.46
CA ASN D 1240 7.76 1.16 18.48
C ASN D 1240 8.05 1.86 19.80
N ARG D 1241 7.01 2.42 20.41
CA ARG D 1241 7.17 3.18 21.66
C ARG D 1241 7.69 2.31 22.80
N GLN D 1242 7.11 1.12 22.97
CA GLN D 1242 7.54 0.21 24.03
C GLN D 1242 9.01 -0.13 23.89
N HIS D 1243 9.38 -0.72 22.73
CA HIS D 1243 10.76 -1.07 22.39
C HIS D 1243 11.74 0.05 22.71
N ARG D 1244 11.59 1.19 22.03
CA ARG D 1244 12.43 2.36 22.21
C ARG D 1244 12.58 2.74 23.68
N ARG D 1245 11.44 2.99 24.35
CA ARG D 1245 11.42 3.38 25.76
C ARG D 1245 12.23 2.40 26.61
N ALA D 1246 11.87 1.12 26.54
CA ALA D 1246 12.56 0.04 27.23
C ALA D 1246 14.07 0.07 26.99
N PHE D 1247 14.49 0.00 25.73
CA PHE D 1247 15.90 0.02 25.34
C PHE D 1247 16.65 1.18 26.00
N LEU D 1248 16.11 2.40 25.89
CA LEU D 1248 16.71 3.57 26.50
C LEU D 1248 16.88 3.37 28.01
N ILE D 1249 15.79 3.01 28.69
CA ILE D 1249 15.82 2.84 30.15
C ILE D 1249 16.85 1.79 30.53
N SER D 1250 16.87 0.68 29.80
CA SER D 1250 17.82 -0.40 30.03
C SER D 1250 19.24 0.09 29.99
N LEU D 1251 19.65 0.66 28.84
CA LEU D 1251 21.01 1.17 28.67
C LEU D 1251 21.39 2.19 29.75
N LEU D 1252 20.51 3.15 30.00
CA LEU D 1252 20.83 4.22 30.95
C LEU D 1252 20.88 3.69 32.40
N ASN D 1253 19.82 3.03 32.84
CA ASN D 1253 19.72 2.55 34.22
C ASN D 1253 20.74 1.46 34.51
N LEU D 1254 21.15 0.70 33.51
CA LEU D 1254 22.06 -0.40 33.75
C LEU D 1254 23.52 -0.03 33.56
N PHE D 1255 23.83 1.16 33.05
CA PHE D 1255 25.23 1.44 32.85
C PHE D 1255 25.79 2.56 33.71
N ASP D 1256 25.01 3.57 34.07
CA ASP D 1256 25.55 4.70 34.80
C ASP D 1256 25.28 4.67 36.31
N ASP D 1257 24.09 4.25 36.74
CA ASP D 1257 23.65 4.50 38.11
C ASP D 1257 24.47 3.79 39.19
N THR D 1258 24.64 2.46 39.09
CA THR D 1258 25.31 1.76 40.19
C THR D 1258 26.15 0.59 39.69
N ALA D 1259 26.53 0.58 38.43
CA ALA D 1259 27.31 -0.50 37.85
C ALA D 1259 28.76 -0.06 37.77
N LYS D 1260 29.68 -0.89 38.26
CA LYS D 1260 31.09 -0.54 38.24
C LYS D 1260 31.66 -0.86 36.86
N THR D 1261 31.14 -0.13 35.88
CA THR D 1261 31.56 -0.23 34.50
C THR D 1261 32.86 0.53 34.29
N ASP D 1262 33.60 0.13 33.26
CA ASP D 1262 34.84 0.82 32.93
C ASP D 1262 34.53 2.26 32.53
N VAL D 1263 35.34 3.19 33.03
CA VAL D 1263 35.18 4.62 32.78
C VAL D 1263 35.24 4.99 31.30
N THR D 1264 35.59 4.05 30.43
CA THR D 1264 35.62 4.31 29.00
C THR D 1264 34.30 3.91 28.35
N MET D 1265 33.73 2.78 28.78
CA MET D 1265 32.43 2.37 28.26
C MET D 1265 31.37 3.41 28.57
N LEU D 1266 31.46 4.02 29.75
CA LEU D 1266 30.57 5.11 30.12
C LEU D 1266 30.70 6.28 29.15
N LEU D 1267 31.94 6.70 28.86
CA LEU D 1267 32.19 7.73 27.86
C LEU D 1267 31.56 7.39 26.52
N TYR D 1268 31.71 6.14 26.09
CA TYR D 1268 31.21 5.74 24.79
C TYR D 1268 29.70 5.77 24.74
N ILE D 1269 29.06 5.22 25.77
CA ILE D 1269 27.60 5.24 25.90
C ILE D 1269 27.08 6.67 25.90
N ALA D 1270 27.78 7.58 26.60
CA ALA D 1270 27.31 8.95 26.69
C ALA D 1270 27.46 9.68 25.36
N ASP D 1271 28.59 9.47 24.68
CA ASP D 1271 28.77 9.99 23.33
C ASP D 1271 27.64 9.54 22.41
N ASN D 1272 27.32 8.24 22.45
CA ASN D 1272 26.27 7.74 21.57
C ASN D 1272 24.89 8.24 21.98
N LEU D 1273 24.67 8.47 23.28
CA LEU D 1273 23.38 8.98 23.73
C LEU D 1273 23.18 10.42 23.34
N ALA D 1274 24.25 11.20 23.24
CA ALA D 1274 24.09 12.56 22.76
C ALA D 1274 24.03 12.65 21.24
N CYS D 1275 24.72 11.77 20.53
CA CYS D 1275 24.78 11.90 19.07
C CYS D 1275 23.49 11.52 18.37
N PHE D 1276 22.75 10.51 18.88
CA PHE D 1276 21.63 9.80 18.24
C PHE D 1276 20.70 10.67 17.42
N PRO D 1277 20.27 10.23 16.23
CA PRO D 1277 19.30 11.01 15.46
C PRO D 1277 17.90 10.87 16.03
N TYR D 1278 17.28 12.02 16.32
CA TYR D 1278 15.93 12.09 16.85
C TYR D 1278 15.03 12.73 15.80
N GLN D 1279 13.77 12.33 15.79
CA GLN D 1279 12.83 12.88 14.82
C GLN D 1279 11.52 13.33 15.46
N THR D 1280 11.45 13.38 16.79
CA THR D 1280 10.29 13.92 17.50
C THR D 1280 10.79 14.73 18.68
N GLN D 1281 9.90 15.00 19.62
CA GLN D 1281 10.22 15.68 20.87
C GLN D 1281 10.09 14.80 22.10
N GLU D 1282 9.43 13.64 21.99
CA GLU D 1282 9.20 12.77 23.14
C GLU D 1282 10.51 12.25 23.73
N GLU D 1283 11.42 11.80 22.85
CA GLU D 1283 12.61 11.09 23.28
C GLU D 1283 13.54 11.90 24.17
N PRO D 1284 14.03 13.10 23.78
CA PRO D 1284 14.95 13.81 24.68
C PRO D 1284 14.32 14.19 25.99
N LEU D 1285 13.00 14.42 25.99
CA LEU D 1285 12.33 14.73 27.24
C LEU D 1285 12.28 13.52 28.15
N PHE D 1286 12.05 12.33 27.59
CA PHE D 1286 12.12 11.09 28.37
C PHE D 1286 13.50 10.91 28.99
N ILE D 1287 14.54 11.02 28.15
CA ILE D 1287 15.91 10.86 28.64
C ILE D 1287 16.19 11.84 29.75
N MET D 1288 15.80 13.11 29.54
CA MET D 1288 16.03 14.16 30.52
C MET D 1288 15.31 13.86 31.82
N HIS D 1289 14.07 13.38 31.73
CA HIS D 1289 13.26 13.10 32.90
C HIS D 1289 13.92 12.06 33.80
N HIS D 1290 14.21 10.88 33.23
CA HIS D 1290 14.88 9.86 34.06
C HIS D 1290 16.24 10.31 34.55
N ILE D 1291 17.02 10.97 33.68
CA ILE D 1291 18.29 11.58 34.09
C ILE D 1291 18.10 12.42 35.34
N ASP D 1292 17.12 13.33 35.32
CA ASP D 1292 16.75 14.14 36.48
C ASP D 1292 16.57 13.30 37.73
N ILE D 1293 15.65 12.32 37.68
CA ILE D 1293 15.36 11.50 38.86
C ILE D 1293 16.62 10.85 39.44
N THR D 1294 17.36 10.12 38.60
CA THR D 1294 18.55 9.43 39.09
C THR D 1294 19.61 10.41 39.61
N LEU D 1295 19.93 11.44 38.80
CA LEU D 1295 20.83 12.51 39.22
C LEU D 1295 20.46 13.05 40.58
N SER D 1296 19.21 13.51 40.73
CA SER D 1296 18.68 14.03 41.99
C SER D 1296 19.04 13.13 43.16
N VAL D 1297 18.53 11.89 43.13
CA VAL D 1297 18.67 11.00 44.29
C VAL D 1297 20.14 10.67 44.55
N SER D 1298 20.80 10.06 43.55
CA SER D 1298 22.20 9.65 43.66
C SER D 1298 23.12 10.81 44.07
N GLY D 1299 23.12 11.89 43.26
CA GLY D 1299 23.93 13.06 43.55
C GLY D 1299 23.70 13.62 44.93
N SER D 1300 22.44 13.80 45.32
CA SER D 1300 22.12 14.31 46.65
C SER D 1300 22.76 13.45 47.73
N ASN D 1301 22.51 12.14 47.67
CA ASN D 1301 23.09 11.20 48.64
C ASN D 1301 24.61 11.34 48.70
N LEU D 1302 25.27 11.26 47.55
CA LEU D 1302 26.73 11.32 47.47
C LEU D 1302 27.26 12.63 48.05
N LEU D 1303 26.73 13.76 47.57
CA LEU D 1303 27.25 15.07 47.97
C LEU D 1303 27.03 15.31 49.46
N GLN D 1304 25.88 14.87 49.99
CA GLN D 1304 25.62 15.08 51.40
C GLN D 1304 26.51 14.19 52.26
N SER D 1305 26.81 12.97 51.79
CA SER D 1305 27.74 12.13 52.53
C SER D 1305 29.15 12.68 52.47
N PHE D 1306 29.50 13.33 51.36
CA PHE D 1306 30.81 13.99 51.27
C PHE D 1306 30.86 15.21 52.20
N LYS D 1307 29.74 15.92 52.35
CA LYS D 1307 29.68 17.03 53.29
C LYS D 1307 29.79 16.53 54.73
N GLU D 1308 29.17 15.39 55.02
CA GLU D 1308 29.29 14.78 56.34
C GLU D 1308 30.73 14.35 56.59
N SER D 1309 31.44 13.95 55.54
CA SER D 1309 32.84 13.54 55.65
C SER D 1309 33.76 14.70 55.30
N LEU D 1371 39.85 8.00 48.84
CA LEU D 1371 38.51 8.33 48.38
C LEU D 1371 38.42 8.23 46.86
N ILE D 1372 39.10 7.21 46.30
CA ILE D 1372 39.04 6.92 44.88
C ILE D 1372 37.62 6.48 44.48
N GLU D 1373 36.89 5.83 45.41
CA GLU D 1373 35.48 5.50 45.15
C GLU D 1373 34.67 6.74 44.81
N PHE D 1374 34.96 7.84 45.51
CA PHE D 1374 34.37 9.13 45.15
C PHE D 1374 34.75 9.54 43.74
N ALA D 1375 36.02 9.35 43.36
CA ALA D 1375 36.47 9.69 42.01
C ALA D 1375 35.63 8.94 40.97
N ASN D 1376 35.46 7.63 41.16
CA ASN D 1376 34.70 6.82 40.22
C ASN D 1376 33.26 7.30 40.10
N VAL D 1377 32.52 7.31 41.23
CA VAL D 1377 31.10 7.62 41.18
C VAL D 1377 30.88 9.07 40.75
N SER D 1378 31.81 9.95 41.09
CA SER D 1378 31.71 11.35 40.71
C SER D 1378 31.86 11.51 39.21
N GLN D 1379 32.83 10.79 38.59
CA GLN D 1379 32.93 10.81 37.14
C GLN D 1379 31.66 10.32 36.49
N GLY D 1380 31.07 9.24 37.02
CA GLY D 1380 29.80 8.75 36.49
C GLY D 1380 28.73 9.83 36.46
N ILE D 1381 28.45 10.40 37.64
CA ILE D 1381 27.39 11.39 37.76
C ILE D 1381 27.71 12.64 36.94
N LEU D 1382 28.98 13.03 36.87
CA LEU D 1382 29.36 14.22 36.12
C LEU D 1382 29.14 14.01 34.62
N LEU D 1383 29.53 12.84 34.10
CA LEU D 1383 29.28 12.53 32.70
C LEU D 1383 27.79 12.59 32.40
N LEU D 1384 26.97 12.08 33.32
CA LEU D 1384 25.53 12.11 33.12
C LEU D 1384 25.01 13.55 33.11
N LEU D 1385 25.49 14.37 34.04
CA LEU D 1385 25.23 15.81 34.06
C LEU D 1385 25.51 16.47 32.71
N MET D 1386 26.73 16.30 32.22
CA MET D 1386 27.13 16.95 30.98
C MET D 1386 26.29 16.46 29.80
N LEU D 1387 25.87 15.20 29.82
CA LEU D 1387 24.93 14.72 28.81
C LEU D 1387 23.62 15.49 28.89
N LYS D 1388 23.08 15.65 30.09
CA LYS D 1388 21.85 16.42 30.28
C LYS D 1388 21.98 17.83 29.74
N GLN D 1389 23.11 18.48 30.06
CA GLN D 1389 23.31 19.87 29.64
C GLN D 1389 23.44 19.98 28.13
N HIS D 1390 24.17 19.06 27.51
CA HIS D 1390 24.30 19.08 26.06
C HIS D 1390 22.96 18.89 25.38
N LEU D 1391 22.14 17.96 25.88
CA LEU D 1391 20.79 17.79 25.37
C LEU D 1391 19.99 19.08 25.48
N LYS D 1392 19.98 19.68 26.68
CA LYS D 1392 19.17 20.87 26.93
C LYS D 1392 19.62 22.04 26.07
N ASN D 1393 20.93 22.15 25.80
CA ASN D 1393 21.43 23.22 24.96
C ASN D 1393 21.15 22.96 23.49
N LEU D 1394 21.22 21.69 23.07
CA LEU D 1394 20.91 21.35 21.69
C LEU D 1394 19.44 21.57 21.37
N CYS D 1395 18.56 21.44 22.35
CA CYS D 1395 17.15 21.71 22.07
C CYS D 1395 16.72 23.12 22.48
N GLY D 1396 17.35 23.67 23.53
CA GLY D 1396 16.95 24.97 24.03
C GLY D 1396 15.55 24.97 24.60
N PHE D 1397 15.20 23.94 25.36
CA PHE D 1397 13.87 23.86 25.94
C PHE D 1397 13.88 24.44 27.35
N SER D 1398 12.78 25.08 27.71
CA SER D 1398 12.66 25.70 29.02
C SER D 1398 12.51 24.64 30.09
N ASP D 1399 13.17 24.86 31.23
CA ASP D 1399 13.11 23.94 32.37
C ASP D 1399 11.68 23.70 32.85
N SER D 1400 10.83 24.72 32.74
CA SER D 1400 9.41 24.56 33.06
C SER D 1400 8.79 23.44 32.24
N LYS D 1401 8.99 23.47 30.92
CA LYS D 1401 8.42 22.45 30.04
C LYS D 1401 8.95 21.07 30.39
N ILE D 1402 10.24 20.97 30.73
CA ILE D 1402 10.84 19.68 31.09
C ILE D 1402 10.16 19.12 32.33
N GLN D 1403 10.17 19.90 33.42
CA GLN D 1403 9.58 19.42 34.67
C GLN D 1403 8.07 19.18 34.55
N LYS D 1404 7.40 19.88 33.64
CA LYS D 1404 5.98 19.64 33.42
C LYS D 1404 5.72 18.27 32.80
N TYR D 1405 6.58 17.83 31.89
CA TYR D 1405 6.36 16.57 31.20
C TYR D 1405 6.51 15.39 32.18
N SER D 1406 5.65 14.40 32.01
CA SER D 1406 5.65 13.17 32.79
C SER D 1406 5.53 11.97 31.85
N PRO D 1407 6.08 10.81 32.24
CA PRO D 1407 6.05 9.65 31.34
C PRO D 1407 4.63 9.19 31.04
N SER D 1408 4.37 8.93 29.76
CA SER D 1408 3.08 8.45 29.26
C SER D 1408 1.94 9.39 29.59
N GLU D 1409 2.20 10.70 29.49
CA GLU D 1409 1.13 11.68 29.69
C GLU D 1409 0.07 11.55 28.61
N SER D 1410 0.49 11.59 27.34
CA SER D 1410 -0.38 11.37 26.19
C SER D 1410 0.51 11.02 25.01
N ALA D 1411 -0.02 10.20 24.11
CA ALA D 1411 0.76 9.77 22.95
C ALA D 1411 1.03 10.88 21.94
N LYS D 1412 0.04 11.74 21.67
CA LYS D 1412 0.14 12.66 20.54
C LYS D 1412 0.50 14.11 20.90
N VAL D 1413 0.62 14.44 22.19
CA VAL D 1413 0.85 15.84 22.57
C VAL D 1413 2.23 16.34 22.12
N TYR D 1414 3.29 15.59 22.39
CA TYR D 1414 4.64 16.00 21.97
C TYR D 1414 5.04 15.34 20.65
N ASP D 1415 4.44 15.82 19.58
CA ASP D 1415 4.71 15.31 18.24
C ASP D 1415 5.50 16.29 17.38
N LYS D 1416 6.02 17.37 17.96
CA LYS D 1416 6.71 18.39 17.18
C LYS D 1416 8.15 18.00 16.90
N ALA D 1417 8.60 18.25 15.67
CA ALA D 1417 9.99 18.04 15.27
C ALA D 1417 10.93 18.98 16.00
N ILE D 1418 11.97 18.40 16.60
CA ILE D 1418 12.94 19.16 17.38
C ILE D 1418 13.82 20.01 16.47
N ASN D 1419 13.78 21.33 16.66
CA ASN D 1419 14.68 22.23 15.96
C ASN D 1419 16.10 22.10 16.53
N ARG D 1420 17.10 22.16 15.66
CA ARG D 1420 18.48 22.02 16.08
C ARG D 1420 19.27 23.29 15.77
N LYS D 1421 19.89 23.87 16.79
CA LYS D 1421 20.79 24.98 16.57
C LYS D 1421 22.08 24.46 15.94
N THR D 1422 22.58 25.19 14.96
CA THR D 1422 23.78 24.78 14.24
C THR D 1422 25.04 24.95 15.09
N GLY D 1423 25.93 23.95 14.99
CA GLY D 1423 27.24 24.00 15.62
C GLY D 1423 27.30 24.18 17.13
N VAL D 1424 26.40 23.53 17.85
CA VAL D 1424 26.40 23.57 19.32
C VAL D 1424 27.02 22.29 19.90
N HIS D 1425 27.63 21.46 19.06
CA HIS D 1425 28.18 20.21 19.57
C HIS D 1425 29.42 20.48 20.39
N PHE D 1426 29.24 20.61 21.70
CA PHE D 1426 30.32 20.83 22.64
C PHE D 1426 30.51 19.62 23.56
N HIS D 1427 29.57 18.68 23.51
CA HIS D 1427 29.66 17.44 24.29
C HIS D 1427 30.99 16.71 24.13
N PRO D 1428 31.49 16.39 22.88
CA PRO D 1428 32.78 15.70 22.77
C PRO D 1428 33.91 16.37 23.54
N LYS D 1429 34.14 17.66 23.24
CA LYS D 1429 35.19 18.42 23.89
C LYS D 1429 35.01 18.45 25.41
N GLN D 1430 33.80 18.80 25.87
CA GLN D 1430 33.55 18.92 27.30
C GLN D 1430 33.76 17.60 28.03
N THR D 1431 33.24 16.51 27.48
CA THR D 1431 33.37 15.23 28.14
C THR D 1431 34.81 14.75 28.15
N LEU D 1432 35.55 14.98 27.06
CA LEU D 1432 36.96 14.64 27.06
C LEU D 1432 37.74 15.48 28.07
N ASP D 1433 37.37 16.76 28.23
CA ASP D 1433 38.00 17.61 29.23
C ASP D 1433 37.76 17.04 30.63
N PHE D 1434 36.52 16.63 30.92
CA PHE D 1434 36.26 16.11 32.26
C PHE D 1434 36.82 14.69 32.45
N LEU D 1435 37.03 13.94 31.37
CA LEU D 1435 37.74 12.67 31.52
C LEU D 1435 39.22 12.92 31.72
N ARG D 1436 39.76 13.97 31.12
CA ARG D 1436 41.16 14.31 31.30
C ARG D 1436 41.39 14.78 32.72
N SER D 1437 40.33 15.30 33.34
CA SER D 1437 40.41 15.69 34.74
C SER D 1437 40.69 14.48 35.63
N ASP D 1438 40.08 13.34 35.31
CA ASP D 1438 40.31 12.14 36.12
C ASP D 1438 41.29 11.21 35.41
N MET D 1439 40.80 10.50 34.38
CA MET D 1439 41.59 9.56 33.57
C MET D 1439 42.27 8.49 34.43
N ALA D 1440 41.53 8.00 35.45
CA ALA D 1440 41.99 6.94 36.36
C ALA D 1440 43.34 7.27 36.99
N ASN D 1441 43.51 8.52 37.42
CA ASN D 1441 44.76 8.99 37.98
C ASN D 1441 44.58 9.29 39.47
N SER D 1442 45.03 8.38 40.32
CA SER D 1442 44.99 8.55 41.76
C SER D 1442 46.43 8.48 42.26
N LYS D 1443 46.85 9.51 42.99
CA LYS D 1443 48.23 9.59 43.46
C LYS D 1443 48.31 10.29 44.81
N ILE D 1444 49.41 10.03 45.51
CA ILE D 1444 49.76 10.60 46.80
C ILE D 1444 50.42 11.97 46.64
N THR D 1445 49.87 12.82 45.77
CA THR D 1445 50.45 14.12 45.44
C THR D 1445 49.42 15.24 45.62
N GLU D 1446 49.92 16.43 45.93
CA GLU D 1446 49.06 17.58 46.20
C GLU D 1446 48.18 17.98 45.01
N GLU D 1447 48.71 17.86 43.79
CA GLU D 1447 47.97 18.32 42.60
C GLU D 1447 46.63 17.60 42.41
N VAL D 1448 46.59 16.28 42.61
CA VAL D 1448 45.34 15.56 42.47
C VAL D 1448 44.34 16.01 43.54
N LYS D 1449 44.81 16.25 44.77
CA LYS D 1449 43.93 16.72 45.83
C LYS D 1449 43.30 18.07 45.46
N ARG D 1450 44.09 18.93 44.81
CA ARG D 1450 43.59 20.22 44.36
C ARG D 1450 42.52 20.01 43.29
N SER D 1451 42.84 19.20 42.28
CA SER D 1451 41.87 18.86 41.25
C SER D 1451 40.57 18.31 41.83
N ILE D 1452 40.67 17.44 42.84
CA ILE D 1452 39.48 16.87 43.49
C ILE D 1452 38.65 17.94 44.22
N VAL D 1453 39.31 18.84 44.95
CA VAL D 1453 38.54 19.89 45.63
C VAL D 1453 37.86 20.80 44.62
N LYS D 1454 38.56 21.11 43.50
CA LYS D 1454 37.93 21.89 42.44
C LYS D 1454 36.75 21.13 41.85
N GLN D 1455 36.89 19.81 41.71
CA GLN D 1455 35.80 18.96 41.24
C GLN D 1455 34.60 19.05 42.18
N TYR D 1456 34.85 19.14 43.47
CA TYR D 1456 33.77 19.26 44.45
C TYR D 1456 33.07 20.62 44.36
N LEU D 1457 33.84 21.70 44.23
CA LEU D 1457 33.24 23.02 44.07
C LEU D 1457 32.44 23.07 42.77
N ASP D 1458 32.98 22.44 41.73
CA ASP D 1458 32.28 22.35 40.45
C ASP D 1458 30.99 21.57 40.61
N PHE D 1459 31.00 20.52 41.44
CA PHE D 1459 29.80 19.74 41.73
C PHE D 1459 28.73 20.60 42.36
N LYS D 1460 29.13 21.45 43.31
CA LYS D 1460 28.18 22.37 43.92
C LYS D 1460 27.60 23.30 42.85
N LEU D 1461 28.47 23.75 41.93
CA LEU D 1461 28.00 24.62 40.85
C LEU D 1461 27.01 23.89 39.94
N LEU D 1462 27.29 22.62 39.63
CA LEU D 1462 26.43 21.80 38.78
C LEU D 1462 25.06 21.63 39.43
N MET D 1463 25.04 21.18 40.69
CA MET D 1463 23.79 21.11 41.43
C MET D 1463 23.10 22.47 41.54
N GLU D 1464 23.83 23.56 41.34
CA GLU D 1464 23.26 24.91 41.37
C GLU D 1464 22.80 25.39 40.00
N HIS D 1465 23.15 24.69 38.92
CA HIS D 1465 22.72 25.06 37.56
C HIS D 1465 21.24 25.37 37.47
N LEU D 1466 20.92 26.51 36.88
CA LEU D 1466 19.55 26.94 36.66
C LEU D 1466 19.45 27.77 35.39
#